data_4OHB
# 
_entry.id   4OHB 
# 
_audit_conform.dict_name       mmcif_pdbx.dic 
_audit_conform.dict_version    5.388 
_audit_conform.dict_location   http://mmcif.pdb.org/dictionaries/ascii/mmcif_pdbx.dic 
# 
loop_
_database_2.database_id 
_database_2.database_code 
_database_2.pdbx_database_accession 
_database_2.pdbx_DOI 
PDB   4OHB         pdb_00004ohb 10.2210/pdb4ohb/pdb 
RCSB  RCSB084492   ?            ?                   
WWPDB D_1000084492 ?            ?                   
# 
loop_
_pdbx_audit_revision_history.ordinal 
_pdbx_audit_revision_history.data_content_type 
_pdbx_audit_revision_history.major_revision 
_pdbx_audit_revision_history.minor_revision 
_pdbx_audit_revision_history.revision_date 
1 'Structure model' 1 0 2014-06-25 
2 'Structure model' 1 1 2016-10-19 
3 'Structure model' 1 2 2017-11-22 
4 'Structure model' 1 3 2024-03-20 
# 
_pdbx_audit_revision_details.ordinal             1 
_pdbx_audit_revision_details.revision_ordinal    1 
_pdbx_audit_revision_details.data_content_type   'Structure model' 
_pdbx_audit_revision_details.provider            repository 
_pdbx_audit_revision_details.type                'Initial release' 
_pdbx_audit_revision_details.description         ? 
_pdbx_audit_revision_details.details             ? 
# 
loop_
_pdbx_audit_revision_group.ordinal 
_pdbx_audit_revision_group.revision_ordinal 
_pdbx_audit_revision_group.data_content_type 
_pdbx_audit_revision_group.group 
1 2 'Structure model' 'Database references'    
2 2 'Structure model' 'Structure summary'      
3 3 'Structure model' 'Refinement description' 
4 4 'Structure model' 'Data collection'        
5 4 'Structure model' 'Database references'    
6 4 'Structure model' 'Derived calculations'   
# 
loop_
_pdbx_audit_revision_category.ordinal 
_pdbx_audit_revision_category.revision_ordinal 
_pdbx_audit_revision_category.data_content_type 
_pdbx_audit_revision_category.category 
1 3 'Structure model' software           
2 4 'Structure model' chem_comp_atom     
3 4 'Structure model' chem_comp_bond     
4 4 'Structure model' database_2         
5 4 'Structure model' struct_ref_seq_dif 
6 4 'Structure model' struct_site        
# 
loop_
_pdbx_audit_revision_item.ordinal 
_pdbx_audit_revision_item.revision_ordinal 
_pdbx_audit_revision_item.data_content_type 
_pdbx_audit_revision_item.item 
1  3 'Structure model' '_software.classification'            
2  3 'Structure model' '_software.contact_author'            
3  3 'Structure model' '_software.contact_author_email'      
4  3 'Structure model' '_software.date'                      
5  3 'Structure model' '_software.language'                  
6  3 'Structure model' '_software.location'                  
7  3 'Structure model' '_software.name'                      
8  3 'Structure model' '_software.type'                      
9  3 'Structure model' '_software.version'                   
10 4 'Structure model' '_database_2.pdbx_DOI'                
11 4 'Structure model' '_database_2.pdbx_database_accession' 
12 4 'Structure model' '_struct_ref_seq_dif.details'         
13 4 'Structure model' '_struct_site.pdbx_auth_asym_id'      
14 4 'Structure model' '_struct_site.pdbx_auth_comp_id'      
15 4 'Structure model' '_struct_site.pdbx_auth_seq_id'       
# 
_pdbx_database_status.entry_id                        4OHB 
_pdbx_database_status.status_code                     REL 
_pdbx_database_status.methods_development_category    ? 
_pdbx_database_status.deposit_site                    RCSB 
_pdbx_database_status.process_site                    PDBJ 
_pdbx_database_status.recvd_initial_deposition_date   2014-01-17 
_pdbx_database_status.status_code_sf                  REL 
_pdbx_database_status.status_code_mr                  ? 
_pdbx_database_status.SG_entry                        ? 
_pdbx_database_status.status_code_cs                  ? 
_pdbx_database_status.pdb_format_compatible           Y 
_pdbx_database_status.status_code_nmr_data            ? 
# 
_pdbx_database_related.db_name        PDB 
_pdbx_database_related.db_id          4OHR 
_pdbx_database_related.details        . 
_pdbx_database_related.content_type   unspecified 
# 
loop_
_audit_author.name 
_audit_author.pdbx_ordinal 
'Zhao, G.'  1 
'Zhang, Y.' 2 
'Liu, G.'   3 
'Wu, G.'    4 
'He, X.'    5 
# 
_citation.id                        primary 
_citation.title                     
;Structure of the N-glycosidase MilB in complex with hydroxymethyl CMP reveals its Arg23 specifically recognizes the substrate and controls its entry
;
_citation.journal_abbrev            'Nucleic Acids Res.' 
_citation.journal_volume            42 
_citation.page_first                8115 
_citation.page_last                 8124 
_citation.year                      2014 
_citation.journal_id_ASTM           NARHAD 
_citation.country                   UK 
_citation.journal_id_ISSN           0305-1048 
_citation.journal_id_CSD            0389 
_citation.book_publisher            ? 
_citation.pdbx_database_id_PubMed   24920828 
_citation.pdbx_database_id_DOI      10.1093/nar/gku486 
# 
loop_
_citation_author.citation_id 
_citation_author.name 
_citation_author.ordinal 
_citation_author.identifier_ORCID 
primary 'Zhao, G.'  1 ? 
primary 'Wu, G.'    2 ? 
primary 'Zhang, Y.' 3 ? 
primary 'Liu, G.'   4 ? 
primary 'Han, T.'   5 ? 
primary 'Deng, Z.'  6 ? 
primary 'He, X.'    7 ? 
# 
loop_
_entity.id 
_entity.type 
_entity.src_method 
_entity.pdbx_description 
_entity.formula_weight 
_entity.pdbx_number_of_molecules 
_entity.pdbx_ec 
_entity.pdbx_mutation 
_entity.pdbx_fragment 
_entity.details 
1 polymer     man 'CMP/hydroxymethyl CMP hydrolase'                     20469.988 1  ? E103A ? ? 
2 non-polymer syn 
;5-(hydroxymethyl)cytidine 5'-(dihydrogen phosphate)
;
353.223   1  ? ?     ? ? 
3 water       nat water                                                 18.015    37 ? ?     ? ? 
# 
_entity_poly.entity_id                      1 
_entity_poly.type                           'polypeptide(L)' 
_entity_poly.nstd_linkage                   no 
_entity_poly.nstd_monomer                   no 
_entity_poly.pdbx_seq_one_letter_code       
;MGSSHHHHHHSSGLVPRGSHMTTTPKPRTAPAVGSVFLGGPFRQLVDPRTGVMSSGDQNVFSRLIEHFESRGTTVYNAHR
REAWGAEFLSPAEATRLDHDEIKAADVFVAFPGVPASPGTHVAIGWASGMGKPMVLLLERDEDYAFLVTGLESQANVEIL
RFSGTEEIVERLDGAVARVLGRAGEPTVIG
;
_entity_poly.pdbx_seq_one_letter_code_can   
;MGSSHHHHHHSSGLVPRGSHMTTTPKPRTAPAVGSVFLGGPFRQLVDPRTGVMSSGDQNVFSRLIEHFESRGTTVYNAHR
REAWGAEFLSPAEATRLDHDEIKAADVFVAFPGVPASPGTHVAIGWASGMGKPMVLLLERDEDYAFLVTGLESQANVEIL
RFSGTEEIVERLDGAVARVLGRAGEPTVIG
;
_entity_poly.pdbx_strand_id                 A 
_entity_poly.pdbx_target_identifier         ? 
# 
loop_
_pdbx_entity_nonpoly.entity_id 
_pdbx_entity_nonpoly.name 
_pdbx_entity_nonpoly.comp_id 
2 
;5-(hydroxymethyl)cytidine 5'-(dihydrogen phosphate)
;
5HM 
3 water                                                 HOH 
# 
loop_
_entity_poly_seq.entity_id 
_entity_poly_seq.num 
_entity_poly_seq.mon_id 
_entity_poly_seq.hetero 
1 1   MET n 
1 2   GLY n 
1 3   SER n 
1 4   SER n 
1 5   HIS n 
1 6   HIS n 
1 7   HIS n 
1 8   HIS n 
1 9   HIS n 
1 10  HIS n 
1 11  SER n 
1 12  SER n 
1 13  GLY n 
1 14  LEU n 
1 15  VAL n 
1 16  PRO n 
1 17  ARG n 
1 18  GLY n 
1 19  SER n 
1 20  HIS n 
1 21  MET n 
1 22  THR n 
1 23  THR n 
1 24  THR n 
1 25  PRO n 
1 26  LYS n 
1 27  PRO n 
1 28  ARG n 
1 29  THR n 
1 30  ALA n 
1 31  PRO n 
1 32  ALA n 
1 33  VAL n 
1 34  GLY n 
1 35  SER n 
1 36  VAL n 
1 37  PHE n 
1 38  LEU n 
1 39  GLY n 
1 40  GLY n 
1 41  PRO n 
1 42  PHE n 
1 43  ARG n 
1 44  GLN n 
1 45  LEU n 
1 46  VAL n 
1 47  ASP n 
1 48  PRO n 
1 49  ARG n 
1 50  THR n 
1 51  GLY n 
1 52  VAL n 
1 53  MET n 
1 54  SER n 
1 55  SER n 
1 56  GLY n 
1 57  ASP n 
1 58  GLN n 
1 59  ASN n 
1 60  VAL n 
1 61  PHE n 
1 62  SER n 
1 63  ARG n 
1 64  LEU n 
1 65  ILE n 
1 66  GLU n 
1 67  HIS n 
1 68  PHE n 
1 69  GLU n 
1 70  SER n 
1 71  ARG n 
1 72  GLY n 
1 73  THR n 
1 74  THR n 
1 75  VAL n 
1 76  TYR n 
1 77  ASN n 
1 78  ALA n 
1 79  HIS n 
1 80  ARG n 
1 81  ARG n 
1 82  GLU n 
1 83  ALA n 
1 84  TRP n 
1 85  GLY n 
1 86  ALA n 
1 87  GLU n 
1 88  PHE n 
1 89  LEU n 
1 90  SER n 
1 91  PRO n 
1 92  ALA n 
1 93  GLU n 
1 94  ALA n 
1 95  THR n 
1 96  ARG n 
1 97  LEU n 
1 98  ASP n 
1 99  HIS n 
1 100 ASP n 
1 101 GLU n 
1 102 ILE n 
1 103 LYS n 
1 104 ALA n 
1 105 ALA n 
1 106 ASP n 
1 107 VAL n 
1 108 PHE n 
1 109 VAL n 
1 110 ALA n 
1 111 PHE n 
1 112 PRO n 
1 113 GLY n 
1 114 VAL n 
1 115 PRO n 
1 116 ALA n 
1 117 SER n 
1 118 PRO n 
1 119 GLY n 
1 120 THR n 
1 121 HIS n 
1 122 VAL n 
1 123 ALA n 
1 124 ILE n 
1 125 GLY n 
1 126 TRP n 
1 127 ALA n 
1 128 SER n 
1 129 GLY n 
1 130 MET n 
1 131 GLY n 
1 132 LYS n 
1 133 PRO n 
1 134 MET n 
1 135 VAL n 
1 136 LEU n 
1 137 LEU n 
1 138 LEU n 
1 139 GLU n 
1 140 ARG n 
1 141 ASP n 
1 142 GLU n 
1 143 ASP n 
1 144 TYR n 
1 145 ALA n 
1 146 PHE n 
1 147 LEU n 
1 148 VAL n 
1 149 THR n 
1 150 GLY n 
1 151 LEU n 
1 152 GLU n 
1 153 SER n 
1 154 GLN n 
1 155 ALA n 
1 156 ASN n 
1 157 VAL n 
1 158 GLU n 
1 159 ILE n 
1 160 LEU n 
1 161 ARG n 
1 162 PHE n 
1 163 SER n 
1 164 GLY n 
1 165 THR n 
1 166 GLU n 
1 167 GLU n 
1 168 ILE n 
1 169 VAL n 
1 170 GLU n 
1 171 ARG n 
1 172 LEU n 
1 173 ASP n 
1 174 GLY n 
1 175 ALA n 
1 176 VAL n 
1 177 ALA n 
1 178 ARG n 
1 179 VAL n 
1 180 LEU n 
1 181 GLY n 
1 182 ARG n 
1 183 ALA n 
1 184 GLY n 
1 185 GLU n 
1 186 PRO n 
1 187 THR n 
1 188 VAL n 
1 189 ILE n 
1 190 GLY n 
# 
_entity_src_gen.entity_id                          1 
_entity_src_gen.pdbx_src_id                        1 
_entity_src_gen.pdbx_alt_source_flag               sample 
_entity_src_gen.pdbx_seq_type                      ? 
_entity_src_gen.pdbx_beg_seq_num                   ? 
_entity_src_gen.pdbx_end_seq_num                   ? 
_entity_src_gen.gene_src_common_name               ? 
_entity_src_gen.gene_src_genus                     ? 
_entity_src_gen.pdbx_gene_src_gene                 MilB 
_entity_src_gen.gene_src_species                   ? 
_entity_src_gen.gene_src_strain                    ? 
_entity_src_gen.gene_src_tissue                    ? 
_entity_src_gen.gene_src_tissue_fraction           ? 
_entity_src_gen.gene_src_details                   ? 
_entity_src_gen.pdbx_gene_src_fragment             ? 
_entity_src_gen.pdbx_gene_src_scientific_name      'Streptomyces rimofaciens' 
_entity_src_gen.pdbx_gene_src_ncbi_taxonomy_id     504097 
_entity_src_gen.pdbx_gene_src_variant              ? 
_entity_src_gen.pdbx_gene_src_cell_line            ? 
_entity_src_gen.pdbx_gene_src_atcc                 ? 
_entity_src_gen.pdbx_gene_src_organ                ? 
_entity_src_gen.pdbx_gene_src_organelle            ? 
_entity_src_gen.pdbx_gene_src_cell                 ? 
_entity_src_gen.pdbx_gene_src_cellular_location    ? 
_entity_src_gen.host_org_common_name               ? 
_entity_src_gen.pdbx_host_org_scientific_name      'Escherichia coli' 
_entity_src_gen.pdbx_host_org_ncbi_taxonomy_id     562 
_entity_src_gen.host_org_genus                     ? 
_entity_src_gen.pdbx_host_org_gene                 ? 
_entity_src_gen.pdbx_host_org_organ                ? 
_entity_src_gen.host_org_species                   ? 
_entity_src_gen.pdbx_host_org_tissue               ? 
_entity_src_gen.pdbx_host_org_tissue_fraction      ? 
_entity_src_gen.pdbx_host_org_strain               'BL21(DE3)' 
_entity_src_gen.pdbx_host_org_variant              ? 
_entity_src_gen.pdbx_host_org_cell_line            ? 
_entity_src_gen.pdbx_host_org_atcc                 ? 
_entity_src_gen.pdbx_host_org_culture_collection   ? 
_entity_src_gen.pdbx_host_org_cell                 ? 
_entity_src_gen.pdbx_host_org_organelle            ? 
_entity_src_gen.pdbx_host_org_cellular_location    ? 
_entity_src_gen.pdbx_host_org_vector_type          plasmid 
_entity_src_gen.pdbx_host_org_vector               ? 
_entity_src_gen.host_org_details                   ? 
_entity_src_gen.expression_system_id               ? 
_entity_src_gen.plasmid_name                       pET28a 
_entity_src_gen.plasmid_details                    ? 
_entity_src_gen.pdbx_description                   ? 
# 
loop_
_chem_comp.id 
_chem_comp.type 
_chem_comp.mon_nstd_flag 
_chem_comp.name 
_chem_comp.pdbx_synonyms 
_chem_comp.formula 
_chem_comp.formula_weight 
5HM 'RNA linking'       n 
;5-(hydroxymethyl)cytidine 5'-(dihydrogen phosphate)
;
;5-hydroxymethylcytidine 5'-monophosphate
;
'C10 H16 N3 O9 P' 353.223 
ALA 'L-peptide linking' y ALANINE                                               ?                                          
'C3 H7 N O2'      89.093  
ARG 'L-peptide linking' y ARGININE                                              ?                                          
'C6 H15 N4 O2 1'  175.209 
ASN 'L-peptide linking' y ASPARAGINE                                            ?                                          
'C4 H8 N2 O3'     132.118 
ASP 'L-peptide linking' y 'ASPARTIC ACID'                                       ?                                          
'C4 H7 N O4'      133.103 
GLN 'L-peptide linking' y GLUTAMINE                                             ?                                          
'C5 H10 N2 O3'    146.144 
GLU 'L-peptide linking' y 'GLUTAMIC ACID'                                       ?                                          
'C5 H9 N O4'      147.129 
GLY 'peptide linking'   y GLYCINE                                               ?                                          
'C2 H5 N O2'      75.067  
HIS 'L-peptide linking' y HISTIDINE                                             ?                                          
'C6 H10 N3 O2 1'  156.162 
HOH non-polymer         . WATER                                                 ?                                          'H2 O' 
18.015  
ILE 'L-peptide linking' y ISOLEUCINE                                            ?                                          
'C6 H13 N O2'     131.173 
LEU 'L-peptide linking' y LEUCINE                                               ?                                          
'C6 H13 N O2'     131.173 
LYS 'L-peptide linking' y LYSINE                                                ?                                          
'C6 H15 N2 O2 1'  147.195 
MET 'L-peptide linking' y METHIONINE                                            ?                                          
'C5 H11 N O2 S'   149.211 
PHE 'L-peptide linking' y PHENYLALANINE                                         ?                                          
'C9 H11 N O2'     165.189 
PRO 'L-peptide linking' y PROLINE                                               ?                                          
'C5 H9 N O2'      115.130 
SER 'L-peptide linking' y SERINE                                                ?                                          
'C3 H7 N O3'      105.093 
THR 'L-peptide linking' y THREONINE                                             ?                                          
'C4 H9 N O3'      119.119 
TRP 'L-peptide linking' y TRYPTOPHAN                                            ?                                          
'C11 H12 N2 O2'   204.225 
TYR 'L-peptide linking' y TYROSINE                                              ?                                          
'C9 H11 N O3'     181.189 
VAL 'L-peptide linking' y VALINE                                                ?                                          
'C5 H11 N O2'     117.146 
# 
loop_
_pdbx_poly_seq_scheme.asym_id 
_pdbx_poly_seq_scheme.entity_id 
_pdbx_poly_seq_scheme.seq_id 
_pdbx_poly_seq_scheme.mon_id 
_pdbx_poly_seq_scheme.ndb_seq_num 
_pdbx_poly_seq_scheme.pdb_seq_num 
_pdbx_poly_seq_scheme.auth_seq_num 
_pdbx_poly_seq_scheme.pdb_mon_id 
_pdbx_poly_seq_scheme.auth_mon_id 
_pdbx_poly_seq_scheme.pdb_strand_id 
_pdbx_poly_seq_scheme.pdb_ins_code 
_pdbx_poly_seq_scheme.hetero 
A 1 1   MET 1   -19 ?   ?   ?   A . n 
A 1 2   GLY 2   -18 ?   ?   ?   A . n 
A 1 3   SER 3   -17 ?   ?   ?   A . n 
A 1 4   SER 4   -16 ?   ?   ?   A . n 
A 1 5   HIS 5   -15 ?   ?   ?   A . n 
A 1 6   HIS 6   -14 ?   ?   ?   A . n 
A 1 7   HIS 7   -13 ?   ?   ?   A . n 
A 1 8   HIS 8   -12 ?   ?   ?   A . n 
A 1 9   HIS 9   -11 ?   ?   ?   A . n 
A 1 10  HIS 10  -10 ?   ?   ?   A . n 
A 1 11  SER 11  -9  ?   ?   ?   A . n 
A 1 12  SER 12  -8  ?   ?   ?   A . n 
A 1 13  GLY 13  -7  ?   ?   ?   A . n 
A 1 14  LEU 14  -6  ?   ?   ?   A . n 
A 1 15  VAL 15  -5  ?   ?   ?   A . n 
A 1 16  PRO 16  -4  ?   ?   ?   A . n 
A 1 17  ARG 17  -3  ?   ?   ?   A . n 
A 1 18  GLY 18  -2  ?   ?   ?   A . n 
A 1 19  SER 19  -1  ?   ?   ?   A . n 
A 1 20  HIS 20  0   ?   ?   ?   A . n 
A 1 21  MET 21  1   ?   ?   ?   A . n 
A 1 22  THR 22  2   ?   ?   ?   A . n 
A 1 23  THR 23  3   ?   ?   ?   A . n 
A 1 24  THR 24  4   ?   ?   ?   A . n 
A 1 25  PRO 25  5   ?   ?   ?   A . n 
A 1 26  LYS 26  6   ?   ?   ?   A . n 
A 1 27  PRO 27  7   ?   ?   ?   A . n 
A 1 28  ARG 28  8   ?   ?   ?   A . n 
A 1 29  THR 29  9   ?   ?   ?   A . n 
A 1 30  ALA 30  10  ?   ?   ?   A . n 
A 1 31  PRO 31  11  ?   ?   ?   A . n 
A 1 32  ALA 32  12  12  ALA ALA A . n 
A 1 33  VAL 33  13  13  VAL VAL A . n 
A 1 34  GLY 34  14  14  GLY GLY A . n 
A 1 35  SER 35  15  15  SER SER A . n 
A 1 36  VAL 36  16  16  VAL VAL A . n 
A 1 37  PHE 37  17  17  PHE PHE A . n 
A 1 38  LEU 38  18  18  LEU LEU A . n 
A 1 39  GLY 39  19  19  GLY GLY A . n 
A 1 40  GLY 40  20  20  GLY GLY A . n 
A 1 41  PRO 41  21  21  PRO PRO A . n 
A 1 42  PHE 42  22  22  PHE PHE A . n 
A 1 43  ARG 43  23  23  ARG ARG A . n 
A 1 44  GLN 44  24  24  GLN GLN A . n 
A 1 45  LEU 45  25  25  LEU LEU A . n 
A 1 46  VAL 46  26  26  VAL VAL A . n 
A 1 47  ASP 47  27  27  ASP ASP A . n 
A 1 48  PRO 48  28  28  PRO PRO A . n 
A 1 49  ARG 49  29  29  ARG ARG A . n 
A 1 50  THR 50  30  30  THR THR A . n 
A 1 51  GLY 51  31  31  GLY GLY A . n 
A 1 52  VAL 52  32  32  VAL VAL A . n 
A 1 53  MET 53  33  33  MET MET A . n 
A 1 54  SER 54  34  34  SER SER A . n 
A 1 55  SER 55  35  35  SER SER A . n 
A 1 56  GLY 56  36  36  GLY GLY A . n 
A 1 57  ASP 57  37  37  ASP ASP A . n 
A 1 58  GLN 58  38  38  GLN GLN A . n 
A 1 59  ASN 59  39  39  ASN ASN A . n 
A 1 60  VAL 60  40  40  VAL VAL A . n 
A 1 61  PHE 61  41  41  PHE PHE A . n 
A 1 62  SER 62  42  42  SER SER A . n 
A 1 63  ARG 63  43  43  ARG ARG A . n 
A 1 64  LEU 64  44  44  LEU LEU A . n 
A 1 65  ILE 65  45  45  ILE ILE A . n 
A 1 66  GLU 66  46  46  GLU GLU A . n 
A 1 67  HIS 67  47  47  HIS HIS A . n 
A 1 68  PHE 68  48  48  PHE PHE A . n 
A 1 69  GLU 69  49  49  GLU GLU A . n 
A 1 70  SER 70  50  50  SER SER A . n 
A 1 71  ARG 71  51  51  ARG ARG A . n 
A 1 72  GLY 72  52  52  GLY GLY A . n 
A 1 73  THR 73  53  53  THR THR A . n 
A 1 74  THR 74  54  54  THR THR A . n 
A 1 75  VAL 75  55  55  VAL VAL A . n 
A 1 76  TYR 76  56  56  TYR TYR A . n 
A 1 77  ASN 77  57  57  ASN ASN A . n 
A 1 78  ALA 78  58  58  ALA ALA A . n 
A 1 79  HIS 79  59  59  HIS HIS A . n 
A 1 80  ARG 80  60  60  ARG ARG A . n 
A 1 81  ARG 81  61  61  ARG ARG A . n 
A 1 82  GLU 82  62  62  GLU GLU A . n 
A 1 83  ALA 83  63  63  ALA ALA A . n 
A 1 84  TRP 84  64  64  TRP TRP A . n 
A 1 85  GLY 85  65  65  GLY GLY A . n 
A 1 86  ALA 86  66  66  ALA ALA A . n 
A 1 87  GLU 87  67  67  GLU GLU A . n 
A 1 88  PHE 88  68  68  PHE PHE A . n 
A 1 89  LEU 89  69  69  LEU LEU A . n 
A 1 90  SER 90  70  70  SER SER A . n 
A 1 91  PRO 91  71  71  PRO PRO A . n 
A 1 92  ALA 92  72  72  ALA ALA A . n 
A 1 93  GLU 93  73  73  GLU GLU A . n 
A 1 94  ALA 94  74  74  ALA ALA A . n 
A 1 95  THR 95  75  75  THR THR A . n 
A 1 96  ARG 96  76  76  ARG ARG A . n 
A 1 97  LEU 97  77  77  LEU LEU A . n 
A 1 98  ASP 98  78  78  ASP ASP A . n 
A 1 99  HIS 99  79  79  HIS HIS A . n 
A 1 100 ASP 100 80  80  ASP ASP A . n 
A 1 101 GLU 101 81  81  GLU GLU A . n 
A 1 102 ILE 102 82  82  ILE ILE A . n 
A 1 103 LYS 103 83  83  LYS LYS A . n 
A 1 104 ALA 104 84  84  ALA ALA A . n 
A 1 105 ALA 105 85  85  ALA ALA A . n 
A 1 106 ASP 106 86  86  ASP ASP A . n 
A 1 107 VAL 107 87  87  VAL VAL A . n 
A 1 108 PHE 108 88  88  PHE PHE A . n 
A 1 109 VAL 109 89  89  VAL VAL A . n 
A 1 110 ALA 110 90  90  ALA ALA A . n 
A 1 111 PHE 111 91  91  PHE PHE A . n 
A 1 112 PRO 112 92  92  PRO PRO A . n 
A 1 113 GLY 113 93  93  GLY GLY A . n 
A 1 114 VAL 114 94  94  VAL VAL A . n 
A 1 115 PRO 115 95  95  PRO PRO A . n 
A 1 116 ALA 116 96  96  ALA ALA A . n 
A 1 117 SER 117 97  97  SER SER A . n 
A 1 118 PRO 118 98  98  PRO PRO A . n 
A 1 119 GLY 119 99  99  GLY GLY A . n 
A 1 120 THR 120 100 100 THR THR A . n 
A 1 121 HIS 121 101 101 HIS HIS A . n 
A 1 122 VAL 122 102 102 VAL VAL A . n 
A 1 123 ALA 123 103 103 ALA ALA A . n 
A 1 124 ILE 124 104 104 ILE ILE A . n 
A 1 125 GLY 125 105 105 GLY GLY A . n 
A 1 126 TRP 126 106 106 TRP TRP A . n 
A 1 127 ALA 127 107 107 ALA ALA A . n 
A 1 128 SER 128 108 108 SER SER A . n 
A 1 129 GLY 129 109 109 GLY GLY A . n 
A 1 130 MET 130 110 110 MET MET A . n 
A 1 131 GLY 131 111 111 GLY GLY A . n 
A 1 132 LYS 132 112 112 LYS LYS A . n 
A 1 133 PRO 133 113 113 PRO PRO A . n 
A 1 134 MET 134 114 114 MET MET A . n 
A 1 135 VAL 135 115 115 VAL VAL A . n 
A 1 136 LEU 136 116 116 LEU LEU A . n 
A 1 137 LEU 137 117 117 LEU LEU A . n 
A 1 138 LEU 138 118 118 LEU LEU A . n 
A 1 139 GLU 139 119 119 GLU GLU A . n 
A 1 140 ARG 140 120 120 ARG ARG A . n 
A 1 141 ASP 141 121 121 ASP ASP A . n 
A 1 142 GLU 142 122 122 GLU GLU A . n 
A 1 143 ASP 143 123 123 ASP ASP A . n 
A 1 144 TYR 144 124 124 TYR TYR A . n 
A 1 145 ALA 145 125 125 ALA ALA A . n 
A 1 146 PHE 146 126 126 PHE PHE A . n 
A 1 147 LEU 147 127 127 LEU LEU A . n 
A 1 148 VAL 148 128 128 VAL VAL A . n 
A 1 149 THR 149 129 129 THR THR A . n 
A 1 150 GLY 150 130 130 GLY GLY A . n 
A 1 151 LEU 151 131 131 LEU LEU A . n 
A 1 152 GLU 152 132 132 GLU GLU A . n 
A 1 153 SER 153 133 133 SER SER A . n 
A 1 154 GLN 154 134 134 GLN GLN A . n 
A 1 155 ALA 155 135 135 ALA ALA A . n 
A 1 156 ASN 156 136 136 ASN ASN A . n 
A 1 157 VAL 157 137 137 VAL VAL A . n 
A 1 158 GLU 158 138 138 GLU GLU A . n 
A 1 159 ILE 159 139 139 ILE ILE A . n 
A 1 160 LEU 160 140 140 LEU LEU A . n 
A 1 161 ARG 161 141 141 ARG ARG A . n 
A 1 162 PHE 162 142 142 PHE PHE A . n 
A 1 163 SER 163 143 143 SER SER A . n 
A 1 164 GLY 164 144 144 GLY GLY A . n 
A 1 165 THR 165 145 145 THR THR A . n 
A 1 166 GLU 166 146 146 GLU GLU A . n 
A 1 167 GLU 167 147 147 GLU GLU A . n 
A 1 168 ILE 168 148 148 ILE ILE A . n 
A 1 169 VAL 169 149 149 VAL VAL A . n 
A 1 170 GLU 170 150 150 GLU GLU A . n 
A 1 171 ARG 171 151 151 ARG ARG A . n 
A 1 172 LEU 172 152 152 LEU LEU A . n 
A 1 173 ASP 173 153 153 ASP ASP A . n 
A 1 174 GLY 174 154 154 GLY GLY A . n 
A 1 175 ALA 175 155 155 ALA ALA A . n 
A 1 176 VAL 176 156 156 VAL VAL A . n 
A 1 177 ALA 177 157 157 ALA ALA A . n 
A 1 178 ARG 178 158 158 ARG ARG A . n 
A 1 179 VAL 179 159 159 VAL VAL A . n 
A 1 180 LEU 180 160 160 LEU LEU A . n 
A 1 181 GLY 181 161 161 GLY GLY A . n 
A 1 182 ARG 182 162 162 ARG ARG A . n 
A 1 183 ALA 183 163 163 ALA ALA A . n 
A 1 184 GLY 184 164 164 GLY GLY A . n 
A 1 185 GLU 185 165 165 GLU GLU A . n 
A 1 186 PRO 186 166 166 PRO PRO A . n 
A 1 187 THR 187 167 167 THR THR A . n 
A 1 188 VAL 188 168 168 VAL VAL A . n 
A 1 189 ILE 189 169 169 ILE ILE A . n 
A 1 190 GLY 190 170 170 GLY GLY A . n 
# 
loop_
_pdbx_nonpoly_scheme.asym_id 
_pdbx_nonpoly_scheme.entity_id 
_pdbx_nonpoly_scheme.mon_id 
_pdbx_nonpoly_scheme.ndb_seq_num 
_pdbx_nonpoly_scheme.pdb_seq_num 
_pdbx_nonpoly_scheme.auth_seq_num 
_pdbx_nonpoly_scheme.pdb_mon_id 
_pdbx_nonpoly_scheme.auth_mon_id 
_pdbx_nonpoly_scheme.pdb_strand_id 
_pdbx_nonpoly_scheme.pdb_ins_code 
B 2 5HM 1  201 1  5HM 5HM A . 
C 3 HOH 1  301 1  HOH HOH A . 
C 3 HOH 2  302 2  HOH HOH A . 
C 3 HOH 3  303 3  HOH HOH A . 
C 3 HOH 4  304 4  HOH HOH A . 
C 3 HOH 5  305 5  HOH HOH A . 
C 3 HOH 6  306 8  HOH HOH A . 
C 3 HOH 7  307 9  HOH HOH A . 
C 3 HOH 8  308 10 HOH HOH A . 
C 3 HOH 9  309 11 HOH HOH A . 
C 3 HOH 10 310 12 HOH HOH A . 
C 3 HOH 11 311 13 HOH HOH A . 
C 3 HOH 12 312 14 HOH HOH A . 
C 3 HOH 13 313 15 HOH HOH A . 
C 3 HOH 14 314 16 HOH HOH A . 
C 3 HOH 15 315 17 HOH HOH A . 
C 3 HOH 16 316 19 HOH HOH A . 
C 3 HOH 17 317 20 HOH HOH A . 
C 3 HOH 18 318 21 HOH HOH A . 
C 3 HOH 19 319 22 HOH HOH A . 
C 3 HOH 20 320 24 HOH HOH A . 
C 3 HOH 21 321 26 HOH HOH A . 
C 3 HOH 22 322 27 HOH HOH A . 
C 3 HOH 23 323 28 HOH HOH A . 
C 3 HOH 24 324 31 HOH HOH A . 
C 3 HOH 25 325 32 HOH HOH A . 
C 3 HOH 26 326 33 HOH HOH A . 
C 3 HOH 27 327 34 HOH HOH A . 
C 3 HOH 28 328 37 HOH HOH A . 
C 3 HOH 29 329 39 HOH HOH A . 
C 3 HOH 30 330 40 HOH HOH A . 
C 3 HOH 31 331 41 HOH HOH A . 
C 3 HOH 32 332 42 HOH HOH A . 
C 3 HOH 33 333 43 HOH HOH A . 
C 3 HOH 34 334 44 HOH HOH A . 
C 3 HOH 35 335 45 HOH HOH A . 
C 3 HOH 36 336 46 HOH HOH A . 
C 3 HOH 37 337 48 HOH HOH A . 
# 
loop_
_software.pdbx_ordinal 
_software.name 
_software.version 
_software.date 
_software.type 
_software.contact_author 
_software.contact_author_email 
_software.classification 
_software.location 
_software.language 
_software.citation_id 
1 DENZO       .        ?               package 'Zbyszek Otwinowski' hkl@hkl-xray.com         'data reduction'  
http://www.hkl-xray.com/                     ?          ? 
2 SCALEPACK   .        ?               package 'Zbyszek Otwinowski' hkl@hkl-xray.com         'data scaling'    
http://www.hkl-xray.com/                     ?          ? 
3 REFMAC      5.7.0032 ?               program 'Garib N. Murshudov' garib@ysbl.york.ac.uk    refinement        
http://www.ccp4.ac.uk/dist/html/refmac5.html Fortran_77 ? 
4 PDB_EXTRACT 3.14     'Dec. 10, 2013' package PDB                  deposit@deposit.rcsb.org 'data extraction' 
http://sw-tools.pdb.org/apps/PDB_EXTRACT/    C++        ? 
# 
_cell.length_a           45.426 
_cell.length_b           101.808 
_cell.length_c           81.744 
_cell.angle_alpha        90.000 
_cell.angle_beta         90.000 
_cell.angle_gamma        90.000 
_cell.entry_id           4OHB 
_cell.pdbx_unique_axis   ? 
_cell.Z_PDB              8 
_cell.length_a_esd       ? 
_cell.length_b_esd       ? 
_cell.length_c_esd       ? 
_cell.angle_alpha_esd    ? 
_cell.angle_beta_esd     ? 
_cell.angle_gamma_esd    ? 
# 
_symmetry.space_group_name_H-M             'C 2 2 21' 
_symmetry.entry_id                         4OHB 
_symmetry.Int_Tables_number                20 
_symmetry.pdbx_full_space_group_name_H-M   ? 
_symmetry.cell_setting                     ? 
_symmetry.space_group_name_Hall            ? 
# 
_exptl.crystals_number   1 
_exptl.entry_id          4OHB 
_exptl.method            'X-RAY DIFFRACTION' 
# 
_exptl_crystal.id                    1 
_exptl_crystal.pdbx_mosaicity        0.827 
_exptl_crystal.pdbx_mosaicity_esd    ? 
_exptl_crystal.density_Matthews      2.31 
_exptl_crystal.density_diffrn        ? 
_exptl_crystal.density_meas          ? 
_exptl_crystal.density_meas_temp     ? 
_exptl_crystal.density_percent_sol   46.72 
_exptl_crystal.size_max              ? 
_exptl_crystal.size_mid              ? 
_exptl_crystal.size_min              ? 
_exptl_crystal.size_rad              ? 
_exptl_crystal.description           ? 
_exptl_crystal.F_000                 ? 
_exptl_crystal.preparation           ? 
# 
_exptl_crystal_grow.crystal_id      1 
_exptl_crystal_grow.method          'VAPOR DIFFUSION, HANGING DROP' 
_exptl_crystal_grow.pH              8.5 
_exptl_crystal_grow.temp            298 
_exptl_crystal_grow.temp_details    ? 
_exptl_crystal_grow.pdbx_details    
;16% PEG 4000, 0.08M Magnesium chloride hexahydrate, 0.1M Tris hydrochloride, pH 8.5, VAPOR DIFFUSION, HANGING DROP, temperature 298K
;
_exptl_crystal_grow.pdbx_pH_range   . 
# 
_diffrn.id                     1 
_diffrn.ambient_temp           100 
_diffrn.ambient_temp_details   ? 
_diffrn.crystal_id             1 
# 
_diffrn_detector.diffrn_id              1 
_diffrn_detector.detector               CCD 
_diffrn_detector.type                   ? 
_diffrn_detector.pdbx_collection_date   ? 
_diffrn_detector.details                ? 
# 
_diffrn_radiation.diffrn_id                        1 
_diffrn_radiation.wavelength_id                    1 
_diffrn_radiation.pdbx_diffrn_protocol             'SINGLE WAVELENGTH' 
_diffrn_radiation.monochromator                    ? 
_diffrn_radiation.pdbx_monochromatic_or_laue_m_l   M 
_diffrn_radiation.pdbx_scattering_type             x-ray 
# 
_diffrn_radiation_wavelength.id           1 
_diffrn_radiation_wavelength.wavelength   1.00 
_diffrn_radiation_wavelength.wt           1.0 
# 
_diffrn_source.diffrn_id                   1 
_diffrn_source.source                      SYNCHROTRON 
_diffrn_source.type                        'SSRF BEAMLINE BL17U' 
_diffrn_source.pdbx_wavelength             ? 
_diffrn_source.pdbx_wavelength_list        1.00 
_diffrn_source.pdbx_synchrotron_site       SSRF 
_diffrn_source.pdbx_synchrotron_beamline   BL17U 
# 
_reflns.entry_id                     4OHB 
_reflns.d_resolution_high            2.400 
_reflns.d_resolution_low             50.000 
_reflns.number_obs                   7108 
_reflns.pdbx_Rmerge_I_obs            0.125 
_reflns.pdbx_netI_over_sigmaI        9.100 
_reflns.pdbx_chi_squared             1.000 
_reflns.pdbx_redundancy              4.400 
_reflns.percent_possible_obs         92.100 
_reflns.observed_criterion_sigma_F   ? 
_reflns.observed_criterion_sigma_I   ? 
_reflns.number_all                   ? 
_reflns.pdbx_Rsym_value              ? 
_reflns.B_iso_Wilson_estimate        ? 
_reflns.R_free_details               ? 
_reflns.limit_h_max                  ? 
_reflns.limit_h_min                  ? 
_reflns.limit_k_max                  ? 
_reflns.limit_k_min                  ? 
_reflns.limit_l_max                  ? 
_reflns.limit_l_min                  ? 
_reflns.observed_criterion_F_max     ? 
_reflns.observed_criterion_F_min     ? 
_reflns.pdbx_scaling_rejects         ? 
_reflns.pdbx_ordinal                 1 
_reflns.pdbx_diffrn_id               1 
# 
loop_
_reflns_shell.d_res_high 
_reflns_shell.d_res_low 
_reflns_shell.number_measured_obs 
_reflns_shell.number_measured_all 
_reflns_shell.number_unique_obs 
_reflns_shell.pdbx_rejects 
_reflns_shell.Rmerge_I_obs 
_reflns_shell.meanI_over_sigI_obs 
_reflns_shell.pdbx_Rsym_value 
_reflns_shell.pdbx_chi_squared 
_reflns_shell.pdbx_redundancy 
_reflns_shell.percent_possible_obs 
_reflns_shell.pdbx_netI_over_sigmaI_obs 
_reflns_shell.number_possible 
_reflns_shell.number_unique_all 
_reflns_shell.Rmerge_F_all 
_reflns_shell.Rmerge_F_obs 
_reflns_shell.Rmerge_I_all 
_reflns_shell.meanI_over_sigI_all 
_reflns_shell.percent_possible_all 
_reflns_shell.pdbx_Rrim_I_all 
_reflns_shell.pdbx_Rpim_I_all 
_reflns_shell.pdbx_ordinal 
_reflns_shell.pdbx_diffrn_id 
2.400 2.490  ? ? ? 0 0.460 ? ? 1.006 4.200 ? ? ? 735 ? ? ? ? 98.700 ? ? 1  1 
2.490 2.590  ? ? ? 0 0.374 ? ? 1.004 4.500 ? ? ? 736 ? ? ? ? 97.900 ? ? 2  1 
2.590 2.700  ? ? ? 0 0.441 ? ? 0.994 3.700 ? ? ? 704 ? ? ? ? 92.800 ? ? 3  1 
2.700 2.850  ? ? ? 0 0.251 ? ? 0.993 4.600 ? ? ? 752 ? ? ? ? 97.900 ? ? 4  1 
2.850 3.020  ? ? ? 0 0.182 ? ? 1.005 4.700 ? ? ? 751 ? ? ? ? 98.300 ? ? 5  1 
3.020 3.260  ? ? ? 0 0.144 ? ? 1.003 4.700 ? ? ? 745 ? ? ? ? 97.800 ? ? 6  1 
3.260 3.580  ? ? ? 0 0.123 ? ? 0.997 4.200 ? ? ? 634 ? ? ? ? 83.900 ? ? 7  1 
3.580 4.100  ? ? ? 0 0.116 ? ? 0.999 3.900 ? ? ? 494 ? ? ? ? 63.200 ? ? 8  1 
4.100 5.170  ? ? ? 0 0.091 ? ? 0.997 4.700 ? ? ? 764 ? ? ? ? 96.600 ? ? 9  1 
5.170 50.000 ? ? ? 0 0.069 ? ? 0.998 4.400 ? ? ? 793 ? ? ? ? 94.400 ? ? 10 1 
# 
_refine.entry_id                                 4OHB 
_refine.ls_d_res_high                            2.4000 
_refine.ls_d_res_low                             43.2500 
_refine.pdbx_ls_sigma_F                          0.000 
_refine.pdbx_data_cutoff_high_absF               ? 
_refine.pdbx_data_cutoff_low_absF                ? 
_refine.ls_percent_reflns_obs                    91.6200 
_refine.ls_number_reflns_obs                     7060 
_refine.ls_number_reflns_all                     ? 
_refine.pdbx_ls_cross_valid_method               THROUGHOUT 
_refine.pdbx_R_Free_selection_details            RANDOM 
_refine.details                                  'HYDROGENS HAVE BEEN ADDED IN THE RIDING POSITIONS U VALUES: REFINED INDIVIDUALLY' 
_refine.ls_R_factor_all                          ? 
_refine.ls_R_factor_obs                          0.1954 
_refine.ls_R_factor_R_work                       0.1924 
_refine.ls_wR_factor_R_work                      ? 
_refine.ls_R_factor_R_free                       0.2570 
_refine.ls_wR_factor_R_free                      ? 
_refine.ls_percent_reflns_R_free                 4.7000 
_refine.ls_number_reflns_R_free                  330 
_refine.ls_R_factor_R_free_error                 ? 
_refine.B_iso_mean                               41.1590 
_refine.solvent_model_param_bsol                 ? 
_refine.solvent_model_param_ksol                 ? 
_refine.pdbx_isotropic_thermal_model             ? 
_refine.aniso_B[1][1]                            3.2000 
_refine.aniso_B[2][2]                            -2.0400 
_refine.aniso_B[3][3]                            -1.1600 
_refine.aniso_B[1][2]                            0.0000 
_refine.aniso_B[1][3]                            0.0000 
_refine.aniso_B[2][3]                            -0.0000 
_refine.correlation_coeff_Fo_to_Fc               0.9540 
_refine.correlation_coeff_Fo_to_Fc_free          0.9250 
_refine.overall_SU_R_Cruickshank_DPI             ? 
_refine.overall_SU_R_free                        ? 
_refine.pdbx_overall_ESU_R                       0.4300 
_refine.pdbx_overall_ESU_R_Free                  0.2810 
_refine.overall_SU_ML                            0.2100 
_refine.overall_SU_B                             9.3510 
_refine.solvent_model_details                    MASK 
_refine.pdbx_solvent_vdw_probe_radii             1.2000 
_refine.pdbx_solvent_ion_probe_radii             0.8000 
_refine.pdbx_solvent_shrinkage_radii             0.8000 
_refine.ls_number_parameters                     ? 
_refine.ls_number_restraints                     ? 
_refine.pdbx_starting_model                      ? 
_refine.pdbx_method_to_determine_struct          SAD 
_refine.pdbx_stereochemistry_target_values       'MAXIMUM LIKELIHOOD' 
_refine.pdbx_stereochem_target_val_spec_case     ? 
_refine.overall_FOM_work_R_set                   ? 
_refine.B_iso_max                                111.870 
_refine.B_iso_min                                21.330 
_refine.pdbx_overall_phase_error                 ? 
_refine.occupancy_max                            ? 
_refine.occupancy_min                            ? 
_refine.pdbx_ls_sigma_I                          ? 
_refine.ls_redundancy_reflns_obs                 ? 
_refine.ls_R_factor_R_free_error_details         ? 
_refine.pdbx_data_cutoff_high_rms_absF           ? 
_refine.overall_FOM_free_R_set                   ? 
_refine.pdbx_diffrn_id                           1 
_refine.pdbx_refine_id                           'X-RAY DIFFRACTION' 
_refine.pdbx_TLS_residual_ADP_flag               ? 
_refine.pdbx_overall_SU_R_free_Cruickshank_DPI   ? 
_refine.pdbx_overall_SU_R_Blow_DPI               ? 
_refine.pdbx_overall_SU_R_free_Blow_DPI          ? 
# 
_refine_hist.pdbx_refine_id                   'X-RAY DIFFRACTION' 
_refine_hist.cycle_id                         LAST 
_refine_hist.pdbx_number_atoms_protein        1206 
_refine_hist.pdbx_number_atoms_nucleic_acid   0 
_refine_hist.pdbx_number_atoms_ligand         23 
_refine_hist.number_atoms_solvent             37 
_refine_hist.number_atoms_total               1266 
_refine_hist.d_res_high                       2.4000 
_refine_hist.d_res_low                        43.2500 
# 
loop_
_refine_ls_restr.type 
_refine_ls_restr.number 
_refine_ls_restr.dev_ideal 
_refine_ls_restr.dev_ideal_target 
_refine_ls_restr.weight 
_refine_ls_restr.pdbx_restraint_function 
_refine_ls_restr.pdbx_refine_id 
r_bond_refined_d       1268 0.015  0.019  ? ? 'X-RAY DIFFRACTION' 
r_bond_other_d         1187 0.001  0.020  ? ? 'X-RAY DIFFRACTION' 
r_angle_refined_deg    1725 1.761  1.973  ? ? 'X-RAY DIFFRACTION' 
r_angle_other_deg      2720 0.854  3.000  ? ? 'X-RAY DIFFRACTION' 
r_dihedral_angle_1_deg 160  6.361  5.000  ? ? 'X-RAY DIFFRACTION' 
r_dihedral_angle_2_deg 58   32.546 22.586 ? ? 'X-RAY DIFFRACTION' 
r_dihedral_angle_3_deg 191  17.194 15.000 ? ? 'X-RAY DIFFRACTION' 
r_dihedral_angle_4_deg 13   17.094 15.000 ? ? 'X-RAY DIFFRACTION' 
r_chiral_restr         190  0.089  0.200  ? ? 'X-RAY DIFFRACTION' 
r_gen_planes_refined   1452 0.008  0.021  ? ? 'X-RAY DIFFRACTION' 
r_gen_planes_other     302  0.001  0.020  ? ? 'X-RAY DIFFRACTION' 
r_mcbond_it            640  3.274  3.901  ? ? 'X-RAY DIFFRACTION' 
r_mcbond_other         639  3.274  3.896  ? ? 'X-RAY DIFFRACTION' 
r_mcangle_it           800  5.046  5.832  ? ? 'X-RAY DIFFRACTION' 
# 
_refine_ls_shell.d_res_high                       2.4020 
_refine_ls_shell.d_res_low                        2.4640 
_refine_ls_shell.pdbx_total_number_of_bins_used   20 
_refine_ls_shell.percent_reflns_obs               95.4000 
_refine_ls_shell.number_reflns_R_work             503 
_refine_ls_shell.R_factor_all                     ? 
_refine_ls_shell.R_factor_R_work                  0.2610 
_refine_ls_shell.R_factor_R_free                  0.4480 
_refine_ls_shell.percent_reflns_R_free            ? 
_refine_ls_shell.number_reflns_R_free             16 
_refine_ls_shell.R_factor_R_free_error            ? 
_refine_ls_shell.number_reflns_all                519 
_refine_ls_shell.number_reflns_obs                ? 
_refine_ls_shell.pdbx_refine_id                   'X-RAY DIFFRACTION' 
_refine_ls_shell.redundancy_reflns_obs            ? 
# 
_struct.entry_id                  4OHB 
_struct.title                     
;Crystal structure of MilB E103A in complex with 5-hydroxymethylcytidine 5'-monophosphate (hmCMP) from Streptomyces rimofaciens
;
_struct.pdbx_model_details        ? 
_struct.pdbx_CASP_flag            ? 
_struct.pdbx_model_type_details   ? 
# 
_struct_keywords.entry_id        4OHB 
_struct_keywords.pdbx_keywords   HYDROLASE 
_struct_keywords.text            'hydrolase, protein-hmCMP complex' 
# 
loop_
_struct_asym.id 
_struct_asym.pdbx_blank_PDB_chainid_flag 
_struct_asym.pdbx_modified 
_struct_asym.entity_id 
_struct_asym.details 
A N N 1 ? 
B N N 2 ? 
C N N 3 ? 
# 
_struct_ref.id                         1 
_struct_ref.db_name                    UNP 
_struct_ref.db_code                    B4Y381_9ACTO 
_struct_ref.pdbx_db_accession          B4Y381 
_struct_ref.entity_id                  1 
_struct_ref.pdbx_seq_one_letter_code   
;MTTTPKPRTAPAVGSVFLGGPFRQLVDPRTGVMSSGDQNVFSRLIEHFESRGTTVYNAHRREAWGAEFLSPAEATRLDHD
EIKAADVFVAFPGVPASPGTHVEIGWASGMGKPMVLLLERDEDYAFLVTGLESQANVEILRFSGTEEIVERLDGAVARVL
GRAGEPTVIG
;
_struct_ref.pdbx_align_begin           1 
_struct_ref.pdbx_db_isoform            ? 
# 
_struct_ref_seq.align_id                      1 
_struct_ref_seq.ref_id                        1 
_struct_ref_seq.pdbx_PDB_id_code              4OHB 
_struct_ref_seq.pdbx_strand_id                A 
_struct_ref_seq.seq_align_beg                 21 
_struct_ref_seq.pdbx_seq_align_beg_ins_code   ? 
_struct_ref_seq.seq_align_end                 190 
_struct_ref_seq.pdbx_seq_align_end_ins_code   ? 
_struct_ref_seq.pdbx_db_accession             B4Y381 
_struct_ref_seq.db_align_beg                  1 
_struct_ref_seq.pdbx_db_align_beg_ins_code    ? 
_struct_ref_seq.db_align_end                  170 
_struct_ref_seq.pdbx_db_align_end_ins_code    ? 
_struct_ref_seq.pdbx_auth_seq_align_beg       1 
_struct_ref_seq.pdbx_auth_seq_align_end       170 
# 
loop_
_struct_ref_seq_dif.align_id 
_struct_ref_seq_dif.pdbx_pdb_id_code 
_struct_ref_seq_dif.mon_id 
_struct_ref_seq_dif.pdbx_pdb_strand_id 
_struct_ref_seq_dif.seq_num 
_struct_ref_seq_dif.pdbx_pdb_ins_code 
_struct_ref_seq_dif.pdbx_seq_db_name 
_struct_ref_seq_dif.pdbx_seq_db_accession_code 
_struct_ref_seq_dif.db_mon_id 
_struct_ref_seq_dif.pdbx_seq_db_seq_num 
_struct_ref_seq_dif.details 
_struct_ref_seq_dif.pdbx_auth_seq_num 
_struct_ref_seq_dif.pdbx_ordinal 
1 4OHB MET A 1   ? UNP B4Y381 ?   ?   'expression tag'      -19 1  
1 4OHB GLY A 2   ? UNP B4Y381 ?   ?   'expression tag'      -18 2  
1 4OHB SER A 3   ? UNP B4Y381 ?   ?   'expression tag'      -17 3  
1 4OHB SER A 4   ? UNP B4Y381 ?   ?   'expression tag'      -16 4  
1 4OHB HIS A 5   ? UNP B4Y381 ?   ?   'expression tag'      -15 5  
1 4OHB HIS A 6   ? UNP B4Y381 ?   ?   'expression tag'      -14 6  
1 4OHB HIS A 7   ? UNP B4Y381 ?   ?   'expression tag'      -13 7  
1 4OHB HIS A 8   ? UNP B4Y381 ?   ?   'expression tag'      -12 8  
1 4OHB HIS A 9   ? UNP B4Y381 ?   ?   'expression tag'      -11 9  
1 4OHB HIS A 10  ? UNP B4Y381 ?   ?   'expression tag'      -10 10 
1 4OHB SER A 11  ? UNP B4Y381 ?   ?   'expression tag'      -9  11 
1 4OHB SER A 12  ? UNP B4Y381 ?   ?   'expression tag'      -8  12 
1 4OHB GLY A 13  ? UNP B4Y381 ?   ?   'expression tag'      -7  13 
1 4OHB LEU A 14  ? UNP B4Y381 ?   ?   'expression tag'      -6  14 
1 4OHB VAL A 15  ? UNP B4Y381 ?   ?   'expression tag'      -5  15 
1 4OHB PRO A 16  ? UNP B4Y381 ?   ?   'expression tag'      -4  16 
1 4OHB ARG A 17  ? UNP B4Y381 ?   ?   'expression tag'      -3  17 
1 4OHB GLY A 18  ? UNP B4Y381 ?   ?   'expression tag'      -2  18 
1 4OHB SER A 19  ? UNP B4Y381 ?   ?   'expression tag'      -1  19 
1 4OHB HIS A 20  ? UNP B4Y381 ?   ?   'expression tag'      0   20 
1 4OHB ALA A 123 ? UNP B4Y381 GLU 103 'engineered mutation' 103 21 
# 
loop_
_pdbx_struct_assembly.id 
_pdbx_struct_assembly.details 
_pdbx_struct_assembly.method_details 
_pdbx_struct_assembly.oligomeric_details 
_pdbx_struct_assembly.oligomeric_count 
1 author_defined_assembly   ?    monomeric 1 
2 software_defined_assembly PISA dimeric   2 
# 
loop_
_pdbx_struct_assembly_prop.biol_id 
_pdbx_struct_assembly_prop.type 
_pdbx_struct_assembly_prop.value 
_pdbx_struct_assembly_prop.details 
2 'ABSA (A^2)' 2690  ? 
2 MORE         -27   ? 
2 'SSA (A^2)'  13120 ? 
# 
loop_
_pdbx_struct_assembly_gen.assembly_id 
_pdbx_struct_assembly_gen.oper_expression 
_pdbx_struct_assembly_gen.asym_id_list 
1 1   A,B,C 
2 1,2 A,B,C 
# 
loop_
_pdbx_struct_oper_list.id 
_pdbx_struct_oper_list.type 
_pdbx_struct_oper_list.name 
_pdbx_struct_oper_list.symmetry_operation 
_pdbx_struct_oper_list.matrix[1][1] 
_pdbx_struct_oper_list.matrix[1][2] 
_pdbx_struct_oper_list.matrix[1][3] 
_pdbx_struct_oper_list.vector[1] 
_pdbx_struct_oper_list.matrix[2][1] 
_pdbx_struct_oper_list.matrix[2][2] 
_pdbx_struct_oper_list.matrix[2][3] 
_pdbx_struct_oper_list.vector[2] 
_pdbx_struct_oper_list.matrix[3][1] 
_pdbx_struct_oper_list.matrix[3][2] 
_pdbx_struct_oper_list.matrix[3][3] 
_pdbx_struct_oper_list.vector[3] 
1 'identity operation'         1_555 x,y,z   1.0000000000 0.0000000000 0.0000000000 0.0000000000   0.0000000000 1.0000000000  0.0000000000 0.0000000000 0.0000000000 0.0000000000 1.0000000000  0.0000000000  
2 'crystal symmetry operation' 4_555 x,-y,-z 0.0769648994 0.9335144014 0.3501817623 -13.6500210689 0.9335144014 -0.1908286537 0.3035379504 8.6897369519 0.3501817623 0.3035379504 -0.8861362457 18.8147975921 
# 
_struct_biol.id        1 
_struct_biol.details   ? 
# 
loop_
_struct_conf.conf_type_id 
_struct_conf.id 
_struct_conf.pdbx_PDB_helix_id 
_struct_conf.beg_label_comp_id 
_struct_conf.beg_label_asym_id 
_struct_conf.beg_label_seq_id 
_struct_conf.pdbx_beg_PDB_ins_code 
_struct_conf.end_label_comp_id 
_struct_conf.end_label_asym_id 
_struct_conf.end_label_seq_id 
_struct_conf.pdbx_end_PDB_ins_code 
_struct_conf.beg_auth_comp_id 
_struct_conf.beg_auth_asym_id 
_struct_conf.beg_auth_seq_id 
_struct_conf.end_auth_comp_id 
_struct_conf.end_auth_asym_id 
_struct_conf.end_auth_seq_id 
_struct_conf.pdbx_PDB_helix_class 
_struct_conf.details 
_struct_conf.pdbx_PDB_helix_length 
HELX_P HELX_P1 1 PHE A 42  ? VAL A 46  ? PHE A 22  VAL A 26  5 ? 5  
HELX_P HELX_P2 2 SER A 54  ? SER A 70  ? SER A 34  SER A 50  1 ? 17 
HELX_P HELX_P3 3 ALA A 78  ? GLU A 82  ? ALA A 58  GLU A 62  1 ? 5  
HELX_P HELX_P4 4 ALA A 83  ? ALA A 86  ? ALA A 63  ALA A 66  5 ? 4  
HELX_P HELX_P5 5 SER A 90  ? ALA A 105 ? SER A 70  ALA A 85  1 ? 16 
HELX_P HELX_P6 6 SER A 117 ? MET A 130 ? SER A 97  MET A 110 1 ? 14 
HELX_P HELX_P7 7 ALA A 145 ? GLY A 150 ? ALA A 125 GLY A 130 1 ? 6  
HELX_P HELX_P8 8 GLY A 150 ? ALA A 155 ? GLY A 130 ALA A 135 1 ? 6  
HELX_P HELX_P9 9 GLY A 164 ? GLY A 181 ? GLY A 144 GLY A 161 1 ? 18 
# 
_struct_conf_type.id          HELX_P 
_struct_conf_type.criteria    ? 
_struct_conf_type.reference   ? 
# 
_struct_mon_prot_cis.pdbx_id                1 
_struct_mon_prot_cis.label_comp_id          VAL 
_struct_mon_prot_cis.label_seq_id           114 
_struct_mon_prot_cis.label_asym_id          A 
_struct_mon_prot_cis.label_alt_id           . 
_struct_mon_prot_cis.pdbx_PDB_ins_code      ? 
_struct_mon_prot_cis.auth_comp_id           VAL 
_struct_mon_prot_cis.auth_seq_id            94 
_struct_mon_prot_cis.auth_asym_id           A 
_struct_mon_prot_cis.pdbx_label_comp_id_2   PRO 
_struct_mon_prot_cis.pdbx_label_seq_id_2    115 
_struct_mon_prot_cis.pdbx_label_asym_id_2   A 
_struct_mon_prot_cis.pdbx_PDB_ins_code_2    ? 
_struct_mon_prot_cis.pdbx_auth_comp_id_2    PRO 
_struct_mon_prot_cis.pdbx_auth_seq_id_2     95 
_struct_mon_prot_cis.pdbx_auth_asym_id_2    A 
_struct_mon_prot_cis.pdbx_PDB_model_num     1 
_struct_mon_prot_cis.pdbx_omega_angle       -1.93 
# 
_struct_sheet.id               A 
_struct_sheet.type             ? 
_struct_sheet.number_strands   5 
_struct_sheet.details          ? 
# 
loop_
_struct_sheet_order.sheet_id 
_struct_sheet_order.range_id_1 
_struct_sheet_order.range_id_2 
_struct_sheet_order.offset 
_struct_sheet_order.sense 
A 1 2 ? parallel 
A 2 3 ? parallel 
A 3 4 ? parallel 
A 4 5 ? parallel 
# 
loop_
_struct_sheet_range.sheet_id 
_struct_sheet_range.id 
_struct_sheet_range.beg_label_comp_id 
_struct_sheet_range.beg_label_asym_id 
_struct_sheet_range.beg_label_seq_id 
_struct_sheet_range.pdbx_beg_PDB_ins_code 
_struct_sheet_range.end_label_comp_id 
_struct_sheet_range.end_label_asym_id 
_struct_sheet_range.end_label_seq_id 
_struct_sheet_range.pdbx_end_PDB_ins_code 
_struct_sheet_range.beg_auth_comp_id 
_struct_sheet_range.beg_auth_asym_id 
_struct_sheet_range.beg_auth_seq_id 
_struct_sheet_range.end_auth_comp_id 
_struct_sheet_range.end_auth_asym_id 
_struct_sheet_range.end_auth_seq_id 
A 1 THR A 74  ? ASN A 77  ? THR A 54  ASN A 57  
A 2 SER A 35  ? GLY A 39  ? SER A 15  GLY A 19  
A 3 VAL A 107 ? ALA A 110 ? VAL A 87  ALA A 90  
A 4 MET A 134 ? GLU A 139 ? MET A 114 GLU A 119 
A 5 VAL A 157 ? PHE A 162 ? VAL A 137 PHE A 142 
# 
loop_
_pdbx_struct_sheet_hbond.sheet_id 
_pdbx_struct_sheet_hbond.range_id_1 
_pdbx_struct_sheet_hbond.range_id_2 
_pdbx_struct_sheet_hbond.range_1_label_atom_id 
_pdbx_struct_sheet_hbond.range_1_label_comp_id 
_pdbx_struct_sheet_hbond.range_1_label_asym_id 
_pdbx_struct_sheet_hbond.range_1_label_seq_id 
_pdbx_struct_sheet_hbond.range_1_PDB_ins_code 
_pdbx_struct_sheet_hbond.range_1_auth_atom_id 
_pdbx_struct_sheet_hbond.range_1_auth_comp_id 
_pdbx_struct_sheet_hbond.range_1_auth_asym_id 
_pdbx_struct_sheet_hbond.range_1_auth_seq_id 
_pdbx_struct_sheet_hbond.range_2_label_atom_id 
_pdbx_struct_sheet_hbond.range_2_label_comp_id 
_pdbx_struct_sheet_hbond.range_2_label_asym_id 
_pdbx_struct_sheet_hbond.range_2_label_seq_id 
_pdbx_struct_sheet_hbond.range_2_PDB_ins_code 
_pdbx_struct_sheet_hbond.range_2_auth_atom_id 
_pdbx_struct_sheet_hbond.range_2_auth_comp_id 
_pdbx_struct_sheet_hbond.range_2_auth_asym_id 
_pdbx_struct_sheet_hbond.range_2_auth_seq_id 
A 1 2 O TYR A 76  ? O TYR A 56  N VAL A 36  ? N VAL A 16  
A 2 3 N PHE A 37  ? N PHE A 17  O VAL A 109 ? O VAL A 89  
A 3 4 N PHE A 108 ? N PHE A 88  O VAL A 135 ? O VAL A 115 
A 4 5 N LEU A 136 ? N LEU A 116 O LEU A 160 ? O LEU A 140 
# 
_struct_site.id                   AC1 
_struct_site.pdbx_evidence_code   Software 
_struct_site.pdbx_auth_asym_id    A 
_struct_site.pdbx_auth_comp_id    5HM 
_struct_site.pdbx_auth_seq_id     201 
_struct_site.pdbx_auth_ins_code   ? 
_struct_site.pdbx_num_residues    20 
_struct_site.details              'BINDING SITE FOR RESIDUE 5HM A 201' 
# 
loop_
_struct_site_gen.id 
_struct_site_gen.site_id 
_struct_site_gen.pdbx_num_res 
_struct_site_gen.label_comp_id 
_struct_site_gen.label_asym_id 
_struct_site_gen.label_seq_id 
_struct_site_gen.pdbx_auth_ins_code 
_struct_site_gen.auth_comp_id 
_struct_site_gen.auth_asym_id 
_struct_site_gen.auth_seq_id 
_struct_site_gen.label_atom_id 
_struct_site_gen.label_alt_id 
_struct_site_gen.symmetry 
_struct_site_gen.details 
1  AC1 20 GLY A 39  ? GLY A 19  . ? 1_555 ? 
2  AC1 20 GLY A 40  ? GLY A 20  . ? 1_555 ? 
3  AC1 20 PRO A 41  ? PRO A 21  . ? 1_555 ? 
4  AC1 20 PHE A 42  ? PHE A 22  . ? 1_555 ? 
5  AC1 20 ARG A 43  ? ARG A 23  . ? 1_555 ? 
6  AC1 20 ALA A 78  ? ALA A 58  . ? 1_555 ? 
7  AC1 20 GLU A 82  ? GLU A 62  . ? 1_555 ? 
8  AC1 20 PHE A 88  ? PHE A 68  . ? 1_555 ? 
9  AC1 20 ASP A 98  ? ASP A 78  . ? 1_555 ? 
10 AC1 20 SER A 117 ? SER A 97  . ? 1_555 ? 
11 AC1 20 PRO A 118 ? PRO A 98  . ? 1_555 ? 
12 AC1 20 GLY A 119 ? GLY A 99  . ? 1_555 ? 
13 AC1 20 THR A 120 ? THR A 100 . ? 1_555 ? 
14 AC1 20 PHE A 146 ? PHE A 126 . ? 4_555 ? 
15 AC1 20 LEU A 147 ? LEU A 127 . ? 4_555 ? 
16 AC1 20 HOH C .   ? HOH A 303 . ? 1_555 ? 
17 AC1 20 HOH C .   ? HOH A 305 . ? 1_555 ? 
18 AC1 20 HOH C .   ? HOH A 306 . ? 1_555 ? 
19 AC1 20 HOH C .   ? HOH A 312 . ? 1_555 ? 
20 AC1 20 HOH C .   ? HOH A 317 . ? 1_555 ? 
# 
loop_
_pdbx_validate_torsion.id 
_pdbx_validate_torsion.PDB_model_num 
_pdbx_validate_torsion.auth_comp_id 
_pdbx_validate_torsion.auth_asym_id 
_pdbx_validate_torsion.auth_seq_id 
_pdbx_validate_torsion.PDB_ins_code 
_pdbx_validate_torsion.label_alt_id 
_pdbx_validate_torsion.phi 
_pdbx_validate_torsion.psi 
1 1 PHE A 22  ? ? -138.78 -76.12 
2 1 PHE A 22  ? ? -138.78 -77.22 
3 1 ASN A 39  ? ? -26.82  -66.19 
4 1 GLU A 67  ? ? -107.48 62.19  
5 1 SER A 133 ? ? 82.11   -57.00 
6 1 ILE A 169 ? ? 80.55   -33.32 
# 
_pdbx_struct_special_symmetry.id              1 
_pdbx_struct_special_symmetry.PDB_model_num   1 
_pdbx_struct_special_symmetry.auth_asym_id    A 
_pdbx_struct_special_symmetry.auth_comp_id    HOH 
_pdbx_struct_special_symmetry.auth_seq_id     326 
_pdbx_struct_special_symmetry.PDB_ins_code    ? 
_pdbx_struct_special_symmetry.label_asym_id   C 
_pdbx_struct_special_symmetry.label_comp_id   HOH 
_pdbx_struct_special_symmetry.label_seq_id    . 
# 
_diffrn_reflns.diffrn_id                   1 
_diffrn_reflns.pdbx_d_res_high             2.250 
_diffrn_reflns.pdbx_d_res_low              50.000 
_diffrn_reflns.pdbx_number_obs             9244 
_diffrn_reflns.pdbx_Rmerge_I_obs           0.143 
_diffrn_reflns.pdbx_Rsym_value             ? 
_diffrn_reflns.pdbx_chi_squared            1.00 
_diffrn_reflns.av_sigmaI_over_netI         ? 
_diffrn_reflns.pdbx_redundancy             13.30 
_diffrn_reflns.pdbx_percent_possible_obs   98.40 
_diffrn_reflns.number                      122549 
_diffrn_reflns.pdbx_observed_criterion     ? 
_diffrn_reflns.limit_h_max                 ? 
_diffrn_reflns.limit_h_min                 ? 
_diffrn_reflns.limit_k_max                 ? 
_diffrn_reflns.limit_k_min                 ? 
_diffrn_reflns.limit_l_max                 ? 
_diffrn_reflns.limit_l_min                 ? 
# 
loop_
_pdbx_diffrn_reflns_shell.diffrn_id 
_pdbx_diffrn_reflns_shell.d_res_high 
_pdbx_diffrn_reflns_shell.d_res_low 
_pdbx_diffrn_reflns_shell.number_obs 
_pdbx_diffrn_reflns_shell.rejects 
_pdbx_diffrn_reflns_shell.Rmerge_I_obs 
_pdbx_diffrn_reflns_shell.Rsym_value 
_pdbx_diffrn_reflns_shell.chi_squared 
_pdbx_diffrn_reflns_shell.redundancy 
_pdbx_diffrn_reflns_shell.percent_possible_obs 
1 4.85 50.00 ? ? 0.084 ? 0.999 13.30 99.70  
1 3.85 4.85  ? ? 0.096 ? 0.998 12.90 94.50  
1 3.36 3.85  ? ? 0.160 ? 0.995 11.50 96.80  
1 3.05 3.36  ? ? 0.112 ? 0.997 14.40 100.00 
1 2.83 3.05  ? ? 0.141 ? 0.992 14.50 100.00 
1 2.67 2.83  ? ? 0.201 ? 0.993 14.50 100.00 
1 2.53 2.67  ? ? 0.313 ? 1.007 14.30 100.00 
1 2.42 2.53  ? ? 0.286 ? 1.007 14.00 100.00 
1 2.33 2.42  ? ? 0.337 ? 0.992 12.70 99.80  
1 2.25 2.33  ? ? 0.503 ? 1.005 10.40 93.60  
# 
loop_
_pdbx_unobs_or_zero_occ_residues.id 
_pdbx_unobs_or_zero_occ_residues.PDB_model_num 
_pdbx_unobs_or_zero_occ_residues.polymer_flag 
_pdbx_unobs_or_zero_occ_residues.occupancy_flag 
_pdbx_unobs_or_zero_occ_residues.auth_asym_id 
_pdbx_unobs_or_zero_occ_residues.auth_comp_id 
_pdbx_unobs_or_zero_occ_residues.auth_seq_id 
_pdbx_unobs_or_zero_occ_residues.PDB_ins_code 
_pdbx_unobs_or_zero_occ_residues.label_asym_id 
_pdbx_unobs_or_zero_occ_residues.label_comp_id 
_pdbx_unobs_or_zero_occ_residues.label_seq_id 
1  1 Y 1 A MET -19 ? A MET 1  
2  1 Y 1 A GLY -18 ? A GLY 2  
3  1 Y 1 A SER -17 ? A SER 3  
4  1 Y 1 A SER -16 ? A SER 4  
5  1 Y 1 A HIS -15 ? A HIS 5  
6  1 Y 1 A HIS -14 ? A HIS 6  
7  1 Y 1 A HIS -13 ? A HIS 7  
8  1 Y 1 A HIS -12 ? A HIS 8  
9  1 Y 1 A HIS -11 ? A HIS 9  
10 1 Y 1 A HIS -10 ? A HIS 10 
11 1 Y 1 A SER -9  ? A SER 11 
12 1 Y 1 A SER -8  ? A SER 12 
13 1 Y 1 A GLY -7  ? A GLY 13 
14 1 Y 1 A LEU -6  ? A LEU 14 
15 1 Y 1 A VAL -5  ? A VAL 15 
16 1 Y 1 A PRO -4  ? A PRO 16 
17 1 Y 1 A ARG -3  ? A ARG 17 
18 1 Y 1 A GLY -2  ? A GLY 18 
19 1 Y 1 A SER -1  ? A SER 19 
20 1 Y 1 A HIS 0   ? A HIS 20 
21 1 Y 1 A MET 1   ? A MET 21 
22 1 Y 1 A THR 2   ? A THR 22 
23 1 Y 1 A THR 3   ? A THR 23 
24 1 Y 1 A THR 4   ? A THR 24 
25 1 Y 1 A PRO 5   ? A PRO 25 
26 1 Y 1 A LYS 6   ? A LYS 26 
27 1 Y 1 A PRO 7   ? A PRO 27 
28 1 Y 1 A ARG 8   ? A ARG 28 
29 1 Y 1 A THR 9   ? A THR 29 
30 1 Y 1 A ALA 10  ? A ALA 30 
31 1 Y 1 A PRO 11  ? A PRO 31 
# 
loop_
_chem_comp_atom.comp_id 
_chem_comp_atom.atom_id 
_chem_comp_atom.type_symbol 
_chem_comp_atom.pdbx_aromatic_flag 
_chem_comp_atom.pdbx_stereo_config 
_chem_comp_atom.pdbx_ordinal 
5HM OP3    O N N 1   
5HM P      P N N 2   
5HM OP1    O N N 3   
5HM OP2    O N N 4   
5HM "O5'"  O N N 5   
5HM "C5'"  C N N 6   
5HM "C4'"  C N R 7   
5HM "O4'"  O N N 8   
5HM "C3'"  C N S 9   
5HM "O3'"  O N N 10  
5HM "C2'"  C N R 11  
5HM "O2'"  O N N 12  
5HM "C1'"  C N R 13  
5HM N1     N N N 14  
5HM C2     C N N 15  
5HM O2     O N N 16  
5HM C6     C N N 17  
5HM C5     C N N 18  
5HM CM5    C N N 19  
5HM OM5    O N N 20  
5HM C4     C N N 21  
5HM N3     N N N 22  
5HM N4     N N N 23  
5HM H1     H N N 24  
5HM H2     H N N 25  
5HM H3     H N N 26  
5HM H4     H N N 27  
5HM H5     H N N 28  
5HM H6     H N N 29  
5HM "HO3'" H N N 30  
5HM H8     H N N 31  
5HM H9     H N N 32  
5HM H10    H N N 33  
5HM H11    H N N 34  
5HM H12    H N N 35  
5HM H13    H N N 36  
5HM H14    H N N 37  
5HM H15    H N N 38  
5HM H16    H N N 39  
ALA N      N N N 40  
ALA CA     C N S 41  
ALA C      C N N 42  
ALA O      O N N 43  
ALA CB     C N N 44  
ALA OXT    O N N 45  
ALA H      H N N 46  
ALA H2     H N N 47  
ALA HA     H N N 48  
ALA HB1    H N N 49  
ALA HB2    H N N 50  
ALA HB3    H N N 51  
ALA HXT    H N N 52  
ARG N      N N N 53  
ARG CA     C N S 54  
ARG C      C N N 55  
ARG O      O N N 56  
ARG CB     C N N 57  
ARG CG     C N N 58  
ARG CD     C N N 59  
ARG NE     N N N 60  
ARG CZ     C N N 61  
ARG NH1    N N N 62  
ARG NH2    N N N 63  
ARG OXT    O N N 64  
ARG H      H N N 65  
ARG H2     H N N 66  
ARG HA     H N N 67  
ARG HB2    H N N 68  
ARG HB3    H N N 69  
ARG HG2    H N N 70  
ARG HG3    H N N 71  
ARG HD2    H N N 72  
ARG HD3    H N N 73  
ARG HE     H N N 74  
ARG HH11   H N N 75  
ARG HH12   H N N 76  
ARG HH21   H N N 77  
ARG HH22   H N N 78  
ARG HXT    H N N 79  
ASN N      N N N 80  
ASN CA     C N S 81  
ASN C      C N N 82  
ASN O      O N N 83  
ASN CB     C N N 84  
ASN CG     C N N 85  
ASN OD1    O N N 86  
ASN ND2    N N N 87  
ASN OXT    O N N 88  
ASN H      H N N 89  
ASN H2     H N N 90  
ASN HA     H N N 91  
ASN HB2    H N N 92  
ASN HB3    H N N 93  
ASN HD21   H N N 94  
ASN HD22   H N N 95  
ASN HXT    H N N 96  
ASP N      N N N 97  
ASP CA     C N S 98  
ASP C      C N N 99  
ASP O      O N N 100 
ASP CB     C N N 101 
ASP CG     C N N 102 
ASP OD1    O N N 103 
ASP OD2    O N N 104 
ASP OXT    O N N 105 
ASP H      H N N 106 
ASP H2     H N N 107 
ASP HA     H N N 108 
ASP HB2    H N N 109 
ASP HB3    H N N 110 
ASP HD2    H N N 111 
ASP HXT    H N N 112 
GLN N      N N N 113 
GLN CA     C N S 114 
GLN C      C N N 115 
GLN O      O N N 116 
GLN CB     C N N 117 
GLN CG     C N N 118 
GLN CD     C N N 119 
GLN OE1    O N N 120 
GLN NE2    N N N 121 
GLN OXT    O N N 122 
GLN H      H N N 123 
GLN H2     H N N 124 
GLN HA     H N N 125 
GLN HB2    H N N 126 
GLN HB3    H N N 127 
GLN HG2    H N N 128 
GLN HG3    H N N 129 
GLN HE21   H N N 130 
GLN HE22   H N N 131 
GLN HXT    H N N 132 
GLU N      N N N 133 
GLU CA     C N S 134 
GLU C      C N N 135 
GLU O      O N N 136 
GLU CB     C N N 137 
GLU CG     C N N 138 
GLU CD     C N N 139 
GLU OE1    O N N 140 
GLU OE2    O N N 141 
GLU OXT    O N N 142 
GLU H      H N N 143 
GLU H2     H N N 144 
GLU HA     H N N 145 
GLU HB2    H N N 146 
GLU HB3    H N N 147 
GLU HG2    H N N 148 
GLU HG3    H N N 149 
GLU HE2    H N N 150 
GLU HXT    H N N 151 
GLY N      N N N 152 
GLY CA     C N N 153 
GLY C      C N N 154 
GLY O      O N N 155 
GLY OXT    O N N 156 
GLY H      H N N 157 
GLY H2     H N N 158 
GLY HA2    H N N 159 
GLY HA3    H N N 160 
GLY HXT    H N N 161 
HIS N      N N N 162 
HIS CA     C N S 163 
HIS C      C N N 164 
HIS O      O N N 165 
HIS CB     C N N 166 
HIS CG     C Y N 167 
HIS ND1    N Y N 168 
HIS CD2    C Y N 169 
HIS CE1    C Y N 170 
HIS NE2    N Y N 171 
HIS OXT    O N N 172 
HIS H      H N N 173 
HIS H2     H N N 174 
HIS HA     H N N 175 
HIS HB2    H N N 176 
HIS HB3    H N N 177 
HIS HD1    H N N 178 
HIS HD2    H N N 179 
HIS HE1    H N N 180 
HIS HE2    H N N 181 
HIS HXT    H N N 182 
HOH O      O N N 183 
HOH H1     H N N 184 
HOH H2     H N N 185 
ILE N      N N N 186 
ILE CA     C N S 187 
ILE C      C N N 188 
ILE O      O N N 189 
ILE CB     C N S 190 
ILE CG1    C N N 191 
ILE CG2    C N N 192 
ILE CD1    C N N 193 
ILE OXT    O N N 194 
ILE H      H N N 195 
ILE H2     H N N 196 
ILE HA     H N N 197 
ILE HB     H N N 198 
ILE HG12   H N N 199 
ILE HG13   H N N 200 
ILE HG21   H N N 201 
ILE HG22   H N N 202 
ILE HG23   H N N 203 
ILE HD11   H N N 204 
ILE HD12   H N N 205 
ILE HD13   H N N 206 
ILE HXT    H N N 207 
LEU N      N N N 208 
LEU CA     C N S 209 
LEU C      C N N 210 
LEU O      O N N 211 
LEU CB     C N N 212 
LEU CG     C N N 213 
LEU CD1    C N N 214 
LEU CD2    C N N 215 
LEU OXT    O N N 216 
LEU H      H N N 217 
LEU H2     H N N 218 
LEU HA     H N N 219 
LEU HB2    H N N 220 
LEU HB3    H N N 221 
LEU HG     H N N 222 
LEU HD11   H N N 223 
LEU HD12   H N N 224 
LEU HD13   H N N 225 
LEU HD21   H N N 226 
LEU HD22   H N N 227 
LEU HD23   H N N 228 
LEU HXT    H N N 229 
LYS N      N N N 230 
LYS CA     C N S 231 
LYS C      C N N 232 
LYS O      O N N 233 
LYS CB     C N N 234 
LYS CG     C N N 235 
LYS CD     C N N 236 
LYS CE     C N N 237 
LYS NZ     N N N 238 
LYS OXT    O N N 239 
LYS H      H N N 240 
LYS H2     H N N 241 
LYS HA     H N N 242 
LYS HB2    H N N 243 
LYS HB3    H N N 244 
LYS HG2    H N N 245 
LYS HG3    H N N 246 
LYS HD2    H N N 247 
LYS HD3    H N N 248 
LYS HE2    H N N 249 
LYS HE3    H N N 250 
LYS HZ1    H N N 251 
LYS HZ2    H N N 252 
LYS HZ3    H N N 253 
LYS HXT    H N N 254 
MET N      N N N 255 
MET CA     C N S 256 
MET C      C N N 257 
MET O      O N N 258 
MET CB     C N N 259 
MET CG     C N N 260 
MET SD     S N N 261 
MET CE     C N N 262 
MET OXT    O N N 263 
MET H      H N N 264 
MET H2     H N N 265 
MET HA     H N N 266 
MET HB2    H N N 267 
MET HB3    H N N 268 
MET HG2    H N N 269 
MET HG3    H N N 270 
MET HE1    H N N 271 
MET HE2    H N N 272 
MET HE3    H N N 273 
MET HXT    H N N 274 
PHE N      N N N 275 
PHE CA     C N S 276 
PHE C      C N N 277 
PHE O      O N N 278 
PHE CB     C N N 279 
PHE CG     C Y N 280 
PHE CD1    C Y N 281 
PHE CD2    C Y N 282 
PHE CE1    C Y N 283 
PHE CE2    C Y N 284 
PHE CZ     C Y N 285 
PHE OXT    O N N 286 
PHE H      H N N 287 
PHE H2     H N N 288 
PHE HA     H N N 289 
PHE HB2    H N N 290 
PHE HB3    H N N 291 
PHE HD1    H N N 292 
PHE HD2    H N N 293 
PHE HE1    H N N 294 
PHE HE2    H N N 295 
PHE HZ     H N N 296 
PHE HXT    H N N 297 
PRO N      N N N 298 
PRO CA     C N S 299 
PRO C      C N N 300 
PRO O      O N N 301 
PRO CB     C N N 302 
PRO CG     C N N 303 
PRO CD     C N N 304 
PRO OXT    O N N 305 
PRO H      H N N 306 
PRO HA     H N N 307 
PRO HB2    H N N 308 
PRO HB3    H N N 309 
PRO HG2    H N N 310 
PRO HG3    H N N 311 
PRO HD2    H N N 312 
PRO HD3    H N N 313 
PRO HXT    H N N 314 
SER N      N N N 315 
SER CA     C N S 316 
SER C      C N N 317 
SER O      O N N 318 
SER CB     C N N 319 
SER OG     O N N 320 
SER OXT    O N N 321 
SER H      H N N 322 
SER H2     H N N 323 
SER HA     H N N 324 
SER HB2    H N N 325 
SER HB3    H N N 326 
SER HG     H N N 327 
SER HXT    H N N 328 
THR N      N N N 329 
THR CA     C N S 330 
THR C      C N N 331 
THR O      O N N 332 
THR CB     C N R 333 
THR OG1    O N N 334 
THR CG2    C N N 335 
THR OXT    O N N 336 
THR H      H N N 337 
THR H2     H N N 338 
THR HA     H N N 339 
THR HB     H N N 340 
THR HG1    H N N 341 
THR HG21   H N N 342 
THR HG22   H N N 343 
THR HG23   H N N 344 
THR HXT    H N N 345 
TRP N      N N N 346 
TRP CA     C N S 347 
TRP C      C N N 348 
TRP O      O N N 349 
TRP CB     C N N 350 
TRP CG     C Y N 351 
TRP CD1    C Y N 352 
TRP CD2    C Y N 353 
TRP NE1    N Y N 354 
TRP CE2    C Y N 355 
TRP CE3    C Y N 356 
TRP CZ2    C Y N 357 
TRP CZ3    C Y N 358 
TRP CH2    C Y N 359 
TRP OXT    O N N 360 
TRP H      H N N 361 
TRP H2     H N N 362 
TRP HA     H N N 363 
TRP HB2    H N N 364 
TRP HB3    H N N 365 
TRP HD1    H N N 366 
TRP HE1    H N N 367 
TRP HE3    H N N 368 
TRP HZ2    H N N 369 
TRP HZ3    H N N 370 
TRP HH2    H N N 371 
TRP HXT    H N N 372 
TYR N      N N N 373 
TYR CA     C N S 374 
TYR C      C N N 375 
TYR O      O N N 376 
TYR CB     C N N 377 
TYR CG     C Y N 378 
TYR CD1    C Y N 379 
TYR CD2    C Y N 380 
TYR CE1    C Y N 381 
TYR CE2    C Y N 382 
TYR CZ     C Y N 383 
TYR OH     O N N 384 
TYR OXT    O N N 385 
TYR H      H N N 386 
TYR H2     H N N 387 
TYR HA     H N N 388 
TYR HB2    H N N 389 
TYR HB3    H N N 390 
TYR HD1    H N N 391 
TYR HD2    H N N 392 
TYR HE1    H N N 393 
TYR HE2    H N N 394 
TYR HH     H N N 395 
TYR HXT    H N N 396 
VAL N      N N N 397 
VAL CA     C N S 398 
VAL C      C N N 399 
VAL O      O N N 400 
VAL CB     C N N 401 
VAL CG1    C N N 402 
VAL CG2    C N N 403 
VAL OXT    O N N 404 
VAL H      H N N 405 
VAL H2     H N N 406 
VAL HA     H N N 407 
VAL HB     H N N 408 
VAL HG11   H N N 409 
VAL HG12   H N N 410 
VAL HG13   H N N 411 
VAL HG21   H N N 412 
VAL HG22   H N N 413 
VAL HG23   H N N 414 
VAL HXT    H N N 415 
# 
loop_
_chem_comp_bond.comp_id 
_chem_comp_bond.atom_id_1 
_chem_comp_bond.atom_id_2 
_chem_comp_bond.value_order 
_chem_comp_bond.pdbx_aromatic_flag 
_chem_comp_bond.pdbx_stereo_config 
_chem_comp_bond.pdbx_ordinal 
5HM N4    C4     sing N N 1   
5HM C4    N3     doub N N 2   
5HM C4    C5     sing N N 3   
5HM N3    C2     sing N N 4   
5HM CM5   OM5    sing N N 5   
5HM CM5   C5     sing N N 6   
5HM C5    C6     doub N N 7   
5HM C2    O2     doub N N 8   
5HM C2    N1     sing N N 9   
5HM C6    N1     sing N N 10  
5HM N1    "C1'"  sing N N 11  
5HM OP1   P      doub N N 12  
5HM "C1'" "O4'"  sing N N 13  
5HM "C1'" "C2'"  sing N N 14  
5HM OP2   P      sing N N 15  
5HM "O4'" "C4'"  sing N N 16  
5HM "C2'" "O2'"  sing N N 17  
5HM "C2'" "C3'"  sing N N 18  
5HM P     "O5'"  sing N N 19  
5HM P     OP3    sing N N 20  
5HM "O5'" "C5'"  sing N N 21  
5HM "C5'" "C4'"  sing N N 22  
5HM "C4'" "C3'"  sing N N 23  
5HM "C3'" "O3'"  sing N N 24  
5HM OP3   H1     sing N N 25  
5HM OP2   H2     sing N N 26  
5HM "C5'" H3     sing N N 27  
5HM "C5'" H4     sing N N 28  
5HM "C4'" H5     sing N N 29  
5HM "C3'" H6     sing N N 30  
5HM "O3'" "HO3'" sing N N 31  
5HM "C2'" H8     sing N N 32  
5HM "O2'" H9     sing N N 33  
5HM "C1'" H10    sing N N 34  
5HM C6    H11    sing N N 35  
5HM CM5   H12    sing N N 36  
5HM CM5   H13    sing N N 37  
5HM OM5   H14    sing N N 38  
5HM N4    H15    sing N N 39  
5HM N4    H16    sing N N 40  
ALA N     CA     sing N N 41  
ALA N     H      sing N N 42  
ALA N     H2     sing N N 43  
ALA CA    C      sing N N 44  
ALA CA    CB     sing N N 45  
ALA CA    HA     sing N N 46  
ALA C     O      doub N N 47  
ALA C     OXT    sing N N 48  
ALA CB    HB1    sing N N 49  
ALA CB    HB2    sing N N 50  
ALA CB    HB3    sing N N 51  
ALA OXT   HXT    sing N N 52  
ARG N     CA     sing N N 53  
ARG N     H      sing N N 54  
ARG N     H2     sing N N 55  
ARG CA    C      sing N N 56  
ARG CA    CB     sing N N 57  
ARG CA    HA     sing N N 58  
ARG C     O      doub N N 59  
ARG C     OXT    sing N N 60  
ARG CB    CG     sing N N 61  
ARG CB    HB2    sing N N 62  
ARG CB    HB3    sing N N 63  
ARG CG    CD     sing N N 64  
ARG CG    HG2    sing N N 65  
ARG CG    HG3    sing N N 66  
ARG CD    NE     sing N N 67  
ARG CD    HD2    sing N N 68  
ARG CD    HD3    sing N N 69  
ARG NE    CZ     sing N N 70  
ARG NE    HE     sing N N 71  
ARG CZ    NH1    sing N N 72  
ARG CZ    NH2    doub N N 73  
ARG NH1   HH11   sing N N 74  
ARG NH1   HH12   sing N N 75  
ARG NH2   HH21   sing N N 76  
ARG NH2   HH22   sing N N 77  
ARG OXT   HXT    sing N N 78  
ASN N     CA     sing N N 79  
ASN N     H      sing N N 80  
ASN N     H2     sing N N 81  
ASN CA    C      sing N N 82  
ASN CA    CB     sing N N 83  
ASN CA    HA     sing N N 84  
ASN C     O      doub N N 85  
ASN C     OXT    sing N N 86  
ASN CB    CG     sing N N 87  
ASN CB    HB2    sing N N 88  
ASN CB    HB3    sing N N 89  
ASN CG    OD1    doub N N 90  
ASN CG    ND2    sing N N 91  
ASN ND2   HD21   sing N N 92  
ASN ND2   HD22   sing N N 93  
ASN OXT   HXT    sing N N 94  
ASP N     CA     sing N N 95  
ASP N     H      sing N N 96  
ASP N     H2     sing N N 97  
ASP CA    C      sing N N 98  
ASP CA    CB     sing N N 99  
ASP CA    HA     sing N N 100 
ASP C     O      doub N N 101 
ASP C     OXT    sing N N 102 
ASP CB    CG     sing N N 103 
ASP CB    HB2    sing N N 104 
ASP CB    HB3    sing N N 105 
ASP CG    OD1    doub N N 106 
ASP CG    OD2    sing N N 107 
ASP OD2   HD2    sing N N 108 
ASP OXT   HXT    sing N N 109 
GLN N     CA     sing N N 110 
GLN N     H      sing N N 111 
GLN N     H2     sing N N 112 
GLN CA    C      sing N N 113 
GLN CA    CB     sing N N 114 
GLN CA    HA     sing N N 115 
GLN C     O      doub N N 116 
GLN C     OXT    sing N N 117 
GLN CB    CG     sing N N 118 
GLN CB    HB2    sing N N 119 
GLN CB    HB3    sing N N 120 
GLN CG    CD     sing N N 121 
GLN CG    HG2    sing N N 122 
GLN CG    HG3    sing N N 123 
GLN CD    OE1    doub N N 124 
GLN CD    NE2    sing N N 125 
GLN NE2   HE21   sing N N 126 
GLN NE2   HE22   sing N N 127 
GLN OXT   HXT    sing N N 128 
GLU N     CA     sing N N 129 
GLU N     H      sing N N 130 
GLU N     H2     sing N N 131 
GLU CA    C      sing N N 132 
GLU CA    CB     sing N N 133 
GLU CA    HA     sing N N 134 
GLU C     O      doub N N 135 
GLU C     OXT    sing N N 136 
GLU CB    CG     sing N N 137 
GLU CB    HB2    sing N N 138 
GLU CB    HB3    sing N N 139 
GLU CG    CD     sing N N 140 
GLU CG    HG2    sing N N 141 
GLU CG    HG3    sing N N 142 
GLU CD    OE1    doub N N 143 
GLU CD    OE2    sing N N 144 
GLU OE2   HE2    sing N N 145 
GLU OXT   HXT    sing N N 146 
GLY N     CA     sing N N 147 
GLY N     H      sing N N 148 
GLY N     H2     sing N N 149 
GLY CA    C      sing N N 150 
GLY CA    HA2    sing N N 151 
GLY CA    HA3    sing N N 152 
GLY C     O      doub N N 153 
GLY C     OXT    sing N N 154 
GLY OXT   HXT    sing N N 155 
HIS N     CA     sing N N 156 
HIS N     H      sing N N 157 
HIS N     H2     sing N N 158 
HIS CA    C      sing N N 159 
HIS CA    CB     sing N N 160 
HIS CA    HA     sing N N 161 
HIS C     O      doub N N 162 
HIS C     OXT    sing N N 163 
HIS CB    CG     sing N N 164 
HIS CB    HB2    sing N N 165 
HIS CB    HB3    sing N N 166 
HIS CG    ND1    sing Y N 167 
HIS CG    CD2    doub Y N 168 
HIS ND1   CE1    doub Y N 169 
HIS ND1   HD1    sing N N 170 
HIS CD2   NE2    sing Y N 171 
HIS CD2   HD2    sing N N 172 
HIS CE1   NE2    sing Y N 173 
HIS CE1   HE1    sing N N 174 
HIS NE2   HE2    sing N N 175 
HIS OXT   HXT    sing N N 176 
HOH O     H1     sing N N 177 
HOH O     H2     sing N N 178 
ILE N     CA     sing N N 179 
ILE N     H      sing N N 180 
ILE N     H2     sing N N 181 
ILE CA    C      sing N N 182 
ILE CA    CB     sing N N 183 
ILE CA    HA     sing N N 184 
ILE C     O      doub N N 185 
ILE C     OXT    sing N N 186 
ILE CB    CG1    sing N N 187 
ILE CB    CG2    sing N N 188 
ILE CB    HB     sing N N 189 
ILE CG1   CD1    sing N N 190 
ILE CG1   HG12   sing N N 191 
ILE CG1   HG13   sing N N 192 
ILE CG2   HG21   sing N N 193 
ILE CG2   HG22   sing N N 194 
ILE CG2   HG23   sing N N 195 
ILE CD1   HD11   sing N N 196 
ILE CD1   HD12   sing N N 197 
ILE CD1   HD13   sing N N 198 
ILE OXT   HXT    sing N N 199 
LEU N     CA     sing N N 200 
LEU N     H      sing N N 201 
LEU N     H2     sing N N 202 
LEU CA    C      sing N N 203 
LEU CA    CB     sing N N 204 
LEU CA    HA     sing N N 205 
LEU C     O      doub N N 206 
LEU C     OXT    sing N N 207 
LEU CB    CG     sing N N 208 
LEU CB    HB2    sing N N 209 
LEU CB    HB3    sing N N 210 
LEU CG    CD1    sing N N 211 
LEU CG    CD2    sing N N 212 
LEU CG    HG     sing N N 213 
LEU CD1   HD11   sing N N 214 
LEU CD1   HD12   sing N N 215 
LEU CD1   HD13   sing N N 216 
LEU CD2   HD21   sing N N 217 
LEU CD2   HD22   sing N N 218 
LEU CD2   HD23   sing N N 219 
LEU OXT   HXT    sing N N 220 
LYS N     CA     sing N N 221 
LYS N     H      sing N N 222 
LYS N     H2     sing N N 223 
LYS CA    C      sing N N 224 
LYS CA    CB     sing N N 225 
LYS CA    HA     sing N N 226 
LYS C     O      doub N N 227 
LYS C     OXT    sing N N 228 
LYS CB    CG     sing N N 229 
LYS CB    HB2    sing N N 230 
LYS CB    HB3    sing N N 231 
LYS CG    CD     sing N N 232 
LYS CG    HG2    sing N N 233 
LYS CG    HG3    sing N N 234 
LYS CD    CE     sing N N 235 
LYS CD    HD2    sing N N 236 
LYS CD    HD3    sing N N 237 
LYS CE    NZ     sing N N 238 
LYS CE    HE2    sing N N 239 
LYS CE    HE3    sing N N 240 
LYS NZ    HZ1    sing N N 241 
LYS NZ    HZ2    sing N N 242 
LYS NZ    HZ3    sing N N 243 
LYS OXT   HXT    sing N N 244 
MET N     CA     sing N N 245 
MET N     H      sing N N 246 
MET N     H2     sing N N 247 
MET CA    C      sing N N 248 
MET CA    CB     sing N N 249 
MET CA    HA     sing N N 250 
MET C     O      doub N N 251 
MET C     OXT    sing N N 252 
MET CB    CG     sing N N 253 
MET CB    HB2    sing N N 254 
MET CB    HB3    sing N N 255 
MET CG    SD     sing N N 256 
MET CG    HG2    sing N N 257 
MET CG    HG3    sing N N 258 
MET SD    CE     sing N N 259 
MET CE    HE1    sing N N 260 
MET CE    HE2    sing N N 261 
MET CE    HE3    sing N N 262 
MET OXT   HXT    sing N N 263 
PHE N     CA     sing N N 264 
PHE N     H      sing N N 265 
PHE N     H2     sing N N 266 
PHE CA    C      sing N N 267 
PHE CA    CB     sing N N 268 
PHE CA    HA     sing N N 269 
PHE C     O      doub N N 270 
PHE C     OXT    sing N N 271 
PHE CB    CG     sing N N 272 
PHE CB    HB2    sing N N 273 
PHE CB    HB3    sing N N 274 
PHE CG    CD1    doub Y N 275 
PHE CG    CD2    sing Y N 276 
PHE CD1   CE1    sing Y N 277 
PHE CD1   HD1    sing N N 278 
PHE CD2   CE2    doub Y N 279 
PHE CD2   HD2    sing N N 280 
PHE CE1   CZ     doub Y N 281 
PHE CE1   HE1    sing N N 282 
PHE CE2   CZ     sing Y N 283 
PHE CE2   HE2    sing N N 284 
PHE CZ    HZ     sing N N 285 
PHE OXT   HXT    sing N N 286 
PRO N     CA     sing N N 287 
PRO N     CD     sing N N 288 
PRO N     H      sing N N 289 
PRO CA    C      sing N N 290 
PRO CA    CB     sing N N 291 
PRO CA    HA     sing N N 292 
PRO C     O      doub N N 293 
PRO C     OXT    sing N N 294 
PRO CB    CG     sing N N 295 
PRO CB    HB2    sing N N 296 
PRO CB    HB3    sing N N 297 
PRO CG    CD     sing N N 298 
PRO CG    HG2    sing N N 299 
PRO CG    HG3    sing N N 300 
PRO CD    HD2    sing N N 301 
PRO CD    HD3    sing N N 302 
PRO OXT   HXT    sing N N 303 
SER N     CA     sing N N 304 
SER N     H      sing N N 305 
SER N     H2     sing N N 306 
SER CA    C      sing N N 307 
SER CA    CB     sing N N 308 
SER CA    HA     sing N N 309 
SER C     O      doub N N 310 
SER C     OXT    sing N N 311 
SER CB    OG     sing N N 312 
SER CB    HB2    sing N N 313 
SER CB    HB3    sing N N 314 
SER OG    HG     sing N N 315 
SER OXT   HXT    sing N N 316 
THR N     CA     sing N N 317 
THR N     H      sing N N 318 
THR N     H2     sing N N 319 
THR CA    C      sing N N 320 
THR CA    CB     sing N N 321 
THR CA    HA     sing N N 322 
THR C     O      doub N N 323 
THR C     OXT    sing N N 324 
THR CB    OG1    sing N N 325 
THR CB    CG2    sing N N 326 
THR CB    HB     sing N N 327 
THR OG1   HG1    sing N N 328 
THR CG2   HG21   sing N N 329 
THR CG2   HG22   sing N N 330 
THR CG2   HG23   sing N N 331 
THR OXT   HXT    sing N N 332 
TRP N     CA     sing N N 333 
TRP N     H      sing N N 334 
TRP N     H2     sing N N 335 
TRP CA    C      sing N N 336 
TRP CA    CB     sing N N 337 
TRP CA    HA     sing N N 338 
TRP C     O      doub N N 339 
TRP C     OXT    sing N N 340 
TRP CB    CG     sing N N 341 
TRP CB    HB2    sing N N 342 
TRP CB    HB3    sing N N 343 
TRP CG    CD1    doub Y N 344 
TRP CG    CD2    sing Y N 345 
TRP CD1   NE1    sing Y N 346 
TRP CD1   HD1    sing N N 347 
TRP CD2   CE2    doub Y N 348 
TRP CD2   CE3    sing Y N 349 
TRP NE1   CE2    sing Y N 350 
TRP NE1   HE1    sing N N 351 
TRP CE2   CZ2    sing Y N 352 
TRP CE3   CZ3    doub Y N 353 
TRP CE3   HE3    sing N N 354 
TRP CZ2   CH2    doub Y N 355 
TRP CZ2   HZ2    sing N N 356 
TRP CZ3   CH2    sing Y N 357 
TRP CZ3   HZ3    sing N N 358 
TRP CH2   HH2    sing N N 359 
TRP OXT   HXT    sing N N 360 
TYR N     CA     sing N N 361 
TYR N     H      sing N N 362 
TYR N     H2     sing N N 363 
TYR CA    C      sing N N 364 
TYR CA    CB     sing N N 365 
TYR CA    HA     sing N N 366 
TYR C     O      doub N N 367 
TYR C     OXT    sing N N 368 
TYR CB    CG     sing N N 369 
TYR CB    HB2    sing N N 370 
TYR CB    HB3    sing N N 371 
TYR CG    CD1    doub Y N 372 
TYR CG    CD2    sing Y N 373 
TYR CD1   CE1    sing Y N 374 
TYR CD1   HD1    sing N N 375 
TYR CD2   CE2    doub Y N 376 
TYR CD2   HD2    sing N N 377 
TYR CE1   CZ     doub Y N 378 
TYR CE1   HE1    sing N N 379 
TYR CE2   CZ     sing Y N 380 
TYR CE2   HE2    sing N N 381 
TYR CZ    OH     sing N N 382 
TYR OH    HH     sing N N 383 
TYR OXT   HXT    sing N N 384 
VAL N     CA     sing N N 385 
VAL N     H      sing N N 386 
VAL N     H2     sing N N 387 
VAL CA    C      sing N N 388 
VAL CA    CB     sing N N 389 
VAL CA    HA     sing N N 390 
VAL C     O      doub N N 391 
VAL C     OXT    sing N N 392 
VAL CB    CG1    sing N N 393 
VAL CB    CG2    sing N N 394 
VAL CB    HB     sing N N 395 
VAL CG1   HG11   sing N N 396 
VAL CG1   HG12   sing N N 397 
VAL CG1   HG13   sing N N 398 
VAL CG2   HG21   sing N N 399 
VAL CG2   HG22   sing N N 400 
VAL CG2   HG23   sing N N 401 
VAL OXT   HXT    sing N N 402 
# 
_atom_sites.entry_id                    4OHB 
_atom_sites.fract_transf_matrix[1][1]   0.01615417 
_atom_sites.fract_transf_matrix[1][2]   0.01400246 
_atom_sites.fract_transf_matrix[1][3]   0.00525263 
_atom_sites.fract_transf_matrix[2][1]   -0.00399111 
_atom_sites.fract_transf_matrix[2][2]   0.00127183 
_atom_sites.fract_transf_matrix[2][3]   0.00888398 
_atom_sites.fract_transf_matrix[3][1]   0.00665999 
_atom_sites.fract_transf_matrix[3][2]   -0.00930550 
_atom_sites.fract_transf_matrix[3][3]   0.00432416 
_atom_sites.fract_transf_vector[1]      -0.075108 
_atom_sites.fract_transf_vector[2]      -0.116340 
_atom_sites.fract_transf_vector[3]      0.045207 
# 
loop_
_atom_type.symbol 
C 
N 
O 
P 
S 
# 
loop_
_atom_site.group_PDB 
_atom_site.id 
_atom_site.type_symbol 
_atom_site.label_atom_id 
_atom_site.label_alt_id 
_atom_site.label_comp_id 
_atom_site.label_asym_id 
_atom_site.label_entity_id 
_atom_site.label_seq_id 
_atom_site.pdbx_PDB_ins_code 
_atom_site.Cartn_x 
_atom_site.Cartn_y 
_atom_site.Cartn_z 
_atom_site.occupancy 
_atom_site.B_iso_or_equiv 
_atom_site.pdbx_formal_charge 
_atom_site.auth_seq_id 
_atom_site.auth_comp_id 
_atom_site.auth_asym_id 
_atom_site.auth_atom_id 
_atom_site.pdbx_PDB_model_num 
ATOM   1    N N     . ALA A 1 32  ? -1.256  -16.786 -9.955  1.00 67.44  ? 12  ALA A N     1 
ATOM   2    C CA    . ALA A 1 32  ? -0.904  -15.457 -10.546 1.00 68.36  ? 12  ALA A CA    1 
ATOM   3    C C     . ALA A 1 32  ? -1.901  -14.355 -10.114 1.00 67.61  ? 12  ALA A C     1 
ATOM   4    O O     . ALA A 1 32  ? -3.125  -14.531 -10.107 1.00 68.67  ? 12  ALA A O     1 
ATOM   5    C CB    . ALA A 1 32  ? -0.826  -15.550 -12.068 1.00 67.99  ? 12  ALA A CB    1 
ATOM   6    N N     . VAL A 1 33  ? -1.363  -13.200 -9.775  1.00 57.50  ? 13  VAL A N     1 
ATOM   7    C CA    . VAL A 1 33  ? -2.139  -12.196 -9.090  1.00 49.31  ? 13  VAL A CA    1 
ATOM   8    C C     . VAL A 1 33  ? -2.742  -11.159 -10.060 1.00 41.85  ? 13  VAL A C     1 
ATOM   9    O O     . VAL A 1 33  ? -2.015  -10.431 -10.740 1.00 39.34  ? 13  VAL A O     1 
ATOM   10   C CB    . VAL A 1 33  ? -1.246  -11.513 -8.039  1.00 49.21  ? 13  VAL A CB    1 
ATOM   11   C CG1   . VAL A 1 33  ? -2.108  -10.760 -7.035  1.00 45.72  ? 13  VAL A CG1   1 
ATOM   12   C CG2   . VAL A 1 33  ? -0.363  -12.557 -7.341  1.00 51.46  ? 13  VAL A CG2   1 
ATOM   13   N N     . GLY A 1 34  ? -4.064  -11.059 -10.089 1.00 37.13  ? 14  GLY A N     1 
ATOM   14   C CA    . GLY A 1 34  ? -4.738  -10.138 -11.012 1.00 36.20  ? 14  GLY A CA    1 
ATOM   15   C C     . GLY A 1 34  ? -4.522  -8.660  -10.744 1.00 35.12  ? 14  GLY A C     1 
ATOM   16   O O     . GLY A 1 34  ? -4.250  -7.881  -11.677 1.00 40.23  ? 14  GLY A O     1 
ATOM   17   N N     . SER A 1 35  ? -4.614  -8.273  -9.469  1.00 34.72  ? 15  SER A N     1 
ATOM   18   C CA    . SER A 1 35  ? -4.706  -6.850  -9.074  1.00 36.39  ? 15  SER A CA    1 
ATOM   19   C C     . SER A 1 35  ? -4.142  -6.581  -7.642  1.00 36.46  ? 15  SER A C     1 
ATOM   20   O O     . SER A 1 35  ? -4.414  -7.338  -6.717  1.00 34.48  ? 15  SER A O     1 
ATOM   21   C CB    . SER A 1 35  ? -6.188  -6.370  -9.180  1.00 34.79  ? 15  SER A CB    1 
ATOM   22   O OG    . SER A 1 35  ? -7.162  -7.380  -8.758  1.00 33.42  ? 15  SER A OG    1 
ATOM   23   N N     . VAL A 1 36  ? -3.352  -5.517  -7.498  1.00 35.41  ? 16  VAL A N     1 
ATOM   24   C CA    . VAL A 1 36  ? -2.939  -4.993  -6.191  1.00 40.14  ? 16  VAL A CA    1 
ATOM   25   C C     . VAL A 1 36  ? -3.260  -3.502  -6.037  1.00 39.21  ? 16  VAL A C     1 
ATOM   26   O O     . VAL A 1 36  ? -3.293  -2.750  -7.025  1.00 45.84  ? 16  VAL A O     1 
ATOM   27   C CB    . VAL A 1 36  ? -1.430  -5.196  -5.886  1.00 41.42  ? 16  VAL A CB    1 
ATOM   28   C CG1   . VAL A 1 36  ? -0.998  -6.609  -6.276  1.00 42.52  ? 16  VAL A CG1   1 
ATOM   29   C CG2   . VAL A 1 36  ? -0.551  -4.140  -6.547  1.00 44.23  ? 16  VAL A CG2   1 
ATOM   30   N N     . PHE A 1 37  ? -3.537  -3.094  -4.805  1.00 31.86  ? 17  PHE A N     1 
ATOM   31   C CA    . PHE A 1 37  ? -3.665  -1.687  -4.494  1.00 27.87  ? 17  PHE A CA    1 
ATOM   32   C C     . PHE A 1 37  ? -2.431  -1.391  -3.753  1.00 26.68  ? 17  PHE A C     1 
ATOM   33   O O     . PHE A 1 37  ? -2.088  -2.091  -2.769  1.00 21.65  ? 17  PHE A O     1 
ATOM   34   C CB    . PHE A 1 37  ? -4.849  -1.395  -3.578  1.00 28.99  ? 17  PHE A CB    1 
ATOM   35   C CG    . PHE A 1 37  ? -4.901  0.018   -3.117  1.00 30.31  ? 17  PHE A CG    1 
ATOM   36   C CD1   . PHE A 1 37  ? -4.236  0.414   -1.962  1.00 30.55  ? 17  PHE A CD1   1 
ATOM   37   C CD2   . PHE A 1 37  ? -5.619  0.972   -3.836  1.00 33.92  ? 17  PHE A CD2   1 
ATOM   38   C CE1   . PHE A 1 37  ? -4.286  1.727   -1.537  1.00 29.55  ? 17  PHE A CE1   1 
ATOM   39   C CE2   . PHE A 1 37  ? -5.669  2.287   -3.412  1.00 34.53  ? 17  PHE A CE2   1 
ATOM   40   C CZ    . PHE A 1 37  ? -5.012  2.655   -2.242  1.00 31.29  ? 17  PHE A CZ    1 
ATOM   41   N N     . LEU A 1 38  ? -1.754  -0.356  -4.215  1.00 25.46  ? 18  LEU A N     1 
ATOM   42   C CA    . LEU A 1 38  ? -0.546  0.038   -3.605  1.00 27.69  ? 18  LEU A CA    1 
ATOM   43   C C     . LEU A 1 38  ? -0.741  1.394   -2.926  1.00 28.76  ? 18  LEU A C     1 
ATOM   44   O O     . LEU A 1 38  ? -1.035  2.396   -3.597  1.00 28.21  ? 18  LEU A O     1 
ATOM   45   C CB    . LEU A 1 38  ? 0.570   0.088   -4.663  1.00 29.19  ? 18  LEU A CB    1 
ATOM   46   C CG    . LEU A 1 38  ? 1.891   0.680   -4.159  1.00 32.43  ? 18  LEU A CG    1 
ATOM   47   C CD1   . LEU A 1 38  ? 2.367   -0.202  -3.009  1.00 34.93  ? 18  LEU A CD1   1 
ATOM   48   C CD2   . LEU A 1 38  ? 2.993   0.844   -5.225  1.00 34.93  ? 18  LEU A CD2   1 
ATOM   49   N N     . GLY A 1 39  ? -0.524  1.441   -1.614  1.00 28.65  ? 19  GLY A N     1 
ATOM   50   C CA    . GLY A 1 39  ? -0.714  2.680   -0.869  1.00 26.69  ? 19  GLY A CA    1 
ATOM   51   C C     . GLY A 1 39  ? 0.524   3.105   -0.122  1.00 26.66  ? 19  GLY A C     1 
ATOM   52   O O     . GLY A 1 39  ? 1.509   2.343   0.040   1.00 27.07  ? 19  GLY A O     1 
ATOM   53   N N     . GLY A 1 40  ? 0.491   4.352   0.325   1.00 24.67  ? 20  GLY A N     1 
ATOM   54   C CA    . GLY A 1 40  ? 1.565   4.880   1.139   1.00 25.49  ? 20  GLY A CA    1 
ATOM   55   C C     . GLY A 1 40  ? 1.481   6.365   1.250   1.00 25.36  ? 20  GLY A C     1 
ATOM   56   O O     . GLY A 1 40  ? 0.579   6.966   0.705   1.00 27.78  ? 20  GLY A O     1 
ATOM   57   N N     . PRO A 1 41  ? 2.430   6.962   1.959   1.00 27.68  ? 21  PRO A N     1 
ATOM   58   C CA    . PRO A 1 41  ? 2.375   8.386   2.164   1.00 30.00  ? 21  PRO A CA    1 
ATOM   59   C C     . PRO A 1 41  ? 2.345   9.132   0.842   1.00 35.07  ? 21  PRO A C     1 
ATOM   60   O O     . PRO A 1 41  ? 2.911   8.694   -0.184  1.00 34.81  ? 21  PRO A O     1 
ATOM   61   C CB    . PRO A 1 41  ? 3.643   8.727   2.931   1.00 27.44  ? 21  PRO A CB    1 
ATOM   62   C CG    . PRO A 1 41  ? 4.297   7.450   3.257   1.00 28.94  ? 21  PRO A CG    1 
ATOM   63   C CD    . PRO A 1 41  ? 3.622   6.329   2.540   1.00 28.67  ? 21  PRO A CD    1 
ATOM   64   N N     . PHE A 1 42  ? 1.662   10.261  0.896   1.00 38.02  ? 22  PHE A N     1 
ATOM   65   C CA    . PHE A 1 42  ? 1.403   11.057  -0.263  1.00 36.79  ? 22  PHE A CA    1 
ATOM   66   C C     . PHE A 1 42  ? 1.592   12.520  0.149   1.00 35.91  ? 22  PHE A C     1 
ATOM   67   O O     . PHE A 1 42  ? 2.661   13.113  -0.164  1.00 34.11  ? 22  PHE A O     1 
ATOM   68   C CB    . PHE A 1 42  ? 0.005   10.752  -0.817  1.00 33.79  ? 22  PHE A CB    1 
ATOM   69   C CG    . PHE A 1 42  ? -0.212  11.196  -2.234  1.00 32.23  ? 22  PHE A CG    1 
ATOM   70   C CD1   . PHE A 1 42  ? 0.693   12.036  -2.898  1.00 39.23  ? 22  PHE A CD1   1 
ATOM   71   C CD2   . PHE A 1 42  ? -1.335  10.785  -2.902  1.00 32.57  ? 22  PHE A CD2   1 
ATOM   72   C CE1   . PHE A 1 42  ? 0.474   12.427  -4.217  1.00 39.90  ? 22  PHE A CE1   1 
ATOM   73   C CE2   . PHE A 1 42  ? -1.572  11.164  -4.218  1.00 35.77  ? 22  PHE A CE2   1 
ATOM   74   C CZ    . PHE A 1 42  ? -0.670  12.001  -4.875  1.00 38.25  ? 22  PHE A CZ    1 
ATOM   75   N N     A ARG A 1 43  ? 0.613   13.059  0.865   0.50 33.73  ? 23  ARG A N     1 
ATOM   76   N N     B ARG A 1 43  ? 0.604   13.094  0.854   0.50 36.15  ? 23  ARG A N     1 
ATOM   77   C CA    A ARG A 1 43  ? 0.562   14.478  1.146   0.50 35.95  ? 23  ARG A CA    1 
ATOM   78   C CA    B ARG A 1 43  ? 0.603   14.541  1.155   0.50 40.39  ? 23  ARG A CA    1 
ATOM   79   C C     A ARG A 1 43  ? 1.890   15.001  1.713   0.50 36.83  ? 23  ARG A C     1 
ATOM   80   C C     B ARG A 1 43  ? 1.945   14.994  1.683   0.50 39.32  ? 23  ARG A C     1 
ATOM   81   O O     A ARG A 1 43  ? 2.418   16.009  1.239   0.50 37.09  ? 23  ARG A O     1 
ATOM   82   O O     B ARG A 1 43  ? 2.531   15.951  1.173   0.50 39.05  ? 23  ARG A O     1 
ATOM   83   C CB    A ARG A 1 43  ? -0.600  14.767  2.097   0.50 33.65  ? 23  ARG A CB    1 
ATOM   84   C CB    B ARG A 1 43  ? -0.478  14.954  2.176   0.50 41.59  ? 23  ARG A CB    1 
ATOM   85   C CG    A ARG A 1 43  ? -0.913  16.238  2.237   0.50 32.71  ? 23  ARG A CG    1 
ATOM   86   C CG    B ARG A 1 43  ? 0.000   16.063  3.134   0.50 44.22  ? 23  ARG A CG    1 
ATOM   87   C CD    A ARG A 1 43  ? -1.886  16.485  3.382   0.50 32.61  ? 23  ARG A CD    1 
ATOM   88   C CD    B ARG A 1 43  ? -0.964  17.250  3.252   0.50 46.83  ? 23  ARG A CD    1 
ATOM   89   N NE    A ARG A 1 43  ? -1.978  15.331  4.278   0.50 30.88  ? 23  ARG A NE    1 
ATOM   90   N NE    B ARG A 1 43  ? -1.418  17.732  1.940   0.50 47.89  ? 23  ARG A NE    1 
ATOM   91   C CZ    A ARG A 1 43  ? -2.976  14.452  4.272   0.50 26.03  ? 23  ARG A CZ    1 
ATOM   92   C CZ    B ARG A 1 43  ? -2.679  17.699  1.516   0.50 43.04  ? 23  ARG A CZ    1 
ATOM   93   N NH1   A ARG A 1 43  ? -2.931  13.448  5.135   0.50 21.88  ? 23  ARG A NH1   1 
ATOM   94   N NH1   B ARG A 1 43  ? -2.970  18.156  0.311   0.50 39.91  ? 23  ARG A NH1   1 
ATOM   95   N NH2   A ARG A 1 43  ? -4.005  14.601  3.418   0.50 24.06  ? 23  ARG A NH2   1 
ATOM   96   N NH2   B ARG A 1 43  ? -3.645  17.239  2.307   0.50 41.20  ? 23  ARG A NH2   1 
ATOM   97   N N     . GLN A 1 44  ? 2.430   14.289  2.699   1.00 39.35  ? 24  GLN A N     1 
ATOM   98   C CA    . GLN A 1 44  ? 3.705   14.653  3.347   1.00 46.27  ? 24  GLN A CA    1 
ATOM   99   C C     . GLN A 1 44  ? 4.935   14.613  2.389   1.00 42.15  ? 24  GLN A C     1 
ATOM   100  O O     . GLN A 1 44  ? 5.937   15.305  2.621   1.00 38.65  ? 24  GLN A O     1 
ATOM   101  C CB    . GLN A 1 44  ? 3.948   13.767  4.609   1.00 50.87  ? 24  GLN A CB    1 
ATOM   102  C CG    . GLN A 1 44  ? 4.496   12.357  4.317   1.00 55.59  ? 24  GLN A CG    1 
ATOM   103  C CD    . GLN A 1 44  ? 4.456   11.398  5.523   1.00 61.98  ? 24  GLN A CD    1 
ATOM   104  O OE1   . GLN A 1 44  ? 3.398   11.208  6.162   1.00 60.21  ? 24  GLN A OE1   1 
ATOM   105  N NE2   . GLN A 1 44  ? 5.606   10.763  5.816   1.00 55.92  ? 24  GLN A NE2   1 
ATOM   106  N N     . LEU A 1 45  ? 4.857   13.799  1.341   1.00 38.59  ? 25  LEU A N     1 
ATOM   107  C CA    . LEU A 1 45  ? 5.944   13.724  0.355   1.00 42.42  ? 25  LEU A CA    1 
ATOM   108  C C     . LEU A 1 45  ? 5.856   14.754  -0.800  1.00 42.83  ? 25  LEU A C     1 
ATOM   109  O O     . LEU A 1 45  ? 6.703   14.716  -1.705  1.00 41.40  ? 25  LEU A O     1 
ATOM   110  C CB    . LEU A 1 45  ? 6.008   12.319  -0.261  1.00 39.64  ? 25  LEU A CB    1 
ATOM   111  C CG    . LEU A 1 45  ? 6.123   11.127  0.682   1.00 37.54  ? 25  LEU A CG    1 
ATOM   112  C CD1   . LEU A 1 45  ? 6.183   9.860   -0.165  1.00 40.10  ? 25  LEU A CD1   1 
ATOM   113  C CD2   . LEU A 1 45  ? 7.314   11.225  1.629   1.00 38.06  ? 25  LEU A CD2   1 
ATOM   114  N N     . VAL A 1 46  ? 4.830   15.622  -0.825  1.00 44.21  ? 26  VAL A N     1 
ATOM   115  C CA    . VAL A 1 46  ? 4.721   16.593  -1.947  1.00 45.37  ? 26  VAL A CA    1 
ATOM   116  C C     . VAL A 1 46  ? 5.528   17.832  -1.656  1.00 45.56  ? 26  VAL A C     1 
ATOM   117  O O     . VAL A 1 46  ? 5.479   18.373  -0.544  1.00 49.33  ? 26  VAL A O     1 
ATOM   118  C CB    . VAL A 1 46  ? 3.292   17.019  -2.306  1.00 42.95  ? 26  VAL A CB    1 
ATOM   119  C CG1   . VAL A 1 46  ? 3.321   18.038  -3.453  1.00 44.96  ? 26  VAL A CG1   1 
ATOM   120  C CG2   . VAL A 1 46  ? 2.445   15.813  -2.665  1.00 39.70  ? 26  VAL A CG2   1 
ATOM   121  N N     . ASP A 1 47  ? 6.300   18.272  -2.642  1.00 50.06  ? 27  ASP A N     1 
ATOM   122  C CA    . ASP A 1 47  ? 7.108   19.466  -2.466  1.00 50.92  ? 27  ASP A CA    1 
ATOM   123  C C     . ASP A 1 47  ? 6.164   20.657  -2.694  1.00 48.80  ? 27  ASP A C     1 
ATOM   124  O O     . ASP A 1 47  ? 5.524   20.765  -3.737  1.00 46.42  ? 27  ASP A O     1 
ATOM   125  C CB    . ASP A 1 47  ? 8.263   19.453  -3.443  1.00 55.42  ? 27  ASP A CB    1 
ATOM   126  C CG    . ASP A 1 47  ? 9.389   20.369  -3.040  1.00 55.28  ? 27  ASP A CG    1 
ATOM   127  O OD1   . ASP A 1 47  ? 9.143   21.348  -2.294  1.00 57.26  ? 27  ASP A OD1   1 
ATOM   128  O OD2   . ASP A 1 47  ? 10.525  20.102  -3.503  1.00 50.89  ? 27  ASP A OD2   1 
ATOM   129  N N     . PRO A 1 48  ? 6.042   21.536  -1.699  1.00 48.72  ? 28  PRO A N     1 
ATOM   130  C CA    . PRO A 1 48  ? 5.131   22.651  -1.905  1.00 55.74  ? 28  PRO A CA    1 
ATOM   131  C C     . PRO A 1 48  ? 5.566   23.557  -3.082  1.00 61.51  ? 28  PRO A C     1 
ATOM   132  O O     . PRO A 1 48  ? 4.723   24.144  -3.758  1.00 61.40  ? 28  PRO A O     1 
ATOM   133  C CB    . PRO A 1 48  ? 5.218   23.419  -0.570  1.00 56.65  ? 28  PRO A CB    1 
ATOM   134  C CG    . PRO A 1 48  ? 6.579   23.085  -0.032  1.00 59.16  ? 28  PRO A CG    1 
ATOM   135  C CD    . PRO A 1 48  ? 6.812   21.658  -0.442  1.00 54.17  ? 28  PRO A CD    1 
ATOM   136  N N     . ARG A 1 49  ? 6.872   23.652  -3.318  1.00 60.62  ? 29  ARG A N     1 
ATOM   137  C CA    . ARG A 1 49  ? 7.390   24.539  -4.338  1.00 63.01  ? 29  ARG A CA    1 
ATOM   138  C C     . ARG A 1 49  ? 7.066   24.049  -5.759  1.00 54.86  ? 29  ARG A C     1 
ATOM   139  O O     . ARG A 1 49  ? 6.758   24.852  -6.637  1.00 49.31  ? 29  ARG A O     1 
ATOM   140  C CB    . ARG A 1 49  ? 8.888   24.708  -4.130  1.00 73.62  ? 29  ARG A CB    1 
ATOM   141  C CG    . ARG A 1 49  ? 9.445   25.992  -4.722  1.00 85.38  ? 29  ARG A CG    1 
ATOM   142  C CD    . ARG A 1 49  ? 10.599  25.640  -5.646  1.00 95.17  ? 29  ARG A CD    1 
ATOM   143  N NE    . ARG A 1 49  ? 11.397  24.542  -5.083  1.00 100.26 ? 29  ARG A NE    1 
ATOM   144  C CZ    . ARG A 1 49  ? 12.128  23.672  -5.787  1.00 98.61  ? 29  ARG A CZ    1 
ATOM   145  N NH1   . ARG A 1 49  ? 12.801  22.726  -5.139  1.00 98.73  ? 29  ARG A NH1   1 
ATOM   146  N NH2   . ARG A 1 49  ? 12.200  23.735  -7.120  1.00 91.02  ? 29  ARG A NH2   1 
ATOM   147  N N     . THR A 1 50  ? 7.089   22.730  -5.956  1.00 48.57  ? 30  THR A N     1 
ATOM   148  C CA    . THR A 1 50  ? 6.839   22.094  -7.265  1.00 43.26  ? 30  THR A CA    1 
ATOM   149  C C     . THR A 1 50  ? 5.438   21.492  -7.408  1.00 42.28  ? 30  THR A C     1 
ATOM   150  O O     . THR A 1 50  ? 4.975   21.242  -8.523  1.00 41.05  ? 30  THR A O     1 
ATOM   151  C CB    . THR A 1 50  ? 7.871   20.975  -7.530  1.00 44.18  ? 30  THR A CB    1 
ATOM   152  O OG1   . THR A 1 50  ? 7.719   19.883  -6.586  1.00 43.68  ? 30  THR A OG1   1 
ATOM   153  C CG2   . THR A 1 50  ? 9.251   21.530  -7.386  1.00 43.64  ? 30  THR A CG2   1 
ATOM   154  N N     . GLY A 1 51  ? 4.764   21.258  -6.277  1.00 38.16  ? 31  GLY A N     1 
ATOM   155  C CA    . GLY A 1 51  ? 3.490   20.560  -6.283  1.00 34.06  ? 31  GLY A CA    1 
ATOM   156  C C     . GLY A 1 51  ? 3.584   19.104  -6.712  1.00 33.19  ? 31  GLY A C     1 
ATOM   157  O O     . GLY A 1 51  ? 2.578   18.508  -7.063  1.00 30.77  ? 31  GLY A O     1 
ATOM   158  N N     . VAL A 1 52  ? 4.786   18.522  -6.718  1.00 33.08  ? 32  VAL A N     1 
ATOM   159  C CA    . VAL A 1 52  ? 4.907   17.074  -6.914  1.00 32.45  ? 32  VAL A CA    1 
ATOM   160  C C     . VAL A 1 52  ? 5.899   16.428  -5.982  1.00 30.92  ? 32  VAL A C     1 
ATOM   161  O O     . VAL A 1 52  ? 6.693   17.105  -5.301  1.00 33.77  ? 32  VAL A O     1 
ATOM   162  C CB    . VAL A 1 52  ? 5.267   16.653  -8.357  1.00 35.90  ? 32  VAL A CB    1 
ATOM   163  C CG1   . VAL A 1 52  ? 4.122   16.953  -9.295  1.00 39.09  ? 32  VAL A CG1   1 
ATOM   164  C CG2   . VAL A 1 52  ? 6.578   17.278  -8.833  1.00 38.39  ? 32  VAL A CG2   1 
ATOM   165  N N     . MET A 1 53  ? 5.834   15.099  -5.949  1.00 30.26  ? 33  MET A N     1 
ATOM   166  C CA    . MET A 1 53  ? 6.821   14.303  -5.233  1.00 28.35  ? 33  MET A CA    1 
ATOM   167  C C     . MET A 1 53  ? 8.090   14.317  -6.062  1.00 28.78  ? 33  MET A C     1 
ATOM   168  O O     . MET A 1 53  ? 8.055   14.458  -7.297  1.00 29.74  ? 33  MET A O     1 
ATOM   169  C CB    . MET A 1 53  ? 6.325   12.879  -5.106  1.00 30.70  ? 33  MET A CB    1 
ATOM   170  C CG    . MET A 1 53  ? 5.106   12.699  -4.191  1.00 29.24  ? 33  MET A CG    1 
ATOM   171  S SD    . MET A 1 53  ? 4.254   11.148  -4.586  1.00 31.57  ? 33  MET A SD    1 
ATOM   172  C CE    . MET A 1 53  ? 5.551   9.929   -4.257  1.00 33.83  ? 33  MET A CE    1 
ATOM   173  N N     . SER A 1 54  ? 9.216   14.179  -5.396  1.00 28.45  ? 34  SER A N     1 
ATOM   174  C CA    . SER A 1 54  ? 10.509  14.190  -6.061  1.00 29.51  ? 34  SER A CA    1 
ATOM   175  C C     . SER A 1 54  ? 10.707  12.828  -6.727  1.00 33.19  ? 34  SER A C     1 
ATOM   176  O O     . SER A 1 54  ? 10.101  11.840  -6.297  1.00 33.76  ? 34  SER A O     1 
ATOM   177  C CB    . SER A 1 54  ? 11.612  14.455  -5.018  1.00 31.42  ? 34  SER A CB    1 
ATOM   178  O OG    . SER A 1 54  ? 11.844  13.330  -4.152  1.00 28.50  ? 34  SER A OG    1 
ATOM   179  N N     . SER A 1 55  ? 11.536  12.759  -7.772  1.00 34.64  ? 35  SER A N     1 
ATOM   180  C CA    . SER A 1 55  ? 11.890  11.469  -8.369  1.00 32.01  ? 35  SER A CA    1 
ATOM   181  C C     . SER A 1 55  ? 12.383  10.429  -7.363  1.00 30.45  ? 35  SER A C     1 
ATOM   182  O O     . SER A 1 55  ? 12.063  9.277   -7.493  1.00 30.03  ? 35  SER A O     1 
ATOM   183  C CB    . SER A 1 55  ? 12.927  11.647  -9.496  1.00 37.29  ? 35  SER A CB    1 
ATOM   184  O OG    . SER A 1 55  ? 14.167  12.221  -9.071  1.00 38.05  ? 35  SER A OG    1 
ATOM   185  N N     . GLY A 1 56  ? 13.174  10.818  -6.370  1.00 30.11  ? 36  GLY A N     1 
ATOM   186  C CA    . GLY A 1 56  ? 13.564  9.883   -5.318  1.00 32.12  ? 36  GLY A CA    1 
ATOM   187  C C     . GLY A 1 56  ? 12.406  9.257   -4.536  1.00 32.74  ? 36  GLY A C     1 
ATOM   188  O O     . GLY A 1 56  ? 12.418  8.068   -4.201  1.00 37.45  ? 36  GLY A O     1 
ATOM   189  N N     . ASP A 1 57  ? 11.399  10.051  -4.224  1.00 35.00  ? 37  ASP A N     1 
ATOM   190  C CA    . ASP A 1 57  ? 10.211  9.521   -3.550  1.00 34.22  ? 37  ASP A CA    1 
ATOM   191  C C     . ASP A 1 57  ? 9.308   8.755   -4.496  1.00 34.78  ? 37  ASP A C     1 
ATOM   192  O O     . ASP A 1 57  ? 8.754   7.737   -4.101  1.00 36.94  ? 37  ASP A O     1 
ATOM   193  C CB    . ASP A 1 57  ? 9.462   10.659  -2.870  1.00 40.85  ? 37  ASP A CB    1 
ATOM   194  C CG    . ASP A 1 57  ? 10.199  11.183  -1.620  1.00 43.14  ? 37  ASP A CG    1 
ATOM   195  O OD1   . ASP A 1 57  ? 10.904  10.371  -0.978  1.00 46.67  ? 37  ASP A OD1   1 
ATOM   196  O OD2   . ASP A 1 57  ? 10.055  12.381  -1.264  1.00 45.13  ? 37  ASP A OD2   1 
ATOM   197  N N     . GLN A 1 58  ? 9.169   9.201   -5.752  1.00 33.91  ? 38  GLN A N     1 
ATOM   198  C CA    . GLN A 1 58  ? 8.407   8.396   -6.746  1.00 38.47  ? 38  GLN A CA    1 
ATOM   199  C C     . GLN A 1 58  ? 9.085   7.046   -7.044  1.00 41.08  ? 38  GLN A C     1 
ATOM   200  O O     . GLN A 1 58  ? 8.407   6.053   -7.400  1.00 43.96  ? 38  GLN A O     1 
ATOM   201  C CB    . GLN A 1 58  ? 8.198   9.128   -8.098  1.00 37.70  ? 38  GLN A CB    1 
ATOM   202  C CG    . GLN A 1 58  ? 8.066   10.635  -8.008  1.00 41.11  ? 38  GLN A CG    1 
ATOM   203  C CD    . GLN A 1 58  ? 7.569   11.275  -9.277  1.00 40.20  ? 38  GLN A CD    1 
ATOM   204  O OE1   . GLN A 1 58  ? 7.397   10.607  -10.294 1.00 46.46  ? 38  GLN A OE1   1 
ATOM   205  N NE2   . GLN A 1 58  ? 7.329   12.580  -9.224  1.00 37.71  ? 38  GLN A NE2   1 
ATOM   206  N N     . ASN A 1 59  ? 10.423  7.064   -6.967  1.00 44.10  ? 39  ASN A N     1 
ATOM   207  C CA    . ASN A 1 59  ? 11.329  5.913   -7.149  1.00 46.32  ? 39  ASN A CA    1 
ATOM   208  C C     . ASN A 1 59  ? 10.654  4.589   -6.803  1.00 38.72  ? 39  ASN A C     1 
ATOM   209  O O     . ASN A 1 59  ? 10.382  3.743   -7.667  1.00 33.77  ? 39  ASN A O     1 
ATOM   210  C CB    . ASN A 1 59  ? 12.598  6.113   -6.242  1.00 51.49  ? 39  ASN A CB    1 
ATOM   211  C CG    . ASN A 1 59  ? 13.578  4.917   -6.273  1.00 54.81  ? 39  ASN A CG    1 
ATOM   212  O OD1   . ASN A 1 59  ? 14.041  4.412   -5.225  1.00 55.21  ? 39  ASN A OD1   1 
ATOM   213  N ND2   . ASN A 1 59  ? 13.873  4.449   -7.472  1.00 53.41  ? 39  ASN A ND2   1 
ATOM   214  N N     . VAL A 1 60  ? 10.353  4.480   -5.519  1.00 36.70  ? 40  VAL A N     1 
ATOM   215  C CA    . VAL A 1 60  ? 9.929   3.241   -4.886  1.00 38.20  ? 40  VAL A CA    1 
ATOM   216  C C     . VAL A 1 60  ? 8.569   2.820   -5.376  1.00 32.36  ? 40  VAL A C     1 
ATOM   217  O O     . VAL A 1 60  ? 8.325   1.656   -5.680  1.00 31.40  ? 40  VAL A O     1 
ATOM   218  C CB    . VAL A 1 60  ? 10.059  3.352   -3.333  1.00 42.16  ? 40  VAL A CB    1 
ATOM   219  C CG1   . VAL A 1 60  ? 9.393   4.606   -2.780  1.00 46.34  ? 40  VAL A CG1   1 
ATOM   220  C CG2   . VAL A 1 60  ? 9.544   2.102   -2.656  1.00 45.88  ? 40  VAL A CG2   1 
ATOM   221  N N     . PHE A 1 61  ? 7.688   3.779   -5.548  1.00 32.95  ? 41  PHE A N     1 
ATOM   222  C CA    . PHE A 1 61  ? 6.373   3.462   -6.087  1.00 32.31  ? 41  PHE A CA    1 
ATOM   223  C C     . PHE A 1 61  ? 6.505   2.939   -7.514  1.00 31.49  ? 41  PHE A C     1 
ATOM   224  O O     . PHE A 1 61  ? 5.897   1.924   -7.844  1.00 27.18  ? 41  PHE A O     1 
ATOM   225  C CB    . PHE A 1 61  ? 5.440   4.695   -6.005  1.00 33.14  ? 41  PHE A CB    1 
ATOM   226  C CG    . PHE A 1 61  ? 5.076   5.050   -4.594  1.00 34.17  ? 41  PHE A CG    1 
ATOM   227  C CD1   . PHE A 1 61  ? 4.142   4.272   -3.893  1.00 35.64  ? 41  PHE A CD1   1 
ATOM   228  C CD2   . PHE A 1 61  ? 5.699   6.110   -3.938  1.00 35.14  ? 41  PHE A CD2   1 
ATOM   229  C CE1   . PHE A 1 61  ? 3.831   4.567   -2.569  1.00 37.41  ? 41  PHE A CE1   1 
ATOM   230  C CE2   . PHE A 1 61  ? 5.408   6.396   -2.603  1.00 37.95  ? 41  PHE A CE2   1 
ATOM   231  C CZ    . PHE A 1 61  ? 4.472   5.632   -1.918  1.00 37.16  ? 41  PHE A CZ    1 
ATOM   232  N N     . SER A 1 62  ? 7.294   3.631   -8.346  1.00 32.61  ? 42  SER A N     1 
ATOM   233  C CA    . SER A 1 62  ? 7.392   3.289   -9.777  1.00 36.21  ? 42  SER A CA    1 
ATOM   234  C C     . SER A 1 62  ? 8.041   1.931   -9.915  1.00 37.09  ? 42  SER A C     1 
ATOM   235  O O     . SER A 1 62  ? 7.617   1.092   -10.720 1.00 34.31  ? 42  SER A O     1 
ATOM   236  C CB    . SER A 1 62  ? 8.181   4.357   -10.561 1.00 37.16  ? 42  SER A CB    1 
ATOM   237  O OG    . SER A 1 62  ? 7.315   5.459   -10.806 0.80 40.96  ? 42  SER A OG    1 
ATOM   238  N N     . ARG A 1 63  ? 9.052   1.715   -9.078  1.00 38.86  ? 43  ARG A N     1 
ATOM   239  C CA    . ARG A 1 63  ? 9.760   0.433   -9.015  1.00 41.76  ? 43  ARG A CA    1 
ATOM   240  C C     . ARG A 1 63  ? 8.780   -0.675  -8.665  1.00 38.49  ? 43  ARG A C     1 
ATOM   241  O O     . ARG A 1 63  ? 8.710   -1.707  -9.325  1.00 41.34  ? 43  ARG A O     1 
ATOM   242  C CB    . ARG A 1 63  ? 10.908  0.526   -7.985  1.00 45.70  ? 43  ARG A CB    1 
ATOM   243  C CG    . ARG A 1 63  ? 12.229  1.128   -8.518  1.00 50.05  ? 43  ARG A CG    1 
ATOM   244  C CD    . ARG A 1 63  ? 13.255  0.033   -8.800  1.00 56.10  ? 43  ARG A CD    1 
ATOM   245  N NE    . ARG A 1 63  ? 12.595  -1.137  -9.387  1.00 61.64  ? 43  ARG A NE    1 
ATOM   246  C CZ    . ARG A 1 63  ? 13.089  -2.366  -9.455  1.00 61.21  ? 43  ARG A CZ    1 
ATOM   247  N NH1   . ARG A 1 63  ? 14.314  -2.650  -9.028  1.00 59.00  ? 43  ARG A NH1   1 
ATOM   248  N NH2   . ARG A 1 63  ? 12.325  -3.315  -9.986  1.00 65.91  ? 43  ARG A NH2   1 
ATOM   249  N N     . LEU A 1 64  ? 7.969   -0.446  -7.647  1.00 37.73  ? 44  LEU A N     1 
ATOM   250  C CA    . LEU A 1 64  ? 6.976   -1.469  -7.273  1.00 39.64  ? 44  LEU A CA    1 
ATOM   251  C C     . LEU A 1 64  ? 5.898   -1.687  -8.353  1.00 37.79  ? 44  LEU A C     1 
ATOM   252  O O     . LEU A 1 64  ? 5.429   -2.820  -8.564  1.00 36.37  ? 44  LEU A O     1 
ATOM   253  C CB    . LEU A 1 64  ? 6.360   -1.143  -5.907  1.00 39.17  ? 44  LEU A CB    1 
ATOM   254  C CG    . LEU A 1 64  ? 7.103   -1.630  -4.632  1.00 41.11  ? 44  LEU A CG    1 
ATOM   255  C CD1   . LEU A 1 64  ? 8.597   -1.906  -4.830  1.00 43.62  ? 44  LEU A CD1   1 
ATOM   256  C CD2   . LEU A 1 64  ? 6.925   -0.658  -3.480  1.00 39.82  ? 44  LEU A CD2   1 
ATOM   257  N N     . ILE A 1 65  ? 5.525   -0.611  -9.044  1.00 35.14  ? 45  ILE A N     1 
ATOM   258  C CA    . ILE A 1 65  ? 4.491   -0.671  -10.116 1.00 34.77  ? 45  ILE A CA    1 
ATOM   259  C C     . ILE A 1 65  ? 4.920   -1.541  -11.287 1.00 33.09  ? 45  ILE A C     1 
ATOM   260  O O     . ILE A 1 65  ? 4.243   -2.517  -11.612 1.00 34.85  ? 45  ILE A O     1 
ATOM   261  C CB    . ILE A 1 65  ? 4.138   0.767   -10.554 1.00 35.47  ? 45  ILE A CB    1 
ATOM   262  C CG1   . ILE A 1 65  ? 3.124   1.348   -9.553  1.00 34.08  ? 45  ILE A CG1   1 
ATOM   263  C CG2   . ILE A 1 65  ? 3.593   0.828   -11.977 1.00 36.35  ? 45  ILE A CG2   1 
ATOM   264  C CD1   . ILE A 1 65  ? 3.178   2.852   -9.431  1.00 35.83  ? 45  ILE A CD1   1 
ATOM   265  N N     . GLU A 1 66  ? 6.048   -1.183  -11.887 1.00 36.55  ? 46  GLU A N     1 
ATOM   266  C CA    . GLU A 1 66  ? 6.750   -1.968  -12.919 1.00 41.04  ? 46  GLU A CA    1 
ATOM   267  C C     . GLU A 1 66  ? 6.826   -3.423  -12.586 1.00 40.08  ? 46  GLU A C     1 
ATOM   268  O O     . GLU A 1 66  ? 6.575   -4.291  -13.430 1.00 40.43  ? 46  GLU A O     1 
ATOM   269  C CB    . GLU A 1 66  ? 8.223   -1.581  -12.974 1.00 52.94  ? 46  GLU A CB    1 
ATOM   270  C CG    . GLU A 1 66  ? 8.648   -0.368  -13.773 1.00 68.10  ? 46  GLU A CG    1 
ATOM   271  C CD    . GLU A 1 66  ? 10.045  0.102   -13.323 1.00 84.32  ? 46  GLU A CD    1 
ATOM   272  O OE1   . GLU A 1 66  ? 10.869  -0.775  -12.935 1.00 83.55  ? 46  GLU A OE1   1 
ATOM   273  O OE2   . GLU A 1 66  ? 10.315  1.339   -13.319 1.00 88.91  ? 46  GLU A OE2   1 
ATOM   274  N N     . HIS A 1 67  ? 7.288   -3.692  -11.372 1.00 35.65  ? 47  HIS A N     1 
ATOM   275  C CA    . HIS A 1 67  ? 7.574   -5.039  -10.991 1.00 36.52  ? 47  HIS A CA    1 
ATOM   276  C C     . HIS A 1 67  ? 6.348   -5.909  -11.201 1.00 35.64  ? 47  HIS A C     1 
ATOM   277  O O     . HIS A 1 67  ? 6.405   -7.006  -11.805 1.00 38.29  ? 47  HIS A O     1 
ATOM   278  C CB    . HIS A 1 67  ? 8.010   -5.090  -9.532  1.00 39.91  ? 47  HIS A CB    1 
ATOM   279  C CG    . HIS A 1 67  ? 7.984   -6.474  -8.964  1.00 42.48  ? 47  HIS A CG    1 
ATOM   280  N ND1   . HIS A 1 67  ? 9.047   -7.352  -9.088  1.00 43.42  ? 47  HIS A ND1   1 
ATOM   281  C CD2   . HIS A 1 67  ? 7.000   -7.154  -8.329  1.00 40.66  ? 47  HIS A CD2   1 
ATOM   282  C CE1   . HIS A 1 67  ? 8.723   -8.503  -8.529  1.00 43.45  ? 47  HIS A CE1   1 
ATOM   283  N NE2   . HIS A 1 67  ? 7.486   -8.408  -8.061  1.00 41.11  ? 47  HIS A NE2   1 
ATOM   284  N N     . PHE A 1 68  ? 5.238   -5.399  -10.694 1.00 34.88  ? 48  PHE A N     1 
ATOM   285  C CA    . PHE A 1 68  ? 3.940   -6.047  -10.819 1.00 33.85  ? 48  PHE A CA    1 
ATOM   286  C C     . PHE A 1 68  ? 3.325   -6.027  -12.198 1.00 33.13  ? 48  PHE A C     1 
ATOM   287  O O     . PHE A 1 68  ? 2.654   -6.959  -12.602 1.00 33.25  ? 48  PHE A O     1 
ATOM   288  C CB    . PHE A 1 68  ? 2.957   -5.278  -9.951  1.00 39.66  ? 48  PHE A CB    1 
ATOM   289  C CG    . PHE A 1 68  ? 3.017   -5.631  -8.493  1.00 42.72  ? 48  PHE A CG    1 
ATOM   290  C CD1   . PHE A 1 68  ? 2.879   -6.967  -8.082  1.00 42.46  ? 48  PHE A CD1   1 
ATOM   291  C CD2   . PHE A 1 68  ? 3.156   -4.636  -7.533  1.00 44.05  ? 48  PHE A CD2   1 
ATOM   292  C CE1   . PHE A 1 68  ? 2.894   -7.302  -6.755  1.00 46.19  ? 48  PHE A CE1   1 
ATOM   293  C CE2   . PHE A 1 68  ? 3.188   -4.962  -6.194  1.00 48.31  ? 48  PHE A CE2   1 
ATOM   294  C CZ    . PHE A 1 68  ? 3.055   -6.292  -5.799  1.00 48.27  ? 48  PHE A CZ    1 
ATOM   295  N N     . GLU A 1 69  ? 3.460   -4.899  -12.877 1.00 32.58  ? 49  GLU A N     1 
ATOM   296  C CA    . GLU A 1 69  ? 2.852   -4.738  -14.182 1.00 33.86  ? 49  GLU A CA    1 
ATOM   297  C C     . GLU A 1 69  ? 3.566   -5.616  -15.192 1.00 32.47  ? 49  GLU A C     1 
ATOM   298  O O     . GLU A 1 69  ? 2.935   -6.296  -15.974 1.00 30.86  ? 49  GLU A O     1 
ATOM   299  C CB    . GLU A 1 69  ? 2.804   -3.248  -14.586 1.00 37.77  ? 49  GLU A CB    1 
ATOM   300  C CG    . GLU A 1 69  ? 1.713   -2.483  -13.816 1.00 40.60  ? 49  GLU A CG    1 
ATOM   301  C CD    . GLU A 1 69  ? 1.405   -1.074  -14.346 1.00 53.50  ? 49  GLU A CD    1 
ATOM   302  O OE1   . GLU A 1 69  ? 2.229   -0.488  -15.115 1.00 50.76  ? 49  GLU A OE1   1 
ATOM   303  O OE2   . GLU A 1 69  ? 0.313   -0.533  -13.965 1.00 61.21  ? 49  GLU A OE2   1 
ATOM   304  N N     . SER A 1 70  ? 4.886   -5.640  -15.117 1.00 33.52  ? 50  SER A N     1 
ATOM   305  C CA    . SER A 1 70  ? 5.695   -6.526  -15.944 1.00 37.83  ? 50  SER A CA    1 
ATOM   306  C C     . SER A 1 70  ? 5.289   -7.993  -15.781 1.00 35.94  ? 50  SER A C     1 
ATOM   307  O O     . SER A 1 70  ? 5.499   -8.808  -16.664 1.00 37.63  ? 50  SER A O     1 
ATOM   308  C CB    . SER A 1 70  ? 7.202   -6.331  -15.613 1.00 38.90  ? 50  SER A CB    1 
ATOM   309  O OG    . SER A 1 70  ? 7.549   -6.984  -14.388 1.00 44.93  ? 50  SER A OG    1 
ATOM   310  N N     . ARG A 1 71  ? 4.690   -8.336  -14.659 1.00 36.96  ? 51  ARG A N     1 
ATOM   311  C CA    . ARG A 1 71  ? 4.361   -9.711  -14.412 1.00 36.32  ? 51  ARG A CA    1 
ATOM   312  C C     . ARG A 1 71  ? 2.913   -9.962  -14.639 1.00 33.94  ? 51  ARG A C     1 
ATOM   313  O O     . ARG A 1 71  ? 2.415   -11.014 -14.288 1.00 33.45  ? 51  ARG A O     1 
ATOM   314  C CB    . ARG A 1 71  ? 4.771   -10.095 -12.992 1.00 41.37  ? 51  ARG A CB    1 
ATOM   315  C CG    . ARG A 1 71  ? 6.284   -10.060 -12.806 1.00 47.76  ? 51  ARG A CG    1 
ATOM   316  C CD    . ARG A 1 71  ? 6.711   -10.126 -11.355 1.00 52.51  ? 51  ARG A CD    1 
ATOM   317  N NE    . ARG A 1 71  ? 6.337   -11.410 -10.784 1.00 56.33  ? 51  ARG A NE    1 
ATOM   318  C CZ    . ARG A 1 71  ? 5.245   -11.647 -10.050 1.00 60.69  ? 51  ARG A CZ    1 
ATOM   319  N NH1   . ARG A 1 71  ? 5.020   -12.882 -9.602  1.00 55.81  ? 51  ARG A NH1   1 
ATOM   320  N NH2   . ARG A 1 71  ? 4.375   -10.671 -9.752  1.00 68.38  ? 51  ARG A NH2   1 
ATOM   321  N N     . GLY A 1 72  ? 2.219   -9.005  -15.219 1.00 34.46  ? 52  GLY A N     1 
ATOM   322  C CA    . GLY A 1 72  ? 0.815   -9.206  -15.563 1.00 37.54  ? 52  GLY A CA    1 
ATOM   323  C C     . GLY A 1 72  ? -0.225  -8.688  -14.593 1.00 38.77  ? 52  GLY A C     1 
ATOM   324  O O     . GLY A 1 72  ? -1.423  -8.895  -14.790 1.00 35.69  ? 52  GLY A O     1 
ATOM   325  N N     . THR A 1 73  ? 0.232   -8.018  -13.545 1.00 40.65  ? 53  THR A N     1 
ATOM   326  C CA    . THR A 1 73  ? -0.622  -7.700  -12.422 1.00 39.99  ? 53  THR A CA    1 
ATOM   327  C C     . THR A 1 73  ? -0.973  -6.232  -12.482 1.00 40.13  ? 53  THR A C     1 
ATOM   328  O O     . THR A 1 73  ? -0.066  -5.378  -12.475 1.00 36.86  ? 53  THR A O     1 
ATOM   329  C CB    . THR A 1 73  ? 0.091   -8.025  -11.095 1.00 39.86  ? 53  THR A CB    1 
ATOM   330  O OG1   . THR A 1 73  ? 0.337   -9.428  -11.061 1.00 38.24  ? 53  THR A OG1   1 
ATOM   331  C CG2   . THR A 1 73  ? -0.765  -7.616  -9.877  1.00 39.35  ? 53  THR A CG2   1 
ATOM   332  N N     . THR A 1 74  ? -2.284  -5.952  -12.523 1.00 38.42  ? 54  THR A N     1 
ATOM   333  C CA    . THR A 1 74  ? -2.788  -4.576  -12.579 1.00 38.85  ? 54  THR A CA    1 
ATOM   334  C C     . THR A 1 74  ? -2.514  -3.841  -11.247 1.00 38.48  ? 54  THR A C     1 
ATOM   335  O O     . THR A 1 74  ? -2.792  -4.350  -10.171 1.00 29.62  ? 54  THR A O     1 
ATOM   336  C CB    . THR A 1 74  ? -4.313  -4.561  -12.821 1.00 42.55  ? 54  THR A CB    1 
ATOM   337  O OG1   . THR A 1 74  ? -4.648  -5.403  -13.944 1.00 40.31  ? 54  THR A OG1   1 
ATOM   338  C CG2   . THR A 1 74  ? -4.811  -3.134  -13.042 1.00 42.87  ? 54  THR A CG2   1 
ATOM   339  N N     . VAL A 1 75  ? -1.959  -2.641  -11.330 1.00 37.40  ? 55  VAL A N     1 
ATOM   340  C CA    . VAL A 1 75  ? -1.686  -1.880  -10.142 1.00 38.30  ? 55  VAL A CA    1 
ATOM   341  C C     . VAL A 1 75  ? -2.556  -0.625  -10.018 1.00 38.14  ? 55  VAL A C     1 
ATOM   342  O O     . VAL A 1 75  ? -2.439  0.306   -10.816 1.00 38.41  ? 55  VAL A O     1 
ATOM   343  C CB    . VAL A 1 75  ? -0.217  -1.467  -10.114 1.00 38.21  ? 55  VAL A CB    1 
ATOM   344  C CG1   . VAL A 1 75  ? 0.046   -0.620  -8.874  1.00 40.04  ? 55  VAL A CG1   1 
ATOM   345  C CG2   . VAL A 1 75  ? 0.671   -2.705  -10.169 1.00 36.41  ? 55  VAL A CG2   1 
ATOM   346  N N     . TYR A 1 76  ? -3.397  -0.578  -8.988  1.00 36.73  ? 56  TYR A N     1 
ATOM   347  C CA    . TYR A 1 76  ? -4.108  0.656   -8.657  1.00 33.08  ? 56  TYR A CA    1 
ATOM   348  C C     . TYR A 1 76  ? -3.260  1.461   -7.698  1.00 29.53  ? 56  TYR A C     1 
ATOM   349  O O     . TYR A 1 76  ? -2.852  0.982   -6.671  1.00 30.72  ? 56  TYR A O     1 
ATOM   350  C CB    . TYR A 1 76  ? -5.442  0.350   -8.004  1.00 34.99  ? 56  TYR A CB    1 
ATOM   351  C CG    . TYR A 1 76  ? -6.343  -0.569  -8.803  1.00 36.99  ? 56  TYR A CG    1 
ATOM   352  C CD1   . TYR A 1 76  ? -6.940  -0.158  -10.005 1.00 43.25  ? 56  TYR A CD1   1 
ATOM   353  C CD2   . TYR A 1 76  ? -6.644  -1.832  -8.337  1.00 39.45  ? 56  TYR A CD2   1 
ATOM   354  C CE1   . TYR A 1 76  ? -7.819  -1.000  -10.703 1.00 41.75  ? 56  TYR A CE1   1 
ATOM   355  C CE2   . TYR A 1 76  ? -7.493  -2.676  -9.031  1.00 41.59  ? 56  TYR A CE2   1 
ATOM   356  C CZ    . TYR A 1 76  ? -8.080  -2.256  -10.204 1.00 42.67  ? 56  TYR A CZ    1 
ATOM   357  O OH    . TYR A 1 76  ? -8.899  -3.141  -10.855 1.00 46.88  ? 56  TYR A OH    1 
ATOM   358  N N     . ASN A 1 77  ? -2.999  2.705   -8.014  1.00 28.58  ? 57  ASN A N     1 
ATOM   359  C CA    . ASN A 1 77  ? -2.129  3.502   -7.190  1.00 28.51  ? 57  ASN A CA    1 
ATOM   360  C C     . ASN A 1 77  ? -2.411  4.965   -7.410  1.00 30.43  ? 57  ASN A C     1 
ATOM   361  O O     . ASN A 1 77  ? -2.317  5.520   -8.546  1.00 29.27  ? 57  ASN A O     1 
ATOM   362  C CB    . ASN A 1 77  ? -0.653  3.211   -7.478  1.00 26.94  ? 57  ASN A CB    1 
ATOM   363  C CG    . ASN A 1 77  ? 0.280   4.083   -6.648  1.00 27.68  ? 57  ASN A CG    1 
ATOM   364  O OD1   . ASN A 1 77  ? 0.374   3.965   -5.413  1.00 34.02  ? 57  ASN A OD1   1 
ATOM   365  N ND2   . ASN A 1 77  ? 0.963   4.964   -7.306  1.00 26.91  ? 57  ASN A ND2   1 
ATOM   366  N N     . ALA A 1 78  ? -2.739  5.597   -6.294  1.00 30.59  ? 58  ALA A N     1 
ATOM   367  C CA    . ALA A 1 78  ? -3.209  6.978   -6.319  1.00 29.86  ? 58  ALA A CA    1 
ATOM   368  C C     . ALA A 1 78  ? -2.118  7.942   -6.713  1.00 27.46  ? 58  ALA A C     1 
ATOM   369  O O     . ALA A 1 78  ? -2.397  8.887   -7.409  1.00 28.63  ? 58  ALA A O     1 
ATOM   370  C CB    . ALA A 1 78  ? -3.780  7.375   -4.966  1.00 30.00  ? 58  ALA A CB    1 
ATOM   371  N N     . HIS A 1 79  ? -0.887  7.689   -6.268  1.00 27.06  ? 59  HIS A N     1 
ATOM   372  C CA    . HIS A 1 79  ? 0.242   8.615   -6.515  1.00 28.04  ? 59  HIS A CA    1 
ATOM   373  C C     . HIS A 1 79  ? 0.452   8.833   -7.996  1.00 30.59  ? 59  HIS A C     1 
ATOM   374  O O     . HIS A 1 79  ? 0.676   9.955   -8.435  1.00 33.99  ? 59  HIS A O     1 
ATOM   375  C CB    . HIS A 1 79  ? 1.534   8.123   -5.892  1.00 25.97  ? 59  HIS A CB    1 
ATOM   376  C CG    . HIS A 1 79  ? 1.397   7.767   -4.453  1.00 25.03  ? 59  HIS A CG    1 
ATOM   377  N ND1   . HIS A 1 79  ? 0.680   6.674   -4.022  1.00 28.49  ? 59  HIS A ND1   1 
ATOM   378  C CD2   . HIS A 1 79  ? 1.888   8.353   -3.345  1.00 25.68  ? 59  HIS A CD2   1 
ATOM   379  C CE1   . HIS A 1 79  ? 0.736   6.601   -2.704  1.00 27.61  ? 59  HIS A CE1   1 
ATOM   380  N NE2   . HIS A 1 79  ? 1.454   7.614   -2.268  1.00 24.88  ? 59  HIS A NE2   1 
ATOM   381  N N     . ARG A 1 80  ? 0.312   7.759   -8.764  1.00 32.72  ? 60  ARG A N     1 
ATOM   382  C CA    . ARG A 1 80  ? 0.562   7.813   -10.181 1.00 37.61  ? 60  ARG A CA    1 
ATOM   383  C C     . ARG A 1 80  ? -0.679  8.354   -10.873 1.00 37.01  ? 60  ARG A C     1 
ATOM   384  O O     . ARG A 1 80  ? -0.577  9.274   -11.669 1.00 38.92  ? 60  ARG A O     1 
ATOM   385  C CB    . ARG A 1 80  ? 0.896   6.439   -10.739 1.00 38.36  ? 60  ARG A CB    1 
ATOM   386  C CG    . ARG A 1 80  ? 0.868   6.433   -12.262 1.00 40.83  ? 60  ARG A CG    1 
ATOM   387  C CD    . ARG A 1 80  ? 1.179   5.067   -12.840 1.00 40.25  ? 60  ARG A CD    1 
ATOM   388  N NE    . ARG A 1 80  ? 0.183   4.089   -12.444 1.00 42.71  ? 60  ARG A NE    1 
ATOM   389  C CZ    . ARG A 1 80  ? 0.138   2.840   -12.911 1.00 42.79  ? 60  ARG A CZ    1 
ATOM   390  N NH1   . ARG A 1 80  ? 1.046   2.461   -13.813 1.00 44.03  ? 60  ARG A NH1   1 
ATOM   391  N NH2   . ARG A 1 80  ? -0.820  1.975   -12.493 1.00 34.11  ? 60  ARG A NH2   1 
ATOM   392  N N     . ARG A 1 81  ? -1.836  7.764   -10.579 1.00 36.67  ? 61  ARG A N     1 
ATOM   393  C CA    . ARG A 1 81  ? -3.118  8.300   -11.058 1.00 39.40  ? 61  ARG A CA    1 
ATOM   394  C C     . ARG A 1 81  ? -3.264  9.828   -10.895 1.00 39.95  ? 61  ARG A C     1 
ATOM   395  O O     . ARG A 1 81  ? -3.763  10.507  -11.772 1.00 39.03  ? 61  ARG A O     1 
ATOM   396  C CB    . ARG A 1 81  ? -4.270  7.633   -10.326 1.00 41.19  ? 61  ARG A CB    1 
ATOM   397  C CG    . ARG A 1 81  ? -5.526  7.652   -11.159 1.00 42.67  ? 61  ARG A CG    1 
ATOM   398  C CD    . ARG A 1 81  ? -6.785  7.319   -10.376 1.00 42.49  ? 61  ARG A CD    1 
ATOM   399  N NE    . ARG A 1 81  ? -6.607  6.563   -9.132  1.00 41.28  ? 61  ARG A NE    1 
ATOM   400  C CZ    . ARG A 1 81  ? -6.677  7.074   -7.897  1.00 40.95  ? 61  ARG A CZ    1 
ATOM   401  N NH1   . ARG A 1 81  ? -6.531  6.265   -6.855  1.00 42.32  ? 61  ARG A NH1   1 
ATOM   402  N NH2   . ARG A 1 81  ? -6.886  8.376   -7.675  1.00 38.87  ? 61  ARG A NH2   1 
ATOM   403  N N     . GLU A 1 82  ? -2.818  10.365  -9.770  1.00 37.78  ? 62  GLU A N     1 
ATOM   404  C CA    . GLU A 1 82  ? -2.893  11.797  -9.553  1.00 39.33  ? 62  GLU A CA    1 
ATOM   405  C C     . GLU A 1 82  ? -1.597  12.511  -9.927  1.00 38.14  ? 62  GLU A C     1 
ATOM   406  O O     . GLU A 1 82  ? -1.272  13.544  -9.351  1.00 32.66  ? 62  GLU A O     1 
ATOM   407  C CB    . GLU A 1 82  ? -3.304  12.083  -8.103  1.00 40.49  ? 62  GLU A CB    1 
ATOM   408  C CG    . GLU A 1 82  ? -4.546  11.277  -7.710  1.00 43.07  ? 62  GLU A CG    1 
ATOM   409  C CD    . GLU A 1 82  ? -5.020  11.513  -6.281  1.00 43.43  ? 62  GLU A CD    1 
ATOM   410  O OE1   . GLU A 1 82  ? -5.175  12.707  -5.940  1.00 41.40  ? 62  GLU A OE1   1 
ATOM   411  O OE2   . GLU A 1 82  ? -5.274  10.505  -5.531  1.00 44.28  ? 62  GLU A OE2   1 
ATOM   412  N N     . ALA A 1 83  ? -0.865  11.960  -10.904 1.00 38.69  ? 63  ALA A N     1 
ATOM   413  C CA    . ALA A 1 83  ? 0.373   12.597  -11.421 1.00 37.07  ? 63  ALA A CA    1 
ATOM   414  C C     . ALA A 1 83  ? 1.282   13.116  -10.308 1.00 34.94  ? 63  ALA A C     1 
ATOM   415  O O     . ALA A 1 83  ? 1.865   14.216  -10.411 1.00 33.80  ? 63  ALA A O     1 
ATOM   416  C CB    . ALA A 1 83  ? 0.039   13.722  -12.396 1.00 34.47  ? 63  ALA A CB    1 
ATOM   417  N N     . TRP A 1 84  ? 1.367   12.320  -9.243  1.00 31.60  ? 64  TRP A N     1 
ATOM   418  C CA    . TRP A 1 84  ? 2.312   12.530  -8.146  1.00 32.95  ? 64  TRP A CA    1 
ATOM   419  C C     . TRP A 1 84  ? 2.142   13.857  -7.457  1.00 34.28  ? 64  TRP A C     1 
ATOM   420  O O     . TRP A 1 84  ? 3.121   14.434  -6.970  1.00 36.82  ? 64  TRP A O     1 
ATOM   421  C CB    . TRP A 1 84  ? 3.746   12.357  -8.631  1.00 34.42  ? 64  TRP A CB    1 
ATOM   422  C CG    . TRP A 1 84  ? 3.898   11.192  -9.577  1.00 36.35  ? 64  TRP A CG    1 
ATOM   423  C CD1   . TRP A 1 84  ? 3.866   11.228  -10.967 1.00 34.62  ? 64  TRP A CD1   1 
ATOM   424  C CD2   . TRP A 1 84  ? 4.082   9.819   -9.224  1.00 33.80  ? 64  TRP A CD2   1 
ATOM   425  N NE1   . TRP A 1 84  ? 4.068   9.953   -11.471 1.00 33.77  ? 64  TRP A NE1   1 
ATOM   426  C CE2   . TRP A 1 84  ? 4.209   9.085   -10.425 1.00 34.68  ? 64  TRP A CE2   1 
ATOM   427  C CE3   . TRP A 1 84  ? 4.195   9.146   -8.015  1.00 36.99  ? 64  TRP A CE3   1 
ATOM   428  C CZ2   . TRP A 1 84  ? 4.396   7.730   -10.438 1.00 38.43  ? 64  TRP A CZ2   1 
ATOM   429  C CZ3   . TRP A 1 84  ? 4.411   7.779   -8.033  1.00 34.04  ? 64  TRP A CZ3   1 
ATOM   430  C CH2   . TRP A 1 84  ? 4.497   7.095   -9.224  1.00 38.51  ? 64  TRP A CH2   1 
ATOM   431  N N     . GLY A 1 85  ? 0.891   14.314  -7.395  1.00 35.31  ? 65  GLY A N     1 
ATOM   432  C CA    . GLY A 1 85  ? 0.545   15.557  -6.744  1.00 41.55  ? 65  GLY A CA    1 
ATOM   433  C C     . GLY A 1 85  ? 0.048   16.666  -7.647  1.00 45.52  ? 65  GLY A C     1 
ATOM   434  O O     . GLY A 1 85  ? -0.454  17.682  -7.157  1.00 42.68  ? 65  GLY A O     1 
ATOM   435  N N     . ALA A 1 86  ? 0.182   16.481  -8.956  1.00 50.06  ? 66  ALA A N     1 
ATOM   436  C CA    . ALA A 1 86  ? -0.088  17.562  -9.902  1.00 54.30  ? 66  ALA A CA    1 
ATOM   437  C C     . ALA A 1 86  ? -1.572  17.634  -10.279 1.00 50.82  ? 66  ALA A C     1 
ATOM   438  O O     . ALA A 1 86  ? -2.092  18.712  -10.521 1.00 49.64  ? 66  ALA A O     1 
ATOM   439  C CB    . ALA A 1 86  ? 0.788   17.402  -11.148 1.00 48.70  ? 66  ALA A CB    1 
ATOM   440  N N     . GLU A 1 87  ? -2.224  16.478  -10.344 1.00 58.06  ? 67  GLU A N     1 
ATOM   441  C CA    . GLU A 1 87  ? -3.622  16.354  -10.757 1.00 63.82  ? 67  GLU A CA    1 
ATOM   442  C C     . GLU A 1 87  ? -4.410  16.038  -9.502  1.00 70.71  ? 67  GLU A C     1 
ATOM   443  O O     . GLU A 1 87  ? -5.009  14.960  -9.385  1.00 69.91  ? 67  GLU A O     1 
ATOM   444  C CB    . GLU A 1 87  ? -3.774  15.226  -11.792 1.00 69.27  ? 67  GLU A CB    1 
ATOM   445  C CG    . GLU A 1 87  ? -5.180  14.990  -12.366 1.00 76.26  ? 67  GLU A CG    1 
ATOM   446  C CD    . GLU A 1 87  ? -6.092  14.038  -11.548 1.00 76.87  ? 67  GLU A CD    1 
ATOM   447  O OE1   . GLU A 1 87  ? -7.258  14.435  -11.301 1.00 85.31  ? 67  GLU A OE1   1 
ATOM   448  O OE2   . GLU A 1 87  ? -5.693  12.904  -11.170 1.00 57.48  ? 67  GLU A OE2   1 
ATOM   449  N N     . PHE A 1 88  ? -4.386  16.965  -8.545  1.00 75.17  ? 68  PHE A N     1 
ATOM   450  C CA    . PHE A 1 88  ? -5.079  16.745  -7.267  1.00 79.24  ? 68  PHE A CA    1 
ATOM   451  C C     . PHE A 1 88  ? -6.621  16.707  -7.369  1.00 72.63  ? 68  PHE A C     1 
ATOM   452  O O     . PHE A 1 88  ? -7.311  17.592  -7.958  1.00 62.33  ? 68  PHE A O     1 
ATOM   453  C CB    . PHE A 1 88  ? -4.625  17.755  -6.189  1.00 91.99  ? 68  PHE A CB    1 
ATOM   454  C CG    . PHE A 1 88  ? -3.814  17.144  -5.057  1.00 94.26  ? 68  PHE A CG    1 
ATOM   455  C CD1   . PHE A 1 88  ? -2.947  16.064  -5.266  1.00 91.97  ? 68  PHE A CD1   1 
ATOM   456  C CD2   . PHE A 1 88  ? -3.895  17.686  -3.775  1.00 99.58  ? 68  PHE A CD2   1 
ATOM   457  C CE1   . PHE A 1 88  ? -2.205  15.535  -4.214  1.00 94.74  ? 68  PHE A CE1   1 
ATOM   458  C CE2   . PHE A 1 88  ? -3.154  17.155  -2.726  1.00 103.90 ? 68  PHE A CE2   1 
ATOM   459  C CZ    . PHE A 1 88  ? -2.305  16.079  -2.942  1.00 96.49  ? 68  PHE A CZ    1 
ATOM   460  N N     . LEU A 1 89  ? -7.129  15.628  -6.788  1.00 60.93  ? 69  LEU A N     1 
ATOM   461  C CA    . LEU A 1 89  ? -8.539  15.437  -6.601  1.00 55.27  ? 69  LEU A CA    1 
ATOM   462  C C     . LEU A 1 89  ? -9.127  16.310  -5.464  1.00 50.56  ? 69  LEU A C     1 
ATOM   463  O O     . LEU A 1 89  ? -8.418  17.059  -4.748  1.00 45.94  ? 69  LEU A O     1 
ATOM   464  C CB    . LEU A 1 89  ? -8.791  13.955  -6.344  1.00 51.23  ? 69  LEU A CB    1 
ATOM   465  C CG    . LEU A 1 89  ? -8.534  13.056  -7.566  1.00 55.76  ? 69  LEU A CG    1 
ATOM   466  C CD1   . LEU A 1 89  ? -8.695  11.585  -7.189  1.00 57.71  ? 69  LEU A CD1   1 
ATOM   467  C CD2   . LEU A 1 89  ? -9.434  13.386  -8.763  1.00 54.78  ? 69  LEU A CD2   1 
ATOM   468  N N     . SER A 1 90  ? -10.449 16.232  -5.355  1.00 44.45  ? 70  SER A N     1 
ATOM   469  C CA    . SER A 1 90  ? -11.161 16.715  -4.179  1.00 44.84  ? 70  SER A CA    1 
ATOM   470  C C     . SER A 1 90  ? -11.064 15.619  -3.103  1.00 39.28  ? 70  SER A C     1 
ATOM   471  O O     . SER A 1 90  ? -11.033 14.433  -3.421  1.00 36.28  ? 70  SER A O     1 
ATOM   472  C CB    . SER A 1 90  ? -12.633 17.021  -4.485  1.00 41.58  ? 70  SER A CB    1 
ATOM   473  O OG    . SER A 1 90  ? -13.438 15.860  -4.355  1.00 41.28  ? 70  SER A OG    1 
ATOM   474  N N     . PRO A 1 91  ? -10.995 16.021  -1.828  1.00 37.14  ? 71  PRO A N     1 
ATOM   475  C CA    . PRO A 1 91  ? -11.112 15.035  -0.751  1.00 34.95  ? 71  PRO A CA    1 
ATOM   476  C C     . PRO A 1 91  ? -12.118 13.924  -1.039  1.00 35.60  ? 71  PRO A C     1 
ATOM   477  O O     . PRO A 1 91  ? -11.785 12.738  -0.954  1.00 37.23  ? 71  PRO A O     1 
ATOM   478  C CB    . PRO A 1 91  ? -11.541 15.913  0.437   1.00 33.52  ? 71  PRO A CB    1 
ATOM   479  C CG    . PRO A 1 91  ? -10.713 17.170  0.225   1.00 32.46  ? 71  PRO A CG    1 
ATOM   480  C CD    . PRO A 1 91  ? -10.625 17.357  -1.294  1.00 34.61  ? 71  PRO A CD    1 
ATOM   481  N N     . ALA A 1 92  ? -13.329 14.300  -1.422  1.00 37.68  ? 72  ALA A N     1 
ATOM   482  C CA    . ALA A 1 92  ? -14.411 13.327  -1.661  1.00 38.23  ? 72  ALA A CA    1 
ATOM   483  C C     . ALA A 1 92  ? -14.161 12.379  -2.814  1.00 36.79  ? 72  ALA A C     1 
ATOM   484  O O     . ALA A 1 92  ? -14.475 11.198  -2.711  1.00 33.14  ? 72  ALA A O     1 
ATOM   485  C CB    . ALA A 1 92  ? -15.723 14.063  -1.917  1.00 40.84  ? 72  ALA A CB    1 
ATOM   486  N N     . GLU A 1 93  ? -13.671 12.916  -3.933  1.00 41.23  ? 73  GLU A N     1 
ATOM   487  C CA    . GLU A 1 93  ? -13.310 12.089  -5.098  1.00 45.34  ? 73  GLU A CA    1 
ATOM   488  C C     . GLU A 1 93  ? -12.221 11.090  -4.700  1.00 38.23  ? 73  GLU A C     1 
ATOM   489  O O     . GLU A 1 93  ? -12.344 9.883   -4.962  1.00 30.78  ? 73  GLU A O     1 
ATOM   490  C CB    . GLU A 1 93  ? -12.790 12.936  -6.277  1.00 54.75  ? 73  GLU A CB    1 
ATOM   491  C CG    . GLU A 1 93  ? -13.788 13.852  -6.981  1.00 61.36  ? 73  GLU A CG    1 
ATOM   492  C CD    . GLU A 1 93  ? -13.110 14.718  -8.080  1.00 70.46  ? 73  GLU A CD    1 
ATOM   493  O OE1   . GLU A 1 93  ? -12.296 15.651  -7.781  1.00 59.23  ? 73  GLU A OE1   1 
ATOM   494  O OE2   . GLU A 1 93  ? -13.403 14.464  -9.273  1.00 77.28  ? 73  GLU A OE2   1 
ATOM   495  N N     . ALA A 1 94  ? -11.176 11.627  -4.054  1.00 37.25  ? 74  ALA A N     1 
ATOM   496  C CA    . ALA A 1 94  ? -9.976  10.867  -3.645  1.00 40.43  ? 74  ALA A CA    1 
ATOM   497  C C     . ALA A 1 94  ? -10.342 9.713   -2.698  1.00 40.61  ? 74  ALA A C     1 
ATOM   498  O O     . ALA A 1 94  ? -9.914  8.561   -2.881  1.00 43.07  ? 74  ALA A O     1 
ATOM   499  C CB    . ALA A 1 94  ? -8.966  11.797  -3.004  1.00 37.78  ? 74  ALA A CB    1 
ATOM   500  N N     . THR A 1 95  ? -11.208 10.043  -1.746  1.00 38.87  ? 75  THR A N     1 
ATOM   501  C CA    . THR A 1 95  ? -11.754 9.103   -0.788  1.00 37.49  ? 75  THR A CA    1 
ATOM   502  C C     . THR A 1 95  ? -12.549 8.018   -1.480  1.00 34.90  ? 75  THR A C     1 
ATOM   503  O O     . THR A 1 95  ? -12.352 6.852   -1.221  1.00 35.65  ? 75  THR A O     1 
ATOM   504  C CB    . THR A 1 95  ? -12.585 9.882   0.267   1.00 38.96  ? 75  THR A CB    1 
ATOM   505  O OG1   . THR A 1 95  ? -11.719 10.783  0.968   1.00 35.39  ? 75  THR A OG1   1 
ATOM   506  C CG2   . THR A 1 95  ? -13.252 8.964   1.256   1.00 39.99  ? 75  THR A CG2   1 
ATOM   507  N N     . ARG A 1 96  ? -13.418 8.388   -2.401  1.00 39.27  ? 76  ARG A N     1 
ATOM   508  C CA    . ARG A 1 96  ? -14.241 7.402   -3.080  1.00 40.39  ? 76  ARG A CA    1 
ATOM   509  C C     . ARG A 1 96  ? -13.441 6.459   -3.993  1.00 38.61  ? 76  ARG A C     1 
ATOM   510  O O     . ARG A 1 96  ? -13.594 5.234   -3.956  1.00 41.65  ? 76  ARG A O     1 
ATOM   511  C CB    . ARG A 1 96  ? -15.333 8.126   -3.848  1.00 47.88  ? 76  ARG A CB    1 
ATOM   512  C CG    . ARG A 1 96  ? -16.391 7.226   -4.486  1.00 54.53  ? 76  ARG A CG    1 
ATOM   513  C CD    . ARG A 1 96  ? -17.212 7.998   -5.524  1.00 63.16  ? 76  ARG A CD    1 
ATOM   514  N NE    . ARG A 1 96  ? -16.348 8.578   -6.579  1.00 73.88  ? 76  ARG A NE    1 
ATOM   515  C CZ    . ARG A 1 96  ? -16.146 9.885   -6.822  1.00 74.84  ? 76  ARG A CZ    1 
ATOM   516  N NH1   . ARG A 1 96  ? -16.752 10.843  -6.107  1.00 76.51  ? 76  ARG A NH1   1 
ATOM   517  N NH2   . ARG A 1 96  ? -15.315 10.243  -7.804  1.00 71.66  ? 76  ARG A NH2   1 
ATOM   518  N N     . LEU A 1 97  ? -12.581 7.015   -4.819  1.00 40.68  ? 77  LEU A N     1 
ATOM   519  C CA    . LEU A 1 97  ? -11.713 6.182   -5.677  1.00 41.81  ? 77  LEU A CA    1 
ATOM   520  C C     . LEU A 1 97  ? -10.859 5.179   -4.912  1.00 38.02  ? 77  LEU A C     1 
ATOM   521  O O     . LEU A 1 97  ? -10.869 3.990   -5.193  1.00 34.66  ? 77  LEU A O     1 
ATOM   522  C CB    . LEU A 1 97  ? -10.793 7.079   -6.497  1.00 44.89  ? 77  LEU A CB    1 
ATOM   523  C CG    . LEU A 1 97  ? -11.409 7.314   -7.858  1.00 53.48  ? 77  LEU A CG    1 
ATOM   524  C CD1   . LEU A 1 97  ? -10.999 8.674   -8.422  1.00 59.15  ? 77  LEU A CD1   1 
ATOM   525  C CD2   . LEU A 1 97  ? -10.973 6.135   -8.741  1.00 57.23  ? 77  LEU A CD2   1 
ATOM   526  N N     . ASP A 1 98  ? -10.102 5.670   -3.946  1.00 39.14  ? 78  ASP A N     1 
ATOM   527  C CA    . ASP A 1 98  ? -9.338  4.797   -3.093  1.00 41.51  ? 78  ASP A CA    1 
ATOM   528  C C     . ASP A 1 98  ? -10.118 3.652   -2.526  1.00 41.05  ? 78  ASP A C     1 
ATOM   529  O O     . ASP A 1 98  ? -9.693  2.518   -2.687  1.00 40.06  ? 78  ASP A O     1 
ATOM   530  C CB    . ASP A 1 98  ? -8.689  5.584   -1.987  1.00 51.86  ? 78  ASP A CB    1 
ATOM   531  C CG    . ASP A 1 98  ? -7.296  5.993   -2.343  1.00 61.67  ? 78  ASP A CG    1 
ATOM   532  O OD1   . ASP A 1 98  ? -7.008  6.168   -3.554  1.00 70.03  ? 78  ASP A OD1   1 
ATOM   533  O OD2   . ASP A 1 98  ? -6.484  6.095   -1.409  1.00 72.84  ? 78  ASP A OD2   1 
ATOM   534  N N     . HIS A 1 99  ? -11.267 3.915   -1.899  1.00 39.60  ? 79  HIS A N     1 
ATOM   535  C CA    . HIS A 1 99  ? -12.093 2.812   -1.370  1.00 36.73  ? 79  HIS A CA    1 
ATOM   536  C C     . HIS A 1 99  ? -12.559 1.811   -2.457  1.00 40.73  ? 79  HIS A C     1 
ATOM   537  O O     . HIS A 1 99  ? -12.598 0.585   -2.190  1.00 37.37  ? 79  HIS A O     1 
ATOM   538  C CB    . HIS A 1 99  ? -13.291 3.351   -0.587  1.00 35.29  ? 79  HIS A CB    1 
ATOM   539  C CG    . HIS A 1 99  ? -14.042 2.296   0.168   1.00 38.61  ? 79  HIS A CG    1 
ATOM   540  N ND1   . HIS A 1 99  ? -15.237 1.763   -0.283  1.00 42.64  ? 79  HIS A ND1   1 
ATOM   541  C CD2   . HIS A 1 99  ? -13.775 1.671   1.347   1.00 42.01  ? 79  HIS A CD2   1 
ATOM   542  C CE1   . HIS A 1 99  ? -15.651 0.829   0.567   1.00 44.76  ? 79  HIS A CE1   1 
ATOM   543  N NE2   . HIS A 1 99  ? -14.789 0.762   1.572   1.00 43.59  ? 79  HIS A NE2   1 
ATOM   544  N N     . ASP A 1 100 ? -12.936 2.303   -3.658  1.00 38.81  ? 80  ASP A N     1 
ATOM   545  C CA    . ASP A 1 100 ? -13.346 1.414   -4.759  1.00 38.68  ? 80  ASP A CA    1 
ATOM   546  C C     . ASP A 1 100 ? -12.193 0.544   -5.225  1.00 36.82  ? 80  ASP A C     1 
ATOM   547  O O     . ASP A 1 100 ? -12.355 -0.641  -5.440  1.00 38.17  ? 80  ASP A O     1 
ATOM   548  C CB    . ASP A 1 100 ? -13.822 2.187   -5.994  1.00 46.31  ? 80  ASP A CB    1 
ATOM   549  C CG    . ASP A 1 100 ? -15.137 2.924   -5.781  1.00 52.44  ? 80  ASP A CG    1 
ATOM   550  O OD1   . ASP A 1 100 ? -15.975 2.511   -4.934  1.00 60.78  ? 80  ASP A OD1   1 
ATOM   551  O OD2   . ASP A 1 100 ? -15.329 3.927   -6.498  1.00 55.82  ? 80  ASP A OD2   1 
ATOM   552  N N     . GLU A 1 101 ? -11.036 1.144   -5.445  1.00 36.48  ? 81  GLU A N     1 
ATOM   553  C CA    . GLU A 1 101 ? -9.840  0.395   -5.886  1.00 38.18  ? 81  GLU A CA    1 
ATOM   554  C C     . GLU A 1 101 ? -9.408  -0.681  -4.859  1.00 38.60  ? 81  GLU A C     1 
ATOM   555  O O     . GLU A 1 101 ? -9.124  -1.852  -5.209  1.00 34.75  ? 81  GLU A O     1 
ATOM   556  C CB    . GLU A 1 101 ? -8.700  1.395   -6.178  1.00 42.08  ? 81  GLU A CB    1 
ATOM   557  C CG    . GLU A 1 101 ? -8.999  2.270   -7.399  1.00 48.86  ? 81  GLU A CG    1 
ATOM   558  C CD    . GLU A 1 101 ? -8.002  3.390   -7.648  1.00 56.38  ? 81  GLU A CD    1 
ATOM   559  O OE1   . GLU A 1 101 ? -7.051  3.534   -6.844  1.00 63.00  ? 81  GLU A OE1   1 
ATOM   560  O OE2   . GLU A 1 101 ? -8.176  4.114   -8.667  1.00 60.25  ? 81  GLU A OE2   1 
ATOM   561  N N     . ILE A 1 102 ? -9.379  -0.293  -3.584  1.00 36.69  ? 82  ILE A N     1 
ATOM   562  C CA    . ILE A 1 102 ? -9.080  -1.245  -2.516  1.00 37.37  ? 82  ILE A CA    1 
ATOM   563  C C     . ILE A 1 102 ? -10.034 -2.406  -2.591  1.00 37.47  ? 82  ILE A C     1 
ATOM   564  O O     . ILE A 1 102 ? -9.606  -3.556  -2.595  1.00 40.60  ? 82  ILE A O     1 
ATOM   565  C CB    . ILE A 1 102 ? -9.169  -0.596  -1.121  1.00 35.93  ? 82  ILE A CB    1 
ATOM   566  C CG1   . ILE A 1 102 ? -7.947  0.242   -0.892  1.00 35.51  ? 82  ILE A CG1   1 
ATOM   567  C CG2   . ILE A 1 102 ? -9.276  -1.642  -0.027  1.00 36.16  ? 82  ILE A CG2   1 
ATOM   568  C CD1   . ILE A 1 102 ? -8.207  1.373   0.068   1.00 38.50  ? 82  ILE A CD1   1 
ATOM   569  N N     . LYS A 1 103 ? -11.326 -2.107  -2.637  1.00 39.56  ? 83  LYS A N     1 
ATOM   570  C CA    . LYS A 1 103 ? -12.344 -3.171  -2.695  1.00 44.03  ? 83  LYS A CA    1 
ATOM   571  C C     . LYS A 1 103 ? -12.178 -4.052  -3.942  1.00 40.04  ? 83  LYS A C     1 
ATOM   572  O O     . LYS A 1 103 ? -12.548 -5.224  -3.924  1.00 34.97  ? 83  LYS A O     1 
ATOM   573  C CB    . LYS A 1 103 ? -13.738 -2.554  -2.630  1.00 52.01  ? 83  LYS A CB    1 
ATOM   574  C CG    . LYS A 1 103 ? -14.943 -3.436  -2.953  1.00 62.67  ? 83  LYS A CG    1 
ATOM   575  C CD    . LYS A 1 103 ? -16.209 -2.572  -2.836  1.00 76.50  ? 83  LYS A CD    1 
ATOM   576  C CE    . LYS A 1 103 ? -17.448 -3.229  -3.436  1.00 89.07  ? 83  LYS A CE    1 
ATOM   577  N NZ    . LYS A 1 103 ? -17.646 -4.601  -2.893  1.00 93.03  ? 83  LYS A NZ    1 
ATOM   578  N N     . ALA A 1 104 ? -11.604 -3.504  -5.008  1.00 37.29  ? 84  ALA A N     1 
ATOM   579  C CA    . ALA A 1 104 ? -11.500 -4.248  -6.285  1.00 40.74  ? 84  ALA A CA    1 
ATOM   580  C C     . ALA A 1 104 ? -10.228 -5.119  -6.351  1.00 39.01  ? 84  ALA A C     1 
ATOM   581  O O     . ALA A 1 104 ? -10.240 -6.182  -6.945  1.00 34.84  ? 84  ALA A O     1 
ATOM   582  C CB    . ALA A 1 104 ? -11.551 -3.278  -7.477  1.00 40.27  ? 84  ALA A CB    1 
ATOM   583  N N     . ALA A 1 105 ? -9.145  -4.634  -5.739  1.00 41.43  ? 85  ALA A N     1 
ATOM   584  C CA    . ALA A 1 105 ? -7.827  -5.262  -5.832  1.00 39.22  ? 85  ALA A CA    1 
ATOM   585  C C     . ALA A 1 105 ? -7.872  -6.548  -5.049  1.00 39.93  ? 85  ALA A C     1 
ATOM   586  O O     . ALA A 1 105 ? -8.707  -6.695  -4.164  1.00 34.91  ? 85  ALA A O     1 
ATOM   587  C CB    . ALA A 1 105 ? -6.754  -4.335  -5.298  1.00 38.67  ? 85  ALA A CB    1 
ATOM   588  N N     . ASP A 1 106 ? -7.025  -7.504  -5.435  1.00 38.97  ? 86  ASP A N     1 
ATOM   589  C CA    . ASP A 1 106 ? -7.047  -8.840  -4.833  1.00 37.15  ? 86  ASP A CA    1 
ATOM   590  C C     . ASP A 1 106 ? -6.324  -8.818  -3.482  1.00 33.57  ? 86  ASP A C     1 
ATOM   591  O O     . ASP A 1 106 ? -6.591  -9.639  -2.576  1.00 30.47  ? 86  ASP A O     1 
ATOM   592  C CB    . ASP A 1 106 ? -6.305  -9.862  -5.728  1.00 41.16  ? 86  ASP A CB    1 
ATOM   593  C CG    . ASP A 1 106 ? -7.020  -10.158 -7.053  1.00 44.35  ? 86  ASP A CG    1 
ATOM   594  O OD1   . ASP A 1 106 ? -8.244  -10.355 -7.045  1.00 41.00  ? 86  ASP A OD1   1 
ATOM   595  O OD2   . ASP A 1 106 ? -6.322  -10.241 -8.107  1.00 53.39  ? 86  ASP A OD2   1 
ATOM   596  N N     . VAL A 1 107 ? -5.329  -7.936  -3.427  1.00 30.14  ? 87  VAL A N     1 
ATOM   597  C CA    . VAL A 1 107 ? -4.375  -7.847  -2.341  1.00 31.85  ? 87  VAL A CA    1 
ATOM   598  C C     . VAL A 1 107 ? -4.035  -6.400  -2.122  1.00 30.86  ? 87  VAL A C     1 
ATOM   599  O O     . VAL A 1 107 ? -3.880  -5.651  -3.082  1.00 34.29  ? 87  VAL A O     1 
ATOM   600  C CB    . VAL A 1 107 ? -3.040  -8.532  -2.701  1.00 33.82  ? 87  VAL A CB    1 
ATOM   601  C CG1   . VAL A 1 107 ? -2.054  -8.416  -1.558  1.00 36.21  ? 87  VAL A CG1   1 
ATOM   602  C CG2   . VAL A 1 107 ? -3.246  -10.001 -3.058  1.00 36.33  ? 87  VAL A CG2   1 
ATOM   603  N N     . PHE A 1 108 ? -3.832  -6.033  -0.868  1.00 30.54  ? 88  PHE A N     1 
ATOM   604  C CA    . PHE A 1 108 ? -3.545  -4.650  -0.494  1.00 28.81  ? 88  PHE A CA    1 
ATOM   605  C C     . PHE A 1 108 ? -2.129  -4.572  -0.020  1.00 29.08  ? 88  PHE A C     1 
ATOM   606  O O     . PHE A 1 108 ? -1.723  -5.303  0.896   1.00 30.03  ? 88  PHE A O     1 
ATOM   607  C CB    . PHE A 1 108 ? -4.507  -4.247  0.624   1.00 27.29  ? 88  PHE A CB    1 
ATOM   608  C CG    . PHE A 1 108 ? -4.255  -2.879  1.204   1.00 27.31  ? 88  PHE A CG    1 
ATOM   609  C CD1   . PHE A 1 108 ? -4.891  -1.760  0.690   1.00 26.71  ? 88  PHE A CD1   1 
ATOM   610  C CD2   . PHE A 1 108 ? -3.456  -2.722  2.335   1.00 28.08  ? 88  PHE A CD2   1 
ATOM   611  C CE1   . PHE A 1 108 ? -4.696  -0.487  1.252   1.00 27.25  ? 88  PHE A CE1   1 
ATOM   612  C CE2   . PHE A 1 108 ? -3.231  -1.452  2.874   1.00 28.62  ? 88  PHE A CE2   1 
ATOM   613  C CZ    . PHE A 1 108 ? -3.870  -0.338  2.347   1.00 26.01  ? 88  PHE A CZ    1 
ATOM   614  N N     . VAL A 1 109 ? -1.376  -3.659  -0.611  1.00 28.06  ? 89  VAL A N     1 
ATOM   615  C CA    . VAL A 1 109 ? 0.008   -3.481  -0.255  1.00 27.83  ? 89  VAL A CA    1 
ATOM   616  C C     . VAL A 1 109 ? 0.260   -2.034  0.095   1.00 27.14  ? 89  VAL A C     1 
ATOM   617  O O     . VAL A 1 109 ? -0.066  -1.166  -0.687  1.00 33.70  ? 89  VAL A O     1 
ATOM   618  C CB    . VAL A 1 109 ? 0.966   -3.888  -1.397  1.00 27.09  ? 89  VAL A CB    1 
ATOM   619  C CG1   . VAL A 1 109 ? 2.405   -3.587  -1.017  1.00 25.05  ? 89  VAL A CG1   1 
ATOM   620  C CG2   . VAL A 1 109 ? 0.789   -5.350  -1.759  1.00 27.78  ? 89  VAL A CG2   1 
ATOM   621  N N     . ALA A 1 110 ? 0.863   -1.762  1.245   1.00 28.23  ? 90  ALA A N     1 
ATOM   622  C CA    . ALA A 1 110 ? 1.070   -0.372  1.615   1.00 28.60  ? 90  ALA A CA    1 
ATOM   623  C C     . ALA A 1 110 ? 2.131   -0.111  2.635   1.00 29.69  ? 90  ALA A C     1 
ATOM   624  O O     . ALA A 1 110 ? 2.496   -0.945  3.446   1.00 27.80  ? 90  ALA A O     1 
ATOM   625  C CB    . ALA A 1 110 ? -0.237  0.227   2.109   1.00 30.83  ? 90  ALA A CB    1 
ATOM   626  N N     . PHE A 1 111 ? 2.558   1.138   2.596   1.00 33.17  ? 91  PHE A N     1 
ATOM   627  C CA    . PHE A 1 111 ? 3.577   1.690   3.427   1.00 30.93  ? 91  PHE A CA    1 
ATOM   628  C C     . PHE A 1 111 ? 2.889   2.533   4.520   1.00 32.67  ? 91  PHE A C     1 
ATOM   629  O O     . PHE A 1 111 ? 2.370   3.638   4.236   1.00 29.54  ? 91  PHE A O     1 
ATOM   630  C CB    . PHE A 1 111 ? 4.367   2.666   2.600   1.00 31.06  ? 91  PHE A CB    1 
ATOM   631  C CG    . PHE A 1 111 ? 5.342   2.068   1.666   1.00 33.76  ? 91  PHE A CG    1 
ATOM   632  C CD1   . PHE A 1 111 ? 5.033   1.942   0.324   1.00 34.61  ? 91  PHE A CD1   1 
ATOM   633  C CD2   . PHE A 1 111 ? 6.639   1.792   2.089   1.00 38.46  ? 91  PHE A CD2   1 
ATOM   634  C CE1   . PHE A 1 111 ? 5.958   1.445   -0.559  1.00 35.44  ? 91  PHE A CE1   1 
ATOM   635  C CE2   . PHE A 1 111 ? 7.587   1.303   1.209   1.00 38.44  ? 91  PHE A CE2   1 
ATOM   636  C CZ    . PHE A 1 111 ? 7.240   1.123   -0.118  1.00 39.53  ? 91  PHE A CZ    1 
ATOM   637  N N     . PRO A 1 112 ? 2.906   2.067   5.777   1.00 33.62  ? 92  PRO A N     1 
ATOM   638  C CA    . PRO A 1 112 ? 2.224   2.962   6.753   1.00 31.35  ? 92  PRO A CA    1 
ATOM   639  C C     . PRO A 1 112 ? 2.853   4.370   6.907   1.00 28.63  ? 92  PRO A C     1 
ATOM   640  O O     . PRO A 1 112 ? 2.157   5.357   7.181   1.00 27.02  ? 92  PRO A O     1 
ATOM   641  C CB    . PRO A 1 112 ? 2.268   2.119   8.033   1.00 30.87  ? 92  PRO A CB    1 
ATOM   642  C CG    . PRO A 1 112 ? 2.129   0.694   7.512   1.00 30.94  ? 92  PRO A CG    1 
ATOM   643  C CD    . PRO A 1 112 ? 2.995   0.678   6.283   1.00 32.09  ? 92  PRO A CD    1 
ATOM   644  N N     . GLY A 1 113 ? 4.163   4.439   6.718   1.00 31.88  ? 93  GLY A N     1 
ATOM   645  C CA    . GLY A 1 113 ? 4.899   5.681   6.685   1.00 30.37  ? 93  GLY A CA    1 
ATOM   646  C C     . GLY A 1 113 ? 5.513   5.999   8.005   1.00 31.75  ? 93  GLY A C     1 
ATOM   647  O O     . GLY A 1 113 ? 4.943   5.703   9.052   1.00 34.27  ? 93  GLY A O     1 
ATOM   648  N N     . VAL A 1 114 ? 6.699   6.575   7.941   1.00 33.16  ? 94  VAL A N     1 
ATOM   649  C CA    . VAL A 1 114 ? 7.352   7.134   9.083   1.00 37.03  ? 94  VAL A CA    1 
ATOM   650  C C     . VAL A 1 114 ? 7.722   8.542   8.683   1.00 36.98  ? 94  VAL A C     1 
ATOM   651  O O     . VAL A 1 114 ? 8.660   8.719   7.916   1.00 38.97  ? 94  VAL A O     1 
ATOM   652  C CB    . VAL A 1 114 ? 8.685   6.419   9.462   1.00 40.70  ? 94  VAL A CB    1 
ATOM   653  C CG1   . VAL A 1 114 ? 9.334   7.136   10.656  1.00 40.73  ? 94  VAL A CG1   1 
ATOM   654  C CG2   . VAL A 1 114 ? 8.463   4.942   9.799   1.00 42.91  ? 94  VAL A CG2   1 
ATOM   655  N N     . PRO A 1 115 ? 7.039   9.547   9.230   1.00 36.55  ? 95  PRO A N     1 
ATOM   656  C CA    . PRO A 1 115 ? 5.925   9.437   10.164  1.00 37.03  ? 95  PRO A CA    1 
ATOM   657  C C     . PRO A 1 115 ? 4.680   8.889   9.503   1.00 35.88  ? 95  PRO A C     1 
ATOM   658  O O     . PRO A 1 115 ? 4.590   8.826   8.255   1.00 31.12  ? 95  PRO A O     1 
ATOM   659  C CB    . PRO A 1 115 ? 5.672   10.890  10.599  1.00 38.48  ? 95  PRO A CB    1 
ATOM   660  C CG    . PRO A 1 115 ? 6.300   11.735  9.540   1.00 39.01  ? 95  PRO A CG    1 
ATOM   661  C CD    . PRO A 1 115 ? 7.485   10.941  9.064   1.00 37.35  ? 95  PRO A CD    1 
ATOM   662  N N     . ALA A 1 116 ? 3.725   8.504   10.350  1.00 31.11  ? 96  ALA A N     1 
ATOM   663  C CA    . ALA A 1 116 ? 2.473   7.882   9.896   1.00 30.39  ? 96  ALA A CA    1 
ATOM   664  C C     . ALA A 1 116 ? 1.772   8.581   8.690   1.00 28.87  ? 96  ALA A C     1 
ATOM   665  O O     . ALA A 1 116 ? 1.734   9.801   8.622   1.00 28.30  ? 96  ALA A O     1 
ATOM   666  C CB    . ALA A 1 116 ? 1.521   7.760   11.088  1.00 28.59  ? 96  ALA A CB    1 
ATOM   667  N N     . SER A 1 117 ? 1.190   7.814   7.756   1.00 29.29  ? 97  SER A N     1 
ATOM   668  C CA    . SER A 1 117 ? 0.400   8.430   6.644   1.00 25.52  ? 97  SER A CA    1 
ATOM   669  C C     . SER A 1 117 ? -1.004  8.289   7.101   1.00 24.55  ? 97  SER A C     1 
ATOM   670  O O     . SER A 1 117 ? -1.554  7.176   7.132   1.00 24.15  ? 97  SER A O     1 
ATOM   671  C CB    . SER A 1 117 ? 0.548   7.692   5.302   1.00 25.14  ? 97  SER A CB    1 
ATOM   672  O OG    . SER A 1 117 ? -0.513  7.974   4.348   1.00 22.08  ? 97  SER A OG    1 
ATOM   673  N N     . PRO A 1 118 ? -1.635  9.426   7.383   1.00 24.93  ? 98  PRO A N     1 
ATOM   674  C CA    . PRO A 1 118 ? -3.014  9.418   7.812   1.00 22.60  ? 98  PRO A CA    1 
ATOM   675  C C     . PRO A 1 118 ? -3.921  8.678   6.861   1.00 22.30  ? 98  PRO A C     1 
ATOM   676  O O     . PRO A 1 118 ? -4.646  7.766   7.289   1.00 21.81  ? 98  PRO A O     1 
ATOM   677  C CB    . PRO A 1 118 ? -3.351  10.903  7.859   1.00 24.49  ? 98  PRO A CB    1 
ATOM   678  C CG    . PRO A 1 118 ? -2.058  11.596  8.091   1.00 23.18  ? 98  PRO A CG    1 
ATOM   679  C CD    . PRO A 1 118 ? -1.097  10.801  7.280   1.00 25.05  ? 98  PRO A CD    1 
ATOM   680  N N     . GLY A 1 119 ? -3.896  9.040   5.580   1.00 22.54  ? 99  GLY A N     1 
ATOM   681  C CA    . GLY A 1 119 ? -4.774  8.365   4.603   1.00 23.69  ? 99  GLY A CA    1 
ATOM   682  C C     . GLY A 1 119 ? -4.492  6.878   4.416   1.00 25.91  ? 99  GLY A C     1 
ATOM   683  O O     . GLY A 1 119 ? -5.406  6.048   4.188   1.00 28.99  ? 99  GLY A O     1 
ATOM   684  N N     . THR A 1 120 ? -3.227  6.510   4.562   1.00 26.39  ? 100 THR A N     1 
ATOM   685  C CA    . THR A 1 120 ? -2.866  5.109   4.459   1.00 25.20  ? 100 THR A CA    1 
ATOM   686  C C     . THR A 1 120 ? -3.451  4.329   5.647   1.00 25.47  ? 100 THR A C     1 
ATOM   687  O O     . THR A 1 120 ? -4.072  3.233   5.463   1.00 21.82  ? 100 THR A O     1 
ATOM   688  C CB    . THR A 1 120 ? -1.328  4.914   4.329   1.00 28.01  ? 100 THR A CB    1 
ATOM   689  O OG1   . THR A 1 120 ? -0.764  5.851   3.360   1.00 27.96  ? 100 THR A OG1   1 
ATOM   690  C CG2   . THR A 1 120 ? -1.015  3.482   3.884   1.00 28.09  ? 100 THR A CG2   1 
ATOM   691  N N     . HIS A 1 121 ? -3.300  4.879   6.867   1.00 25.19  ? 101 HIS A N     1 
ATOM   692  C CA    . HIS A 1 121 ? -3.911  4.200   8.031   1.00 25.18  ? 101 HIS A CA    1 
ATOM   693  C C     . HIS A 1 121 ? -5.440  4.048   7.869   1.00 25.09  ? 101 HIS A C     1 
ATOM   694  O O     . HIS A 1 121 ? -6.011  2.974   8.162   1.00 23.17  ? 101 HIS A O     1 
ATOM   695  C CB    . HIS A 1 121 ? -3.539  4.916   9.329   1.00 27.57  ? 101 HIS A CB    1 
ATOM   696  C CG    . HIS A 1 121 ? -2.115  4.698   9.735   1.00 26.85  ? 101 HIS A CG    1 
ATOM   697  N ND1   . HIS A 1 121 ? -1.056  5.217   9.026   1.00 26.92  ? 101 HIS A ND1   1 
ATOM   698  C CD2   . HIS A 1 121 ? -1.574  3.996   10.759  1.00 27.90  ? 101 HIS A CD2   1 
ATOM   699  C CE1   . HIS A 1 121 ? 0.083   4.850   9.601   1.00 27.51  ? 101 HIS A CE1   1 
ATOM   700  N NE2   . HIS A 1 121 ? -0.204  4.106   10.653  1.00 28.65  ? 101 HIS A NE2   1 
ATOM   701  N N     . VAL A 1 122 ? -6.102  5.064   7.293   1.00 26.16  ? 102 VAL A N     1 
ATOM   702  C CA    . VAL A 1 122 ? -7.546  4.884   7.010   1.00 27.45  ? 102 VAL A CA    1 
ATOM   703  C C     . VAL A 1 122 ? -7.751  3.676   6.093   1.00 26.82  ? 102 VAL A C     1 
ATOM   704  O O     . VAL A 1 122 ? -8.684  2.881   6.265   1.00 27.97  ? 102 VAL A O     1 
ATOM   705  C CB    . VAL A 1 122 ? -8.260  6.118   6.402   1.00 26.56  ? 102 VAL A CB    1 
ATOM   706  C CG1   . VAL A 1 122 ? -9.748  5.803   6.263   1.00 28.16  ? 102 VAL A CG1   1 
ATOM   707  C CG2   . VAL A 1 122 ? -8.109  7.363   7.272   1.00 24.54  ? 102 VAL A CG2   1 
ATOM   708  N N     . ALA A 1 123 ? -6.862  3.534   5.128   1.00 28.33  ? 103 ALA A N     1 
ATOM   709  C CA    . ALA A 1 123 ? -6.990  2.445   4.118   1.00 28.35  ? 103 ALA A CA    1 
ATOM   710  C C     . ALA A 1 123 ? -6.744  1.061   4.731   1.00 26.76  ? 103 ALA A C     1 
ATOM   711  O O     . ALA A 1 123 ? -7.406  0.092   4.372   1.00 26.26  ? 103 ALA A O     1 
ATOM   712  C CB    . ALA A 1 123 ? -6.021  2.696   2.969   1.00 28.50  ? 103 ALA A CB    1 
ATOM   713  N N     . ILE A 1 124 ? -5.819  0.989   5.688   1.00 26.44  ? 104 ILE A N     1 
ATOM   714  C CA    . ILE A 1 124 ? -5.553  -0.247  6.419   1.00 27.73  ? 104 ILE A CA    1 
ATOM   715  C C     . ILE A 1 124 ? -6.829  -0.647  7.185   1.00 29.18  ? 104 ILE A C     1 
ATOM   716  O O     . ILE A 1 124 ? -7.246  -1.817  7.194   1.00 28.26  ? 104 ILE A O     1 
ATOM   717  C CB    . ILE A 1 124 ? -4.328  -0.042  7.353   1.00 34.14  ? 104 ILE A CB    1 
ATOM   718  C CG1   . ILE A 1 124 ? -3.057  0.195   6.498   1.00 30.75  ? 104 ILE A CG1   1 
ATOM   719  C CG2   . ILE A 1 124 ? -4.114  -1.240  8.308   1.00 32.94  ? 104 ILE A CG2   1 
ATOM   720  C CD1   . ILE A 1 124 ? -1.804  0.639   7.243   1.00 32.20  ? 104 ILE A CD1   1 
ATOM   721  N N     . GLY A 1 125 ? -7.498  0.353   7.760   1.00 29.54  ? 105 GLY A N     1 
ATOM   722  C CA    . GLY A 1 125 ? -8.808  0.139   8.365   1.00 25.61  ? 105 GLY A CA    1 
ATOM   723  C C     . GLY A 1 125 ? -9.761  -0.415  7.338   1.00 27.09  ? 105 GLY A C     1 
ATOM   724  O O     . GLY A 1 125 ? -10.468 -1.400  7.597   1.00 25.26  ? 105 GLY A O     1 
ATOM   725  N N     . TRP A 1 126 ? -9.849  0.216   6.164   1.00 25.67  ? 106 TRP A N     1 
ATOM   726  C CA    . TRP A 1 126 ? -10.741 -0.368  5.150   1.00 23.40  ? 106 TRP A CA    1 
ATOM   727  C C     . TRP A 1 126 ? -10.355 -1.773  4.802   1.00 22.85  ? 106 TRP A C     1 
ATOM   728  O O     . TRP A 1 126 ? -11.169 -2.657  4.846   1.00 23.21  ? 106 TRP A O     1 
ATOM   729  C CB    . TRP A 1 126 ? -10.708 0.452   3.882   1.00 25.99  ? 106 TRP A CB    1 
ATOM   730  C CG    . TRP A 1 126 ? -11.382 1.767   4.058   1.00 28.52  ? 106 TRP A CG    1 
ATOM   731  C CD1   . TRP A 1 126 ? -12.439 2.054   4.897   1.00 26.62  ? 106 TRP A CD1   1 
ATOM   732  C CD2   . TRP A 1 126 ? -11.099 2.963   3.351   1.00 28.98  ? 106 TRP A CD2   1 
ATOM   733  N NE1   . TRP A 1 126 ? -12.799 3.345   4.771   1.00 27.84  ? 106 TRP A NE1   1 
ATOM   734  C CE2   . TRP A 1 126 ? -12.003 3.942   3.823   1.00 30.55  ? 106 TRP A CE2   1 
ATOM   735  C CE3   . TRP A 1 126 ? -10.184 3.304   2.353   1.00 28.87  ? 106 TRP A CE3   1 
ATOM   736  C CZ2   . TRP A 1 126 ? -12.006 5.272   3.336   1.00 31.97  ? 106 TRP A CZ2   1 
ATOM   737  C CZ3   . TRP A 1 126 ? -10.168 4.633   1.883   1.00 31.97  ? 106 TRP A CZ3   1 
ATOM   738  C CH2   . TRP A 1 126 ? -11.089 5.601   2.371   1.00 31.35  ? 106 TRP A CH2   1 
ATOM   739  N N     . ALA A 1 127 ? -9.083  -2.007  4.484   1.00 24.04  ? 107 ALA A N     1 
ATOM   740  C CA    . ALA A 1 127 ? -8.720  -3.314  3.960   1.00 23.76  ? 107 ALA A CA    1 
ATOM   741  C C     . ALA A 1 127 ? -8.841  -4.373  5.021   1.00 26.24  ? 107 ALA A C     1 
ATOM   742  O O     . ALA A 1 127 ? -9.345  -5.463  4.758   1.00 25.46  ? 107 ALA A O     1 
ATOM   743  C CB    . ALA A 1 127 ? -7.297  -3.306  3.416   1.00 24.08  ? 107 ALA A CB    1 
ATOM   744  N N     . SER A 1 128 ? -8.289  -4.104  6.208   1.00 28.23  ? 108 SER A N     1 
ATOM   745  C CA    . SER A 1 128 ? -8.378  -5.098  7.260   1.00 29.95  ? 108 SER A CA    1 
ATOM   746  C C     . SER A 1 128 ? -9.846  -5.352  7.591   1.00 31.39  ? 108 SER A C     1 
ATOM   747  O O     . SER A 1 128 ? -10.228 -6.481  7.860   1.00 31.99  ? 108 SER A O     1 
ATOM   748  C CB    . SER A 1 128 ? -7.579  -4.652  8.497   1.00 32.02  ? 108 SER A CB    1 
ATOM   749  O OG    . SER A 1 128 ? -8.042  -3.419  9.002   1.00 37.05  ? 108 SER A OG    1 
ATOM   750  N N     . GLY A 1 129 ? -10.674 -4.300  7.550   1.00 33.42  ? 109 GLY A N     1 
ATOM   751  C CA    . GLY A 1 129 ? -12.124 -4.426  7.767   1.00 33.24  ? 109 GLY A CA    1 
ATOM   752  C C     . GLY A 1 129 ? -12.847 -5.220  6.682   1.00 34.41  ? 109 GLY A C     1 
ATOM   753  O O     . GLY A 1 129 ? -13.858 -5.818  6.952   1.00 32.84  ? 109 GLY A O     1 
ATOM   754  N N     . MET A 1 130 ? -12.340 -5.266  5.451   1.00 36.45  ? 110 MET A N     1 
ATOM   755  C CA    . MET A 1 130 ? -12.921 -6.189  4.444   1.00 39.16  ? 110 MET A CA    1 
ATOM   756  C C     . MET A 1 130 ? -12.351 -7.601  4.449   1.00 39.09  ? 110 MET A C     1 
ATOM   757  O O     . MET A 1 130 ? -12.736 -8.430  3.599   1.00 43.34  ? 110 MET A O     1 
ATOM   758  C CB    . MET A 1 130 ? -12.649 -5.705  3.050   1.00 42.72  ? 110 MET A CB    1 
ATOM   759  C CG    . MET A 1 130 ? -13.038 -4.294  2.786   1.00 46.01  ? 110 MET A CG    1 
ATOM   760  S SD    . MET A 1 130 ? -12.292 -3.929  1.204   1.00 50.21  ? 110 MET A SD    1 
ATOM   761  C CE    . MET A 1 130 ? -13.196 -2.407  0.948   1.00 49.85  ? 110 MET A CE    1 
ATOM   762  N N     . GLY A 1 131 ? -11.398 -7.867  5.329   1.00 37.45  ? 111 GLY A N     1 
ATOM   763  C CA    . GLY A 1 131 ? -10.652 -9.120  5.283   1.00 37.52  ? 111 GLY A CA    1 
ATOM   764  C C     . GLY A 1 131 ? -9.815  -9.328  4.015   1.00 37.53  ? 111 GLY A C     1 
ATOM   765  O O     . GLY A 1 131 ? -9.697  -10.482 3.533   1.00 34.05  ? 111 GLY A O     1 
ATOM   766  N N     . LYS A 1 132 ? -9.212  -8.236  3.502   1.00 32.24  ? 112 LYS A N     1 
ATOM   767  C CA    . LYS A 1 132 ? -8.323  -8.322  2.347   1.00 31.17  ? 112 LYS A CA    1 
ATOM   768  C C     . LYS A 1 132 ? -7.020  -8.912  2.741   1.00 30.18  ? 112 LYS A C     1 
ATOM   769  O O     . LYS A 1 132 ? -6.511  -8.568  3.793   1.00 31.61  ? 112 LYS A O     1 
ATOM   770  C CB    . LYS A 1 132 ? -7.961  -6.962  1.797   1.00 30.99  ? 112 LYS A CB    1 
ATOM   771  C CG    . LYS A 1 132 ? -9.030  -6.335  0.970   1.00 34.37  ? 112 LYS A CG    1 
ATOM   772  C CD    . LYS A 1 132 ? -9.185  -7.040  -0.359  1.00 35.38  ? 112 LYS A CD    1 
ATOM   773  C CE    . LYS A 1 132 ? -10.466 -6.556  -1.001  1.00 34.55  ? 112 LYS A CE    1 
ATOM   774  N NZ    . LYS A 1 132 ? -10.619 -7.105  -2.365  1.00 37.01  ? 112 LYS A NZ    1 
ATOM   775  N N     . PRO A 1 133 ? -6.445  -9.785  1.876   1.00 32.00  ? 113 PRO A N     1 
ATOM   776  C CA    . PRO A 1 133 ? -5.002  -10.142 1.994   1.00 30.21  ? 113 PRO A CA    1 
ATOM   777  C C     . PRO A 1 133 ? -4.228  -8.844  1.946   1.00 28.75  ? 113 PRO A C     1 
ATOM   778  O O     . PRO A 1 133 ? -4.559  -8.010  1.095   1.00 24.98  ? 113 PRO A O     1 
ATOM   779  C CB    . PRO A 1 133 ? -4.751  -10.980 0.741   1.00 29.75  ? 113 PRO A CB    1 
ATOM   780  C CG    . PRO A 1 133 ? -6.103  -11.559 0.414   1.00 28.07  ? 113 PRO A CG    1 
ATOM   781  C CD    . PRO A 1 133 ? -7.081  -10.478 0.740   1.00 29.46  ? 113 PRO A CD    1 
ATOM   782  N N     . MET A 1 134 ? -3.290  -8.649  2.889   1.00 28.17  ? 114 MET A N     1 
ATOM   783  C CA    . MET A 1 134 ? -2.532  -7.431  2.998   1.00 27.33  ? 114 MET A CA    1 
ATOM   784  C C     . MET A 1 134 ? -1.087  -7.723  3.239   1.00 27.98  ? 114 MET A C     1 
ATOM   785  O O     . MET A 1 134 ? -0.727  -8.623  3.977   1.00 30.42  ? 114 MET A O     1 
ATOM   786  C CB    . MET A 1 134 ? -2.998  -6.574  4.161   1.00 31.63  ? 114 MET A CB    1 
ATOM   787  C CG    . MET A 1 134 ? -4.466  -6.201  4.146   1.00 38.37  ? 114 MET A CG    1 
ATOM   788  S SD    . MET A 1 134 ? -5.035  -5.658  5.787   1.00 43.13  ? 114 MET A SD    1 
ATOM   789  C CE    . MET A 1 134 ? -4.331  -4.030  5.884   1.00 42.08  ? 114 MET A CE    1 
ATOM   790  N N     . VAL A 1 135 ? -0.256  -6.933  2.598   1.00 29.46  ? 115 VAL A N     1 
ATOM   791  C CA    . VAL A 1 135 ? 1.156   -6.872  2.880   1.00 28.38  ? 115 VAL A CA    1 
ATOM   792  C C     . VAL A 1 135 ? 1.472   -5.447  3.281   1.00 27.37  ? 115 VAL A C     1 
ATOM   793  O O     . VAL A 1 135 ? 1.091   -4.501  2.621   1.00 29.07  ? 115 VAL A O     1 
ATOM   794  C CB    . VAL A 1 135 ? 2.014   -7.270  1.671   1.00 28.94  ? 115 VAL A CB    1 
ATOM   795  C CG1   . VAL A 1 135 ? 3.491   -7.134  2.032   1.00 30.23  ? 115 VAL A CG1   1 
ATOM   796  C CG2   . VAL A 1 135 ? 1.706   -8.711  1.235   1.00 29.23  ? 115 VAL A CG2   1 
ATOM   797  N N     . LEU A 1 136 ? 2.126   -5.307  4.401   1.00 29.17  ? 116 LEU A N     1 
ATOM   798  C CA    . LEU A 1 136 ? 2.502   -4.017  4.918   1.00 32.88  ? 116 LEU A CA    1 
ATOM   799  C C     . LEU A 1 136 ? 4.006   -3.866  4.975   1.00 29.89  ? 116 LEU A C     1 
ATOM   800  O O     . LEU A 1 136 ? 4.722   -4.686  5.575   1.00 26.78  ? 116 LEU A O     1 
ATOM   801  C CB    . LEU A 1 136 ? 1.921   -3.844  6.332   1.00 39.13  ? 116 LEU A CB    1 
ATOM   802  C CG    . LEU A 1 136 ? 0.379   -3.799  6.379   1.00 42.79  ? 116 LEU A CG    1 
ATOM   803  C CD1   . LEU A 1 136 ? -0.109  -3.479  7.775   1.00 44.52  ? 116 LEU A CD1   1 
ATOM   804  C CD2   . LEU A 1 136 ? -0.199  -2.787  5.392   1.00 45.07  ? 116 LEU A CD2   1 
ATOM   805  N N     . LEU A 1 137 ? 4.447   -2.740  4.433   1.00 31.62  ? 117 LEU A N     1 
ATOM   806  C CA    . LEU A 1 137 ? 5.830   -2.459  4.245   1.00 29.33  ? 117 LEU A CA    1 
ATOM   807  C C     . LEU A 1 137 ? 6.301   -1.465  5.304   1.00 28.96  ? 117 LEU A C     1 
ATOM   808  O O     . LEU A 1 137 ? 6.015   -0.265  5.248   1.00 24.69  ? 117 LEU A O     1 
ATOM   809  C CB    . LEU A 1 137 ? 6.044   -1.896  2.856   1.00 29.03  ? 117 LEU A CB    1 
ATOM   810  C CG    . LEU A 1 137 ? 5.304   -2.667  1.778   1.00 32.89  ? 117 LEU A CG    1 
ATOM   811  C CD1   . LEU A 1 137 ? 5.421   -2.007  0.400   1.00 35.52  ? 117 LEU A CD1   1 
ATOM   812  C CD2   . LEU A 1 137 ? 5.834   -4.091  1.718   1.00 33.88  ? 117 LEU A CD2   1 
ATOM   813  N N     . LEU A 1 138 ? 7.120   -1.995  6.198   1.00 28.86  ? 118 LEU A N     1 
ATOM   814  C CA    . LEU A 1 138 ? 7.603   -1.294  7.381   1.00 31.61  ? 118 LEU A CA    1 
ATOM   815  C C     . LEU A 1 138 ? 9.085   -1.130  7.314   1.00 29.98  ? 118 LEU A C     1 
ATOM   816  O O     . LEU A 1 138 ? 9.798   -2.099  7.057   1.00 31.73  ? 118 LEU A O     1 
ATOM   817  C CB    . LEU A 1 138 ? 7.246   -2.115  8.648   1.00 32.31  ? 118 LEU A CB    1 
ATOM   818  C CG    . LEU A 1 138 ? 5.794   -1.815  9.134   1.00 32.77  ? 118 LEU A CG    1 
ATOM   819  C CD1   . LEU A 1 138 ? 4.764   -2.356  8.155   1.00 32.07  ? 118 LEU A CD1   1 
ATOM   820  C CD2   . LEU A 1 138 ? 5.515   -2.344  10.548  1.00 34.15  ? 118 LEU A CD2   1 
ATOM   821  N N     . GLU A 1 139 ? 9.538   0.097   7.528   1.00 31.44  ? 119 GLU A N     1 
ATOM   822  C CA    . GLU A 1 139 ? 10.944  0.392   7.698   1.00 37.07  ? 119 GLU A CA    1 
ATOM   823  C C     . GLU A 1 139 ? 11.465  -0.373  8.917   1.00 38.17  ? 119 GLU A C     1 
ATOM   824  O O     . GLU A 1 139 ? 10.866  -0.338  9.998   1.00 41.24  ? 119 GLU A O     1 
ATOM   825  C CB    . GLU A 1 139 ? 11.191  1.879   7.893   1.00 38.46  ? 119 GLU A CB    1 
ATOM   826  C CG    . GLU A 1 139 ? 10.947  2.718   6.649   1.00 41.57  ? 119 GLU A CG    1 
ATOM   827  C CD    . GLU A 1 139 ? 11.040  4.216   6.919   1.00 40.78  ? 119 GLU A CD    1 
ATOM   828  O OE1   . GLU A 1 139 ? 11.745  4.624   7.879   1.00 47.86  ? 119 GLU A OE1   1 
ATOM   829  O OE2   . GLU A 1 139 ? 10.394  4.980   6.187   1.00 38.69  ? 119 GLU A OE2   1 
ATOM   830  N N     . ARG A 1 140 ? 12.556  -1.097  8.711   1.00 36.03  ? 120 ARG A N     1 
ATOM   831  C CA    . ARG A 1 140 ? 13.200  -1.831  9.781   1.00 37.12  ? 120 ARG A CA    1 
ATOM   832  C C     . ARG A 1 140 ? 13.718  -0.848  10.874  1.00 37.43  ? 120 ARG A C     1 
ATOM   833  O O     . ARG A 1 140 ? 14.161  0.290   10.578  1.00 34.63  ? 120 ARG A O     1 
ATOM   834  C CB    . ARG A 1 140 ? 14.308  -2.681  9.166   1.00 36.50  ? 120 ARG A CB    1 
ATOM   835  C CG    . ARG A 1 140 ? 15.094  -3.526  10.152  1.00 36.97  ? 120 ARG A CG    1 
ATOM   836  C CD    . ARG A 1 140 ? 16.161  -4.336  9.432   1.00 32.38  ? 120 ARG A CD    1 
ATOM   837  N NE    . ARG A 1 140 ? 15.533  -5.504  8.820   1.00 32.60  ? 120 ARG A NE    1 
ATOM   838  C CZ    . ARG A 1 140 ? 15.376  -5.714  7.516   1.00 33.21  ? 120 ARG A CZ    1 
ATOM   839  N NH1   . ARG A 1 140 ? 15.828  -4.850  6.594   1.00 33.88  ? 120 ARG A NH1   1 
ATOM   840  N NH2   . ARG A 1 140 ? 14.775  -6.824  7.125   1.00 35.06  ? 120 ARG A NH2   1 
ATOM   841  N N     . ASP A 1 141 ? 13.616  -1.279  12.132  1.00 38.88  ? 121 ASP A N     1 
ATOM   842  C CA    . ASP A 1 141 ? 14.102  -0.500  13.290  1.00 44.24  ? 121 ASP A CA    1 
ATOM   843  C C     . ASP A 1 141 ? 13.403  0.891   13.464  1.00 44.73  ? 121 ASP A C     1 
ATOM   844  O O     . ASP A 1 141 ? 14.021  1.879   13.903  1.00 49.22  ? 121 ASP A O     1 
ATOM   845  C CB    . ASP A 1 141 ? 15.661  -0.409  13.267  1.00 50.82  ? 121 ASP A CB    1 
ATOM   846  C CG    . ASP A 1 141 ? 16.359  -1.798  13.519  1.00 53.61  ? 121 ASP A CG    1 
ATOM   847  O OD1   . ASP A 1 141 ? 15.751  -2.697  14.162  1.00 52.11  ? 121 ASP A OD1   1 
ATOM   848  O OD2   . ASP A 1 141 ? 17.530  -1.985  13.079  1.00 60.39  ? 121 ASP A OD2   1 
ATOM   849  N N     . GLU A 1 142 ? 12.113  0.938   13.095  1.00 41.88  ? 122 GLU A N     1 
ATOM   850  C CA    . GLU A 1 142 ? 11.274  2.112   13.216  1.00 39.66  ? 122 GLU A CA    1 
ATOM   851  C C     . GLU A 1 142 ? 9.984   1.641   13.879  1.00 39.34  ? 122 GLU A C     1 
ATOM   852  O O     . GLU A 1 142 ? 9.546   0.490   13.709  1.00 34.76  ? 122 GLU A O     1 
ATOM   853  C CB    . GLU A 1 142 ? 10.939  2.744   11.860  1.00 41.96  ? 122 GLU A CB    1 
ATOM   854  C CG    . GLU A 1 142 ? 12.090  3.295   11.004  1.00 50.41  ? 122 GLU A CG    1 
ATOM   855  C CD    . GLU A 1 142 ? 12.862  4.470   11.632  1.00 61.12  ? 122 GLU A CD    1 
ATOM   856  O OE1   . GLU A 1 142 ? 12.601  4.828   12.815  1.00 73.17  ? 122 GLU A OE1   1 
ATOM   857  O OE2   . GLU A 1 142 ? 13.760  5.031   10.946  1.00 56.56  ? 122 GLU A OE2   1 
ATOM   858  N N     . ASP A 1 143 ? 9.371   2.550   14.623  1.00 43.76  ? 123 ASP A N     1 
ATOM   859  C CA    . ASP A 1 143 ? 8.149   2.263   15.401  1.00 44.56  ? 123 ASP A CA    1 
ATOM   860  C C     . ASP A 1 143 ? 6.891   2.592   14.605  1.00 39.00  ? 123 ASP A C     1 
ATOM   861  O O     . ASP A 1 143 ? 6.833   3.626   13.928  1.00 37.09  ? 123 ASP A O     1 
ATOM   862  C CB    . ASP A 1 143 ? 8.176   3.074   16.696  1.00 48.48  ? 123 ASP A CB    1 
ATOM   863  C CG    . ASP A 1 143 ? 9.424   2.767   17.539  1.00 56.42  ? 123 ASP A CG    1 
ATOM   864  O OD1   . ASP A 1 143 ? 10.018  1.663   17.351  1.00 51.39  ? 123 ASP A OD1   1 
ATOM   865  O OD2   . ASP A 1 143 ? 9.817   3.633   18.364  1.00 61.92  ? 123 ASP A OD2   1 
ATOM   866  N N     . TYR A 1 144 ? 5.919   1.687   14.704  1.00 33.83  ? 124 TYR A N     1 
ATOM   867  C CA    . TYR A 1 144 ? 4.644   1.746   13.996  1.00 33.40  ? 124 TYR A CA    1 
ATOM   868  C C     . TYR A 1 144 ? 3.551   1.581   15.039  1.00 32.85  ? 124 TYR A C     1 
ATOM   869  O O     . TYR A 1 144 ? 3.825   1.200   16.171  1.00 32.64  ? 124 TYR A O     1 
ATOM   870  C CB    . TYR A 1 144 ? 4.584   0.619   12.916  1.00 31.44  ? 124 TYR A CB    1 
ATOM   871  C CG    . TYR A 1 144 ? 5.435   0.971   11.697  1.00 31.01  ? 124 TYR A CG    1 
ATOM   872  C CD1   . TYR A 1 144 ? 4.885   1.710   10.626  1.00 30.31  ? 124 TYR A CD1   1 
ATOM   873  C CD2   . TYR A 1 144 ? 6.795   0.616   11.623  1.00 32.38  ? 124 TYR A CD2   1 
ATOM   874  C CE1   . TYR A 1 144 ? 5.641   2.083   9.549   1.00 28.57  ? 124 TYR A CE1   1 
ATOM   875  C CE2   . TYR A 1 144 ? 7.571   0.984   10.519  1.00 31.82  ? 124 TYR A CE2   1 
ATOM   876  C CZ    . TYR A 1 144 ? 6.962   1.708   9.486   1.00 31.34  ? 124 TYR A CZ    1 
ATOM   877  O OH    . TYR A 1 144 ? 7.662   2.069   8.374   1.00 30.75  ? 124 TYR A OH    1 
ATOM   878  N N     . ALA A 1 145 ? 2.305   1.845   14.672  1.00 30.97  ? 125 ALA A N     1 
ATOM   879  C CA    . ALA A 1 145 ? 1.239   1.807   15.658  1.00 32.03  ? 125 ALA A CA    1 
ATOM   880  C C     . ALA A 1 145 ? 0.819   0.401   16.119  1.00 31.51  ? 125 ALA A C     1 
ATOM   881  O O     . ALA A 1 145 ? 0.764   -0.561  15.331  1.00 33.88  ? 125 ALA A O     1 
ATOM   882  C CB    . ALA A 1 145 ? 0.039   2.555   15.122  1.00 34.82  ? 125 ALA A CB    1 
ATOM   883  N N     . PHE A 1 146 ? 0.459   0.294   17.389  1.00 30.64  ? 126 PHE A N     1 
ATOM   884  C CA    . PHE A 1 146 ? -0.213  -0.928  17.923  1.00 30.72  ? 126 PHE A CA    1 
ATOM   885  C C     . PHE A 1 146 ? -1.309  -1.521  17.040  1.00 31.60  ? 126 PHE A C     1 
ATOM   886  O O     . PHE A 1 146 ? -1.371  -2.752  16.796  1.00 30.04  ? 126 PHE A O     1 
ATOM   887  C CB    . PHE A 1 146 ? -0.825  -0.628  19.307  1.00 33.80  ? 126 PHE A CB    1 
ATOM   888  C CG    . PHE A 1 146 ? 0.110   -0.862  20.462  1.00 34.97  ? 126 PHE A CG    1 
ATOM   889  C CD1   . PHE A 1 146 ? 1.444   -0.405  20.430  1.00 36.00  ? 126 PHE A CD1   1 
ATOM   890  C CD2   . PHE A 1 146 ? -0.349  -1.509  21.608  1.00 37.72  ? 126 PHE A CD2   1 
ATOM   891  C CE1   . PHE A 1 146 ? 2.298   -0.618  21.524  1.00 40.54  ? 126 PHE A CE1   1 
ATOM   892  C CE2   . PHE A 1 146 ? 0.497   -1.715  22.703  1.00 39.61  ? 126 PHE A CE2   1 
ATOM   893  C CZ    . PHE A 1 146 ? 1.815   -1.288  22.668  1.00 38.07  ? 126 PHE A CZ    1 
ATOM   894  N N     . LEU A 1 147 ? -2.218  -0.676  16.566  1.00 34.38  ? 127 LEU A N     1 
ATOM   895  C CA    . LEU A 1 147 ? -3.291  -1.196  15.686  1.00 38.05  ? 127 LEU A CA    1 
ATOM   896  C C     . LEU A 1 147 ? -2.840  -1.503  14.248  1.00 41.26  ? 127 LEU A C     1 
ATOM   897  O O     . LEU A 1 147 ? -3.623  -1.966  13.425  1.00 41.41  ? 127 LEU A O     1 
ATOM   898  C CB    . LEU A 1 147 ? -4.477  -0.235  15.652  1.00 42.68  ? 127 LEU A CB    1 
ATOM   899  C CG    . LEU A 1 147 ? -5.024  0.308   16.992  1.00 46.32  ? 127 LEU A CG    1 
ATOM   900  C CD1   . LEU A 1 147 ? -6.486  0.687   16.761  1.00 45.29  ? 127 LEU A CD1   1 
ATOM   901  C CD2   . LEU A 1 147 ? -4.859  -0.617  18.203  1.00 42.05  ? 127 LEU A CD2   1 
ATOM   902  N N     . VAL A 1 148 ? -1.581  -1.200  13.942  1.00 43.17  ? 128 VAL A N     1 
ATOM   903  C CA    . VAL A 1 148 ? -0.935  -1.696  12.757  1.00 38.69  ? 128 VAL A CA    1 
ATOM   904  C C     . VAL A 1 148 ? -0.269  -3.027  13.070  1.00 36.63  ? 128 VAL A C     1 
ATOM   905  O O     . VAL A 1 148 ? -0.680  -4.053  12.556  1.00 34.16  ? 128 VAL A O     1 
ATOM   906  C CB    . VAL A 1 148 ? 0.067   -0.660  12.231  1.00 40.30  ? 128 VAL A CB    1 
ATOM   907  C CG1   . VAL A 1 148 ? 0.894   -1.214  11.088  1.00 42.05  ? 128 VAL A CG1   1 
ATOM   908  C CG2   . VAL A 1 148 ? -0.696  0.584   11.796  1.00 42.70  ? 128 VAL A CG2   1 
ATOM   909  N N     . THR A 1 149 ? 0.701   -3.021  13.974  1.00 38.27  ? 129 THR A N     1 
ATOM   910  C CA    . THR A 1 149 ? 1.459   -4.239  14.255  1.00 36.93  ? 129 THR A CA    1 
ATOM   911  C C     . THR A 1 149 ? 0.538   -5.375  14.767  1.00 36.71  ? 129 THR A C     1 
ATOM   912  O O     . THR A 1 149 ? 0.688   -6.561  14.392  1.00 34.28  ? 129 THR A O     1 
ATOM   913  C CB    . THR A 1 149 ? 2.631   -3.928  15.217  1.00 39.95  ? 129 THR A CB    1 
ATOM   914  O OG1   . THR A 1 149 ? 2.121   -3.515  16.483  1.00 43.94  ? 129 THR A OG1   1 
ATOM   915  C CG2   . THR A 1 149 ? 3.514   -2.813  14.657  1.00 35.63  ? 129 THR A CG2   1 
ATOM   916  N N     . GLY A 1 150 ? -0.480  -4.994  15.537  1.00 35.98  ? 130 GLY A N     1 
ATOM   917  C CA    . GLY A 1 150 ? -1.464  -5.944  16.080  1.00 34.36  ? 130 GLY A CA    1 
ATOM   918  C C     . GLY A 1 150 ? -2.352  -6.668  15.088  1.00 36.09  ? 130 GLY A C     1 
ATOM   919  O O     . GLY A 1 150 ? -3.038  -7.648  15.445  1.00 31.60  ? 130 GLY A O     1 
ATOM   920  N N     . LEU A 1 151 ? -2.369  -6.193  13.843  1.00 37.40  ? 131 LEU A N     1 
ATOM   921  C CA    . LEU A 1 151 ? -3.057  -6.939  12.779  1.00 36.14  ? 131 LEU A CA    1 
ATOM   922  C C     . LEU A 1 151 ? -2.319  -8.201  12.317  1.00 36.32  ? 131 LEU A C     1 
ATOM   923  O O     . LEU A 1 151 ? -2.947  -9.085  11.767  1.00 38.12  ? 131 LEU A O     1 
ATOM   924  C CB    . LEU A 1 151 ? -3.290  -6.039  11.580  1.00 35.06  ? 131 LEU A CB    1 
ATOM   925  C CG    . LEU A 1 151 ? -4.153  -4.799  11.855  1.00 36.97  ? 131 LEU A CG    1 
ATOM   926  C CD1   . LEU A 1 151 ? -3.860  -3.693  10.839  1.00 39.27  ? 131 LEU A CD1   1 
ATOM   927  C CD2   . LEU A 1 151 ? -5.628  -5.167  11.822  1.00 35.97  ? 131 LEU A CD2   1 
ATOM   928  N N     . GLU A 1 152 ? -1.001  -8.277  12.491  1.00 41.62  ? 132 GLU A N     1 
ATOM   929  C CA    . GLU A 1 152 ? -0.239  -9.511  12.178  1.00 51.45  ? 132 GLU A CA    1 
ATOM   930  C C     . GLU A 1 152 ? -0.892  -10.616 12.979  1.00 54.99  ? 132 GLU A C     1 
ATOM   931  O O     . GLU A 1 152 ? -1.089  -10.446 14.184  1.00 60.54  ? 132 GLU A O     1 
ATOM   932  C CB    . GLU A 1 152 ? 1.203   -9.330  12.621  1.00 54.80  ? 132 GLU A CB    1 
ATOM   933  C CG    . GLU A 1 152 ? 2.200   -10.443 12.347  1.00 60.61  ? 132 GLU A CG    1 
ATOM   934  C CD    . GLU A 1 152 ? 3.638   -10.013 12.771  1.00 68.65  ? 132 GLU A CD    1 
ATOM   935  O OE1   . GLU A 1 152 ? 3.830   -9.628  13.963  1.00 63.04  ? 132 GLU A OE1   1 
ATOM   936  O OE2   . GLU A 1 152 ? 4.583   -10.036 11.922  1.00 57.88  ? 132 GLU A OE2   1 
ATOM   937  N N     . SER A 1 153 ? -1.292  -11.707 12.323  1.00 57.55  ? 133 SER A N     1 
ATOM   938  C CA    . SER A 1 153 ? -1.987  -12.814 13.018  1.00 64.45  ? 133 SER A CA    1 
ATOM   939  C C     . SER A 1 153 ? -3.484  -12.548 13.202  1.00 66.47  ? 133 SER A C     1 
ATOM   940  O O     . SER A 1 153 ? -4.321  -13.364 12.799  1.00 75.38  ? 133 SER A O     1 
ATOM   941  C CB    . SER A 1 153 ? -1.393  -13.052 14.416  1.00 64.28  ? 133 SER A CB    1 
ATOM   942  O OG    . SER A 1 153 ? -1.857  -12.055 15.343  1.00 57.96  ? 133 SER A OG    1 
ATOM   943  N N     . GLN A 1 154 ? -3.800  -11.427 13.860  1.00 59.15  ? 134 GLN A N     1 
ATOM   944  C CA    . GLN A 1 154 ? -5.187  -10.982 14.100  1.00 58.35  ? 134 GLN A CA    1 
ATOM   945  C C     . GLN A 1 154 ? -6.006  -10.877 12.788  1.00 57.53  ? 134 GLN A C     1 
ATOM   946  O O     . GLN A 1 154 ? -7.182  -11.262 12.750  1.00 56.91  ? 134 GLN A O     1 
ATOM   947  C CB    . GLN A 1 154 ? -5.164  -9.632  14.830  1.00 60.27  ? 134 GLN A CB    1 
ATOM   948  C CG    . GLN A 1 154 ? -6.207  -9.442  15.922  1.00 60.53  ? 134 GLN A CG    1 
ATOM   949  C CD    . GLN A 1 154 ? -5.974  -10.337 17.122  1.00 57.94  ? 134 GLN A CD    1 
ATOM   950  O OE1   . GLN A 1 154 ? -6.909  -10.911 17.681  1.00 58.30  ? 134 GLN A OE1   1 
ATOM   951  N NE2   . GLN A 1 154 ? -4.729  -10.472 17.513  1.00 58.48  ? 134 GLN A NE2   1 
ATOM   952  N N     . ALA A 1 155 ? -5.376  -10.382 11.721  1.00 52.44  ? 135 ALA A N     1 
ATOM   953  C CA    . ALA A 1 155 ? -5.919  -10.479 10.351  1.00 54.92  ? 135 ALA A CA    1 
ATOM   954  C C     . ALA A 1 155 ? -5.039  -11.344 9.360   1.00 59.05  ? 135 ALA A C     1 
ATOM   955  O O     . ALA A 1 155 ? -4.065  -12.027 9.788   1.00 59.55  ? 135 ALA A O     1 
ATOM   956  C CB    . ALA A 1 155 ? -6.149  -9.074  9.813   1.00 53.42  ? 135 ALA A CB    1 
ATOM   957  N N     . ASN A 1 156 ? -5.415  -11.344 8.063   1.00 54.24  ? 136 ASN A N     1 
ATOM   958  C CA    . ASN A 1 156 ? -4.625  -11.996 6.962   1.00 50.03  ? 136 ASN A CA    1 
ATOM   959  C C     . ASN A 1 156 ? -3.558  -11.085 6.301   1.00 43.03  ? 136 ASN A C     1 
ATOM   960  O O     . ASN A 1 156 ? -3.641  -10.695 5.132   1.00 37.00  ? 136 ASN A O     1 
ATOM   961  C CB    . ASN A 1 156 ? -5.554  -12.527 5.876   1.00 50.34  ? 136 ASN A CB    1 
ATOM   962  C CG    . ASN A 1 156 ? -4.790  -13.177 4.735   1.00 55.74  ? 136 ASN A CG    1 
ATOM   963  O OD1   . ASN A 1 156 ? -3.571  -13.467 4.850   1.00 53.55  ? 136 ASN A OD1   1 
ATOM   964  N ND2   . ASN A 1 156 ? -5.494  -13.410 3.615   1.00 53.62  ? 136 ASN A ND2   1 
ATOM   965  N N     . VAL A 1 157 ? -2.533  -10.825 7.083   1.00 39.55  ? 137 VAL A N     1 
ATOM   966  C CA    . VAL A 1 157 ? -1.602  -9.771  6.871   1.00 42.32  ? 137 VAL A CA    1 
ATOM   967  C C     . VAL A 1 157 ? -0.242  -10.400 6.981   1.00 41.60  ? 137 VAL A C     1 
ATOM   968  O O     . VAL A 1 157 ? -0.063  -11.360 7.724   1.00 44.43  ? 137 VAL A O     1 
ATOM   969  C CB    . VAL A 1 157 ? -1.708  -8.719  8.009   1.00 42.99  ? 137 VAL A CB    1 
ATOM   970  C CG1   . VAL A 1 157 ? -0.851  -7.508  7.719   1.00 41.42  ? 137 VAL A CG1   1 
ATOM   971  C CG2   . VAL A 1 157 ? -3.152  -8.308  8.223   1.00 44.20  ? 137 VAL A CG2   1 
ATOM   972  N N     . GLU A 1 158 ? 0.708   -9.851  6.249   1.00 39.64  ? 138 GLU A N     1 
ATOM   973  C CA    . GLU A 1 158 ? 2.096   -10.186 6.455   1.00 42.03  ? 138 GLU A CA    1 
ATOM   974  C C     . GLU A 1 158 ? 2.889   -8.873  6.529   1.00 39.80  ? 138 GLU A C     1 
ATOM   975  O O     . GLU A 1 158 ? 2.686   -7.974  5.702   1.00 37.15  ? 138 GLU A O     1 
ATOM   976  C CB    . GLU A 1 158 ? 2.611   -11.092 5.327   1.00 45.65  ? 138 GLU A CB    1 
ATOM   977  C CG    . GLU A 1 158 ? 4.128   -11.373 5.405   1.00 48.31  ? 138 GLU A CG    1 
ATOM   978  C CD    . GLU A 1 158 ? 4.598   -12.672 4.703   1.00 47.87  ? 138 GLU A CD    1 
ATOM   979  O OE1   . GLU A 1 158 ? 3.771   -13.503 4.230   1.00 53.17  ? 138 GLU A OE1   1 
ATOM   980  O OE2   . GLU A 1 158 ? 5.825   -12.877 4.627   1.00 48.47  ? 138 GLU A OE2   1 
ATOM   981  N N     . ILE A 1 159 ? 3.756   -8.769  7.536   1.00 36.02  ? 139 ILE A N     1 
ATOM   982  C CA    . ILE A 1 159 ? 4.671   -7.663  7.693   1.00 37.84  ? 139 ILE A CA    1 
ATOM   983  C C     . ILE A 1 159 ? 5.994   -7.989  7.019   1.00 40.61  ? 139 ILE A C     1 
ATOM   984  O O     . ILE A 1 159 ? 6.549   -9.058  7.179   1.00 44.37  ? 139 ILE A O     1 
ATOM   985  C CB    . ILE A 1 159 ? 5.019   -7.402  9.167   1.00 39.94  ? 139 ILE A CB    1 
ATOM   986  C CG1   . ILE A 1 159 ? 3.741   -7.210  10.002  1.00 42.08  ? 139 ILE A CG1   1 
ATOM   987  C CG2   . ILE A 1 159 ? 6.005   -6.224  9.288   1.00 39.37  ? 139 ILE A CG2   1 
ATOM   988  C CD1   . ILE A 1 159 ? 3.021   -5.902  9.772   1.00 41.81  ? 139 ILE A CD1   1 
ATOM   989  N N     . LEU A 1 160 ? 6.516   -7.027  6.290   1.00 42.08  ? 140 LEU A N     1 
ATOM   990  C CA    . LEU A 1 160 ? 7.786   -7.178  5.621   1.00 38.28  ? 140 LEU A CA    1 
ATOM   991  C C     . LEU A 1 160 ? 8.532   -5.913  5.996   1.00 34.46  ? 140 LEU A C     1 
ATOM   992  O O     . LEU A 1 160 ? 8.085   -4.839  5.617   1.00 33.53  ? 140 LEU A O     1 
ATOM   993  C CB    . LEU A 1 160 ? 7.524   -7.254  4.109   1.00 38.01  ? 140 LEU A CB    1 
ATOM   994  C CG    . LEU A 1 160 ? 8.660   -7.280  3.088   1.00 36.99  ? 140 LEU A CG    1 
ATOM   995  C CD1   . LEU A 1 160 ? 8.062   -7.534  1.723   1.00 36.97  ? 140 LEU A CD1   1 
ATOM   996  C CD2   . LEU A 1 160 ? 9.518   -6.026  3.041   1.00 38.65  ? 140 LEU A CD2   1 
ATOM   997  N N     . ARG A 1 161 ? 9.620   -6.065  6.763   1.00 30.65  ? 141 ARG A N     1 
ATOM   998  C CA    . ARG A 1 161 ? 10.534  -4.985  7.167   1.00 30.34  ? 141 ARG A CA    1 
ATOM   999  C C     . ARG A 1 161 ? 11.622  -4.862  6.123   1.00 28.09  ? 141 ARG A C     1 
ATOM   1000 O O     . ARG A 1 161 ? 12.039  -5.857  5.565   1.00 26.48  ? 141 ARG A O     1 
ATOM   1001 C CB    . ARG A 1 161 ? 11.218  -5.345  8.508   1.00 32.98  ? 141 ARG A CB    1 
ATOM   1002 C CG    . ARG A 1 161 ? 10.260  -5.514  9.694   1.00 34.94  ? 141 ARG A CG    1 
ATOM   1003 C CD    . ARG A 1 161 ? 9.965   -4.135  10.248  1.00 37.21  ? 141 ARG A CD    1 
ATOM   1004 N NE    . ARG A 1 161 ? 9.081   -4.128  11.401  1.00 38.84  ? 141 ARG A NE    1 
ATOM   1005 C CZ    . ARG A 1 161 ? 8.878   -3.055  12.173  1.00 37.57  ? 141 ARG A CZ    1 
ATOM   1006 N NH1   . ARG A 1 161 ? 8.068   -3.144  13.257  1.00 36.36  ? 141 ARG A NH1   1 
ATOM   1007 N NH2   . ARG A 1 161 ? 9.503   -1.907  11.891  1.00 36.91  ? 141 ARG A NH2   1 
ATOM   1008 N N     . PHE A 1 162 ? 12.120  -3.649  5.885   1.00 28.70  ? 142 PHE A N     1 
ATOM   1009 C CA    . PHE A 1 162 ? 12.973  -3.383  4.756   1.00 25.61  ? 142 PHE A CA    1 
ATOM   1010 C C     . PHE A 1 162 ? 13.957  -2.261  5.106   1.00 28.25  ? 142 PHE A C     1 
ATOM   1011 O O     . PHE A 1 162 ? 13.638  -1.314  5.853   1.00 26.93  ? 142 PHE A O     1 
ATOM   1012 C CB    . PHE A 1 162 ? 12.093  -3.067  3.513   1.00 26.48  ? 142 PHE A CB    1 
ATOM   1013 C CG    . PHE A 1 162 ? 11.443  -1.710  3.551   1.00 26.69  ? 142 PHE A CG    1 
ATOM   1014 C CD1   . PHE A 1 162 ? 12.114  -0.574  3.057   1.00 27.87  ? 142 PHE A CD1   1 
ATOM   1015 C CD2   . PHE A 1 162 ? 10.162  -1.541  4.101   1.00 28.44  ? 142 PHE A CD2   1 
ATOM   1016 C CE1   . PHE A 1 162 ? 11.525  0.703   3.140   1.00 29.10  ? 142 PHE A CE1   1 
ATOM   1017 C CE2   . PHE A 1 162 ? 9.567   -0.277  4.167   1.00 28.23  ? 142 PHE A CE2   1 
ATOM   1018 C CZ    . PHE A 1 162 ? 10.251  0.847   3.688   1.00 29.31  ? 142 PHE A CZ    1 
ATOM   1019 N N     . SER A 1 163 ? 15.170  -2.372  4.567   1.00 30.61  ? 143 SER A N     1 
ATOM   1020 C CA    . SER A 1 163 ? 16.163  -1.285  4.635   1.00 33.36  ? 143 SER A CA    1 
ATOM   1021 C C     . SER A 1 163 ? 16.369  -0.594  3.282   1.00 33.19  ? 143 SER A C     1 
ATOM   1022 O O     . SER A 1 163 ? 16.982  0.432   3.200   1.00 39.24  ? 143 SER A O     1 
ATOM   1023 C CB    . SER A 1 163 ? 17.493  -1.804  5.178   1.00 32.75  ? 143 SER A CB    1 
ATOM   1024 O OG    . SER A 1 163 ? 17.329  -2.271  6.530   1.00 33.16  ? 143 SER A OG    1 
ATOM   1025 N N     . GLY A 1 164 ? 15.835  -1.146  2.221   1.00 35.15  ? 144 GLY A N     1 
ATOM   1026 C CA    . GLY A 1 164 ? 15.846  -0.475  0.931   1.00 32.87  ? 144 GLY A CA    1 
ATOM   1027 C C     . GLY A 1 164 ? 14.823  -1.170  0.041   1.00 31.62  ? 144 GLY A C     1 
ATOM   1028 O O     . GLY A 1 164 ? 14.305  -2.242  0.384   1.00 28.83  ? 144 GLY A O     1 
ATOM   1029 N N     . THR A 1 165 ? 14.596  -0.547  -1.110  1.00 33.14  ? 145 THR A N     1 
ATOM   1030 C CA    . THR A 1 165 ? 13.576  -0.895  -2.112  1.00 32.86  ? 145 THR A CA    1 
ATOM   1031 C C     . THR A 1 165 ? 13.808  -2.231  -2.803  1.00 32.03  ? 145 THR A C     1 
ATOM   1032 O O     . THR A 1 165 ? 12.847  -2.943  -3.102  1.00 31.87  ? 145 THR A O     1 
ATOM   1033 C CB    . THR A 1 165 ? 13.611  0.217   -3.199  1.00 34.85  ? 145 THR A CB    1 
ATOM   1034 O OG1   . THR A 1 165 ? 13.295  1.469   -2.596  1.00 39.03  ? 145 THR A OG1   1 
ATOM   1035 C CG2   . THR A 1 165 ? 12.653  -0.016  -4.357  1.00 34.69  ? 145 THR A CG2   1 
ATOM   1036 N N     . GLU A 1 166 ? 15.072  -2.548  -3.101  1.00 36.84  ? 146 GLU A N     1 
ATOM   1037 C CA    . GLU A 1 166 ? 15.422  -3.824  -3.756  1.00 39.36  ? 146 GLU A CA    1 
ATOM   1038 C C     . GLU A 1 166 ? 15.083  -5.010  -2.887  1.00 35.74  ? 146 GLU A C     1 
ATOM   1039 O O     . GLU A 1 166 ? 14.655  -6.048  -3.385  1.00 36.38  ? 146 GLU A O     1 
ATOM   1040 C CB    . GLU A 1 166 ? 16.916  -3.885  -4.140  1.00 49.67  ? 146 GLU A CB    1 
ATOM   1041 C CG    . GLU A 1 166 ? 17.193  -3.667  -5.647  1.00 62.23  ? 146 GLU A CG    1 
ATOM   1042 C CD    . GLU A 1 166 ? 16.342  -4.549  -6.612  1.00 66.34  ? 146 GLU A CD    1 
ATOM   1043 O OE1   . GLU A 1 166 ? 16.632  -5.772  -6.765  1.00 58.86  ? 146 GLU A OE1   1 
ATOM   1044 O OE2   . GLU A 1 166 ? 15.379  -4.000  -7.239  1.00 65.74  ? 146 GLU A OE2   1 
ATOM   1045 N N     . GLU A 1 167 ? 15.255  -4.858  -1.579  1.00 33.35  ? 147 GLU A N     1 
ATOM   1046 C CA    . GLU A 1 167 ? 14.799  -5.887  -0.665  1.00 34.54  ? 147 GLU A CA    1 
ATOM   1047 C C     . GLU A 1 167 ? 13.316  -6.100  -0.853  1.00 33.73  ? 147 GLU A C     1 
ATOM   1048 O O     . GLU A 1 167 ? 12.821  -7.246  -0.957  1.00 36.75  ? 147 GLU A O     1 
ATOM   1049 C CB    . GLU A 1 167 ? 15.124  -5.510  0.787   1.00 36.03  ? 147 GLU A CB    1 
ATOM   1050 C CG    . GLU A 1 167 ? 14.753  -6.593  1.805   1.00 37.67  ? 147 GLU A CG    1 
ATOM   1051 C CD    . GLU A 1 167 ? 15.038  -6.218  3.275   1.00 37.64  ? 147 GLU A CD    1 
ATOM   1052 O OE1   . GLU A 1 167 ? 15.722  -5.199  3.559   1.00 33.33  ? 147 GLU A OE1   1 
ATOM   1053 O OE2   . GLU A 1 167 ? 14.546  -6.964  4.150   1.00 37.18  ? 147 GLU A OE2   1 
ATOM   1054 N N     . ILE A 1 168 ? 12.574  -5.011  -0.919  1.00 31.61  ? 148 ILE A N     1 
ATOM   1055 C CA    . ILE A 1 168 ? 11.104  -5.169  -1.070  1.00 31.16  ? 148 ILE A CA    1 
ATOM   1056 C C     . ILE A 1 168 ? 10.803  -5.871  -2.382  1.00 33.58  ? 148 ILE A C     1 
ATOM   1057 O O     . ILE A 1 168 ? 9.913   -6.706  -2.472  1.00 35.13  ? 148 ILE A O     1 
ATOM   1058 C CB    . ILE A 1 168 ? 10.360  -3.800  -1.090  1.00 27.55  ? 148 ILE A CB    1 
ATOM   1059 C CG1   . ILE A 1 168 ? 10.594  -3.034  0.213   1.00 24.70  ? 148 ILE A CG1   1 
ATOM   1060 C CG2   . ILE A 1 168 ? 8.866   -3.970  -1.357  1.00 28.15  ? 148 ILE A CG2   1 
ATOM   1061 C CD1   . ILE A 1 168 ? 10.304  -1.576  0.053   1.00 25.25  ? 148 ILE A CD1   1 
ATOM   1062 N N     . VAL A 1 169 ? 11.505  -5.472  -3.429  1.00 36.14  ? 149 VAL A N     1 
ATOM   1063 C CA    . VAL A 1 169 ? 11.181  -5.971  -4.756  1.00 39.65  ? 149 VAL A CA    1 
ATOM   1064 C C     . VAL A 1 169 ? 11.455  -7.484  -4.800  1.00 40.82  ? 149 VAL A C     1 
ATOM   1065 O O     . VAL A 1 169 ? 10.742  -8.240  -5.472  1.00 37.01  ? 149 VAL A O     1 
ATOM   1066 C CB    . VAL A 1 169 ? 11.968  -5.184  -5.833  1.00 42.38  ? 149 VAL A CB    1 
ATOM   1067 C CG1   . VAL A 1 169 ? 11.820  -5.810  -7.218  1.00 43.23  ? 149 VAL A CG1   1 
ATOM   1068 C CG2   . VAL A 1 169 ? 11.474  -3.745  -5.865  1.00 41.95  ? 149 VAL A CG2   1 
ATOM   1069 N N     . GLU A 1 170 ? 12.475  -7.913  -4.054  1.00 42.86  ? 150 GLU A N     1 
ATOM   1070 C CA    . GLU A 1 170 ? 12.866  -9.311  -4.039  1.00 45.50  ? 150 GLU A CA    1 
ATOM   1071 C C     . GLU A 1 170 ? 11.858  -10.119 -3.237  1.00 41.91  ? 150 GLU A C     1 
ATOM   1072 O O     . GLU A 1 170 ? 11.434  -11.172 -3.680  1.00 39.90  ? 150 GLU A O     1 
ATOM   1073 C CB    . GLU A 1 170 ? 14.291  -9.488  -3.497  1.00 50.51  ? 150 GLU A CB    1 
ATOM   1074 C CG    . GLU A 1 170 ? 15.346  -9.259  -4.564  1.00 59.27  ? 150 GLU A CG    1 
ATOM   1075 C CD    . GLU A 1 170 ? 16.698  -8.819  -4.009  1.00 71.81  ? 150 GLU A CD    1 
ATOM   1076 O OE1   . GLU A 1 170 ? 17.256  -9.560  -3.152  1.00 75.70  ? 150 GLU A OE1   1 
ATOM   1077 O OE2   . GLU A 1 170 ? 17.202  -7.736  -4.440  1.00 69.26  ? 150 GLU A OE2   1 
ATOM   1078 N N     . ARG A 1 171 ? 11.433  -9.607  -2.087  1.00 39.69  ? 151 ARG A N     1 
ATOM   1079 C CA    . ARG A 1 171 ? 10.559  -10.398 -1.170  1.00 37.97  ? 151 ARG A CA    1 
ATOM   1080 C C     . ARG A 1 171 ? 9.068   -10.311 -1.439  1.00 33.50  ? 151 ARG A C     1 
ATOM   1081 O O     . ARG A 1 171 ? 8.317   -11.137 -0.946  1.00 37.00  ? 151 ARG A O     1 
ATOM   1082 C CB    . ARG A 1 171 ? 10.826  -9.979  0.284   1.00 36.24  ? 151 ARG A CB    1 
ATOM   1083 C CG    . ARG A 1 171 ? 12.252  -10.251 0.717   1.00 32.42  ? 151 ARG A CG    1 
ATOM   1084 C CD    . ARG A 1 171 ? 12.571  -9.668  2.063   1.00 30.17  ? 151 ARG A CD    1 
ATOM   1085 N NE    . ARG A 1 171 ? 11.636  -10.135 3.080   1.00 28.64  ? 151 ARG A NE    1 
ATOM   1086 C CZ    . ARG A 1 171 ? 11.436  -9.502  4.233   1.00 27.99  ? 151 ARG A CZ    1 
ATOM   1087 N NH1   . ARG A 1 171 ? 12.099  -8.356  4.498   1.00 25.70  ? 151 ARG A NH1   1 
ATOM   1088 N NH2   . ARG A 1 171 ? 10.531  -9.980  5.107   1.00 28.56  ? 151 ARG A NH2   1 
ATOM   1089 N N     . LEU A 1 172 ? 8.627   -9.327  -2.214  1.00 33.74  ? 152 LEU A N     1 
ATOM   1090 C CA    . LEU A 1 172 ? 7.164   -9.055  -2.353  1.00 35.48  ? 152 LEU A CA    1 
ATOM   1091 C C     . LEU A 1 172 ? 6.284   -10.173 -2.923  1.00 37.86  ? 152 LEU A C     1 
ATOM   1092 O O     . LEU A 1 172 ? 5.181   -10.511 -2.381  1.00 35.56  ? 152 LEU A O     1 
ATOM   1093 C CB    . LEU A 1 172 ? 6.899   -7.796  -3.179  1.00 35.89  ? 152 LEU A CB    1 
ATOM   1094 C CG    . LEU A 1 172 ? 6.043   -6.741  -2.445  1.00 36.56  ? 152 LEU A CG    1 
ATOM   1095 C CD1   . LEU A 1 172 ? 5.585   -5.649  -3.398  1.00 35.63  ? 152 LEU A CD1   1 
ATOM   1096 C CD2   . LEU A 1 172 ? 4.838   -7.296  -1.675  1.00 37.81  ? 152 LEU A CD2   1 
ATOM   1097 N N     . ASP A 1 173 ? 6.740   -10.739 -4.024  1.00 38.80  ? 153 ASP A N     1 
ATOM   1098 C CA    . ASP A 1 173 ? 5.958   -11.786 -4.658  1.00 43.14  ? 153 ASP A CA    1 
ATOM   1099 C C     . ASP A 1 173 ? 5.647   -12.954 -3.730  1.00 37.05  ? 153 ASP A C     1 
ATOM   1100 O O     . ASP A 1 173 ? 4.522   -13.450 -3.733  1.00 37.55  ? 153 ASP A O     1 
ATOM   1101 C CB    . ASP A 1 173 ? 6.628   -12.240 -5.962  1.00 48.34  ? 153 ASP A CB    1 
ATOM   1102 C CG    . ASP A 1 173 ? 6.663   -11.114 -7.012  1.00 55.29  ? 153 ASP A CG    1 
ATOM   1103 O OD1   . ASP A 1 173 ? 5.705   -10.274 -7.063  1.00 62.39  ? 153 ASP A OD1   1 
ATOM   1104 O OD2   . ASP A 1 173 ? 7.664   -11.029 -7.767  1.00 54.92  ? 153 ASP A OD2   1 
ATOM   1105 N N     . GLY A 1 174 ? 6.620   -13.360 -2.918  1.00 35.28  ? 154 GLY A N     1 
ATOM   1106 C CA    . GLY A 1 174 ? 6.414   -14.444 -1.940  1.00 33.84  ? 154 GLY A CA    1 
ATOM   1107 C C     . GLY A 1 174 ? 5.422   -14.021 -0.886  1.00 31.35  ? 154 GLY A C     1 
ATOM   1108 O O     . GLY A 1 174 ? 4.508   -14.764 -0.533  1.00 35.58  ? 154 GLY A O     1 
ATOM   1109 N N     . ALA A 1 175 ? 5.564   -12.793 -0.408  1.00 31.88  ? 155 ALA A N     1 
ATOM   1110 C CA    . ALA A 1 175 ? 4.639   -12.317 0.626   1.00 31.14  ? 155 ALA A CA    1 
ATOM   1111 C C     . ALA A 1 175 ? 3.206   -12.273 0.075   1.00 31.96  ? 155 ALA A C     1 
ATOM   1112 O O     . ALA A 1 175 ? 2.236   -12.708 0.706   1.00 36.01  ? 155 ALA A O     1 
ATOM   1113 C CB    . ALA A 1 175 ? 5.104   -10.988 1.153   1.00 31.17  ? 155 ALA A CB    1 
ATOM   1114 N N     . VAL A 1 176 ? 3.060   -11.843 -1.158  1.00 34.73  ? 156 VAL A N     1 
ATOM   1115 C CA    . VAL A 1 176 ? 1.710   -11.736 -1.763  1.00 32.87  ? 156 VAL A CA    1 
ATOM   1116 C C     . VAL A 1 176 ? 1.061   -13.117 -1.964  1.00 34.60  ? 156 VAL A C     1 
ATOM   1117 O O     . VAL A 1 176 ? -0.175  -13.298 -1.795  1.00 28.49  ? 156 VAL A O     1 
ATOM   1118 C CB    . VAL A 1 176 ? 1.833   -11.015 -3.100  1.00 31.99  ? 156 VAL A CB    1 
ATOM   1119 C CG1   . VAL A 1 176 ? 0.601   -11.206 -3.967  1.00 35.17  ? 156 VAL A CG1   1 
ATOM   1120 C CG2   . VAL A 1 176 ? 2.124   -9.547  -2.832  1.00 35.26  ? 156 VAL A CG2   1 
ATOM   1121 N N     . ALA A 1 177 ? 1.892   -14.086 -2.343  1.00 32.71  ? 157 ALA A N     1 
ATOM   1122 C CA    . ALA A 1 177 ? 1.369   -15.400 -2.633  1.00 31.55  ? 157 ALA A CA    1 
ATOM   1123 C C     . ALA A 1 177 ? 0.930   -16.041 -1.336  1.00 31.43  ? 157 ALA A C     1 
ATOM   1124 O O     . ALA A 1 177 ? -0.070  -16.736 -1.280  1.00 33.79  ? 157 ALA A O     1 
ATOM   1125 C CB    . ALA A 1 177 ? 2.414   -16.235 -3.336  1.00 30.21  ? 157 ALA A CB    1 
ATOM   1126 N N     . ARG A 1 178 ? 1.656   -15.790 -0.263  1.00 31.58  ? 158 ARG A N     1 
ATOM   1127 C CA    . ARG A 1 178 ? 1.271   -16.415 0.996   1.00 31.76  ? 158 ARG A CA    1 
ATOM   1128 C C     . ARG A 1 178 ? -0.045  -15.858 1.548   1.00 30.94  ? 158 ARG A C     1 
ATOM   1129 O O     . ARG A 1 178 ? -0.875  -16.592 2.059   1.00 32.64  ? 158 ARG A O     1 
ATOM   1130 C CB    . ARG A 1 178 ? 2.382   -16.230 2.020   1.00 32.78  ? 158 ARG A CB    1 
ATOM   1131 C CG    . ARG A 1 178 ? 3.551   -17.230 1.885   1.00 32.26  ? 158 ARG A CG    1 
ATOM   1132 C CD    . ARG A 1 178 ? 4.494   -17.085 3.083   1.00 28.23  ? 158 ARG A CD    1 
ATOM   1133 N NE    . ARG A 1 178 ? 5.199   -15.808 3.000   1.00 27.39  ? 158 ARG A NE    1 
ATOM   1134 C CZ    . ARG A 1 178 ? 6.313   -15.598 2.290   1.00 29.02  ? 158 ARG A CZ    1 
ATOM   1135 N NH1   . ARG A 1 178 ? 6.904   -16.584 1.606   1.00 28.64  ? 158 ARG A NH1   1 
ATOM   1136 N NH2   . ARG A 1 178 ? 6.867   -14.393 2.279   1.00 29.51  ? 158 ARG A NH2   1 
ATOM   1137 N N     . VAL A 1 179 ? -0.231  -14.556 1.465   1.00 32.05  ? 159 VAL A N     1 
ATOM   1138 C CA    . VAL A 1 179 ? -1.471  -13.954 1.980   1.00 35.26  ? 159 VAL A CA    1 
ATOM   1139 C C     . VAL A 1 179 ? -2.589  -14.288 1.047   1.00 32.52  ? 159 VAL A C     1 
ATOM   1140 O O     . VAL A 1 179 ? -3.640  -14.707 1.485   1.00 29.37  ? 159 VAL A O     1 
ATOM   1141 C CB    . VAL A 1 179 ? -1.384  -12.427 2.315   1.00 35.17  ? 159 VAL A CB    1 
ATOM   1142 C CG1   . VAL A 1 179 ? -0.389  -12.207 3.462   1.00 35.77  ? 159 VAL A CG1   1 
ATOM   1143 C CG2   . VAL A 1 179 ? -1.051  -11.537 1.116   1.00 33.74  ? 159 VAL A CG2   1 
ATOM   1144 N N     . LEU A 1 180 ? -2.316  -14.235 -0.247  1.00 36.29  ? 160 LEU A N     1 
ATOM   1145 C CA    . LEU A 1 180 ? -3.359  -14.546 -1.216  1.00 38.67  ? 160 LEU A CA    1 
ATOM   1146 C C     . LEU A 1 180 ? -3.802  -15.991 -1.076  1.00 42.24  ? 160 LEU A C     1 
ATOM   1147 O O     . LEU A 1 180 ? -4.989  -16.280 -1.228  1.00 44.84  ? 160 LEU A O     1 
ATOM   1148 C CB    . LEU A 1 180 ? -2.932  -14.208 -2.638  1.00 41.31  ? 160 LEU A CB    1 
ATOM   1149 C CG    . LEU A 1 180 ? -4.028  -14.314 -3.698  1.00 47.01  ? 160 LEU A CG    1 
ATOM   1150 C CD1   . LEU A 1 180 ? -5.174  -13.309 -3.528  1.00 49.25  ? 160 LEU A CD1   1 
ATOM   1151 C CD2   . LEU A 1 180 ? -3.403  -14.182 -5.074  1.00 51.67  ? 160 LEU A CD2   1 
ATOM   1152 N N     . GLY A 1 181 ? -2.891  -16.894 -0.711  1.00 43.44  ? 161 GLY A N     1 
ATOM   1153 C CA    . GLY A 1 181 ? -3.273  -18.283 -0.482  1.00 46.13  ? 161 GLY A CA    1 
ATOM   1154 C C     . GLY A 1 181 ? -4.124  -18.512 0.760   1.00 50.51  ? 161 GLY A C     1 
ATOM   1155 O O     . GLY A 1 181 ? -4.343  -19.647 1.137   1.00 55.26  ? 161 GLY A O     1 
ATOM   1156 N N     . ARG A 1 182 ? -4.559  -17.448 1.434   1.00 56.98  ? 162 ARG A N     1 
ATOM   1157 C CA    . ARG A 1 182 ? -5.451  -17.565 2.601   1.00 60.19  ? 162 ARG A CA    1 
ATOM   1158 C C     . ARG A 1 182 ? -6.747  -16.747 2.478   1.00 65.73  ? 162 ARG A C     1 
ATOM   1159 O O     . ARG A 1 182 ? -7.474  -16.590 3.463   1.00 60.88  ? 162 ARG A O     1 
ATOM   1160 C CB    . ARG A 1 182 ? -4.713  -17.154 3.872   1.00 61.22  ? 162 ARG A CB    1 
ATOM   1161 C CG    . ARG A 1 182 ? -3.500  -18.014 4.169   1.00 60.83  ? 162 ARG A CG    1 
ATOM   1162 C CD    . ARG A 1 182 ? -3.094  -17.892 5.617   1.00 58.43  ? 162 ARG A CD    1 
ATOM   1163 N NE    . ARG A 1 182 ? -2.742  -16.523 6.007   1.00 65.30  ? 162 ARG A NE    1 
ATOM   1164 C CZ    . ARG A 1 182 ? -1.516  -15.986 5.950   1.00 69.27  ? 162 ARG A CZ    1 
ATOM   1165 N NH1   . ARG A 1 182 ? -1.315  -14.733 6.377   1.00 68.02  ? 162 ARG A NH1   1 
ATOM   1166 N NH2   . ARG A 1 182 ? -0.484  -16.680 5.467   1.00 67.66  ? 162 ARG A NH2   1 
ATOM   1167 N N     . ALA A 1 183 ? -7.045  -16.263 1.266   1.00 71.55  ? 163 ALA A N     1 
ATOM   1168 C CA    . ALA A 1 183 ? -8.236  -15.454 1.000   1.00 76.04  ? 163 ALA A CA    1 
ATOM   1169 C C     . ALA A 1 183 ? -9.520  -16.219 1.333   1.00 81.19  ? 163 ALA A C     1 
ATOM   1170 O O     . ALA A 1 183 ? -9.621  -17.429 1.076   1.00 73.95  ? 163 ALA A O     1 
ATOM   1171 C CB    . ALA A 1 183 ? -8.258  -15.001 -0.456  1.00 76.56  ? 163 ALA A CB    1 
ATOM   1172 N N     . GLY A 1 184 ? -10.493 -15.502 1.901   1.00 83.67  ? 164 GLY A N     1 
ATOM   1173 C CA    . GLY A 1 184 ? -11.706 -16.118 2.424   1.00 89.53  ? 164 GLY A CA    1 
ATOM   1174 C C     . GLY A 1 184 ? -11.534 -16.586 3.862   1.00 88.94  ? 164 GLY A C     1 
ATOM   1175 O O     . GLY A 1 184 ? -12.365 -16.255 4.710   1.00 89.92  ? 164 GLY A O     1 
ATOM   1176 N N     . GLU A 1 185 ? -10.456 -17.336 4.138   1.00 84.23  ? 165 GLU A N     1 
ATOM   1177 C CA    . GLU A 1 185 ? -10.250 -17.977 5.451   1.00 87.56  ? 165 GLU A CA    1 
ATOM   1178 C C     . GLU A 1 185 ? -10.633 -17.054 6.622   1.00 88.01  ? 165 GLU A C     1 
ATOM   1179 O O     . GLU A 1 185 ? -10.155 -15.910 6.684   1.00 74.04  ? 165 GLU A O     1 
ATOM   1180 C CB    . GLU A 1 185 ? -8.801  -18.492 5.626   1.00 87.23  ? 165 GLU A CB    1 
ATOM   1181 C CG    . GLU A 1 185 ? -8.523  -19.824 4.926   1.00 89.74  ? 165 GLU A CG    1 
ATOM   1182 C CD    . GLU A 1 185 ? -7.058  -20.300 4.980   1.00 90.60  ? 165 GLU A CD    1 
ATOM   1183 O OE1   . GLU A 1 185 ? -6.295  -19.969 5.938   1.00 75.90  ? 165 GLU A OE1   1 
ATOM   1184 O OE2   . GLU A 1 185 ? -6.677  -21.042 4.039   1.00 85.82  ? 165 GLU A OE2   1 
ATOM   1185 N N     . PRO A 1 186 ? -11.502 -17.551 7.552   1.00 94.77  ? 166 PRO A N     1 
ATOM   1186 C CA    . PRO A 1 186 ? -11.914 -16.679 8.653   1.00 88.10  ? 166 PRO A CA    1 
ATOM   1187 C C     . PRO A 1 186 ? -10.718 -16.155 9.443   1.00 83.56  ? 166 PRO A C     1 
ATOM   1188 O O     . PRO A 1 186 ? -9.684  -16.827 9.558   1.00 73.46  ? 166 PRO A O     1 
ATOM   1189 C CB    . PRO A 1 186 ? -12.826 -17.577 9.525   1.00 85.77  ? 166 PRO A CB    1 
ATOM   1190 C CG    . PRO A 1 186 ? -12.572 -18.981 9.085   1.00 85.77  ? 166 PRO A CG    1 
ATOM   1191 C CD    . PRO A 1 186 ? -12.131 -18.892 7.653   1.00 90.33  ? 166 PRO A CD    1 
ATOM   1192 N N     . THR A 1 187 ? -10.864 -14.932 9.932   1.00 84.78  ? 167 THR A N     1 
ATOM   1193 C CA    . THR A 1 187 ? -9.912  -14.332 10.851  1.00 83.37  ? 167 THR A CA    1 
ATOM   1194 C C     . THR A 1 187 ? -10.727 -13.518 11.830  1.00 81.32  ? 167 THR A C     1 
ATOM   1195 O O     . THR A 1 187 ? -11.828 -13.063 11.493  1.00 69.19  ? 167 THR A O     1 
ATOM   1196 C CB    . THR A 1 187 ? -8.926  -13.382 10.127  1.00 81.94  ? 167 THR A CB    1 
ATOM   1197 O OG1   . THR A 1 187 ? -9.637  -12.595 9.150   1.00 71.67  ? 167 THR A OG1   1 
ATOM   1198 C CG2   . THR A 1 187 ? -7.784  -14.177 9.453   1.00 80.72  ? 167 THR A CG2   1 
ATOM   1199 N N     . VAL A 1 188 ? -10.188 -13.327 13.032  1.00 84.18  ? 168 VAL A N     1 
ATOM   1200 C CA    . VAL A 1 188 ? -10.661 -12.255 13.914  1.00 83.64  ? 168 VAL A CA    1 
ATOM   1201 C C     . VAL A 1 188 ? -10.685 -10.994 13.050  1.00 86.81  ? 168 VAL A C     1 
ATOM   1202 O O     . VAL A 1 188 ? -9.763  -10.812 12.253  1.00 111.87 ? 168 VAL A O     1 
ATOM   1203 C CB    . VAL A 1 188 ? -9.681  -11.992 15.079  1.00 80.91  ? 168 VAL A CB    1 
ATOM   1204 C CG1   . VAL A 1 188 ? -10.369 -11.156 16.136  1.00 80.27  ? 168 VAL A CG1   1 
ATOM   1205 C CG2   . VAL A 1 188 ? -9.130  -13.289 15.682  1.00 85.19  ? 168 VAL A CG2   1 
ATOM   1206 N N     . ILE A 1 189 ? -11.703 -10.135 13.150  1.00 74.21  ? 169 ILE A N     1 
ATOM   1207 C CA    . ILE A 1 189 ? -11.693 -8.852  12.384  1.00 71.94  ? 169 ILE A CA    1 
ATOM   1208 C C     . ILE A 1 189 ? -12.116 -8.971  10.897  1.00 74.50  ? 169 ILE A C     1 
ATOM   1209 O O     . ILE A 1 189 ? -12.722 -8.037  10.340  1.00 71.52  ? 169 ILE A O     1 
ATOM   1210 C CB    . ILE A 1 189 ? -10.300 -8.113  12.472  1.00 68.34  ? 169 ILE A CB    1 
ATOM   1211 C CG1   . ILE A 1 189 ? -9.927  -7.840  13.943  1.00 66.63  ? 169 ILE A CG1   1 
ATOM   1212 C CG2   . ILE A 1 189 ? -10.291 -6.822  11.647  1.00 65.45  ? 169 ILE A CG2   1 
ATOM   1213 C CD1   . ILE A 1 189 ? -8.724  -6.954  14.161  1.00 63.23  ? 169 ILE A CD1   1 
ATOM   1214 N N     . GLY A 1 190 ? -11.793 -10.103 10.264  1.00 75.27  ? 170 GLY A N     1 
ATOM   1215 C CA    . GLY A 1 190 ? -11.997 -10.319 8.827   1.00 74.49  ? 170 GLY A CA    1 
ATOM   1216 C C     . GLY A 1 190 ? -13.277 -9.751  8.251   1.00 71.04  ? 170 GLY A C     1 
ATOM   1217 O O     . GLY A 1 190 ? -13.580 -9.982  7.086   1.00 71.92  ? 170 GLY A O     1 
HETATM 1218 O OP3   . 5HM B 2 .   ? -0.373  10.438  3.435   1.00 30.14  ? 201 5HM A OP3   1 
HETATM 1219 P P     . 5HM B 2 .   ? -1.811  10.857  3.098   1.00 34.98  ? 201 5HM A P     1 
HETATM 1220 O OP1   . 5HM B 2 .   ? -1.901  11.763  1.862   1.00 30.88  ? 201 5HM A OP1   1 
HETATM 1221 O OP2   . 5HM B 2 .   ? -2.687  11.252  4.265   1.00 33.66  ? 201 5HM A OP2   1 
HETATM 1222 O "O5'" . 5HM B 2 .   ? -2.517  9.499   2.640   1.00 29.37  ? 201 5HM A "O5'" 1 
HETATM 1223 C "C5'" . 5HM B 2 .   ? -2.041  8.958   1.414   1.00 33.72  ? 201 5HM A "C5'" 1 
HETATM 1224 C "C4'" . 5HM B 2 .   ? -3.000  7.874   0.978   1.00 37.08  ? 201 5HM A "C4'" 1 
HETATM 1225 O "O4'" . 5HM B 2 .   ? -4.333  8.403   0.853   1.00 36.38  ? 201 5HM A "O4'" 1 
HETATM 1226 C "C3'" . 5HM B 2 .   ? -2.546  7.301   -0.351  1.00 38.76  ? 201 5HM A "C3'" 1 
HETATM 1227 O "O3'" . 5HM B 2 .   ? -2.169  5.912   -0.256  1.00 38.65  ? 201 5HM A "O3'" 1 
HETATM 1228 C "C2'" . 5HM B 2 .   ? -3.736  7.516   -1.263  1.00 37.66  ? 201 5HM A "C2'" 1 
HETATM 1229 O "O2'" . 5HM B 2 .   ? -4.273  6.256   -1.646  1.00 38.19  ? 201 5HM A "O2'" 1 
HETATM 1230 C "C1'" . 5HM B 2 .   ? -4.753  8.373   -0.525  1.00 38.58  ? 201 5HM A "C1'" 1 
HETATM 1231 N N1    . 5HM B 2 .   ? -4.761  9.736   -1.127  1.00 38.66  ? 201 5HM A N1    1 
HETATM 1232 C C2    . 5HM B 2 .   ? -5.312  9.914   -2.331  1.00 33.84  ? 201 5HM A C2    1 
HETATM 1233 O O2    . 5HM B 2 .   ? -5.848  8.848   -2.971  1.00 34.01  ? 201 5HM A O2    1 
HETATM 1234 C C6    . 5HM B 2 .   ? -4.216  10.775  -0.444  1.00 36.34  ? 201 5HM A C6    1 
HETATM 1235 C C5    . 5HM B 2 .   ? -4.186  12.043  -0.970  1.00 34.05  ? 201 5HM A C5    1 
HETATM 1236 C CM5   . 5HM B 2 .   ? -3.579  13.140  -0.141  1.00 37.69  ? 201 5HM A CM5   1 
HETATM 1237 O OM5   . 5HM B 2 .   ? -4.167  13.059  1.170   1.00 40.65  ? 201 5HM A OM5   1 
HETATM 1238 C C4    . 5HM B 2 .   ? -4.800  12.219  -2.322  1.00 34.83  ? 201 5HM A C4    1 
HETATM 1239 N N3    . 5HM B 2 .   ? -5.324  11.122  -2.932  1.00 32.89  ? 201 5HM A N3    1 
HETATM 1240 N N4    . 5HM B 2 .   ? -4.879  13.418  -2.960  1.00 35.78  ? 201 5HM A N4    1 
HETATM 1241 O O     . HOH C 3 .   ? -6.874  -4.527  -1.632  1.00 30.08  ? 301 HOH A O     1 
HETATM 1242 O O     . HOH C 3 .   ? 14.650  13.109  -5.598  1.00 21.33  ? 302 HOH A O     1 
HETATM 1243 O O     . HOH C 3 .   ? -5.220  11.540  2.973   1.00 33.17  ? 303 HOH A O     1 
HETATM 1244 O O     . HOH C 3 .   ? 7.052   -1.431  15.406  1.00 23.06  ? 304 HOH A O     1 
HETATM 1245 O O     . HOH C 3 .   ? -7.868  8.421   -4.810  1.00 41.78  ? 305 HOH A O     1 
HETATM 1246 O O     . HOH C 3 .   ? -2.446  5.057   -3.404  1.00 29.35  ? 306 HOH A O     1 
HETATM 1247 O O     . HOH C 3 .   ? 6.300   2.282   5.908   1.00 26.72  ? 307 HOH A O     1 
HETATM 1248 O O     . HOH C 3 .   ? 7.713   3.924   4.324   1.00 25.12  ? 308 HOH A O     1 
HETATM 1249 O O     . HOH C 3 .   ? 9.776   17.507  -5.304  1.00 40.52  ? 309 HOH A O     1 
HETATM 1250 O O     . HOH C 3 .   ? -8.821  -8.420  8.496   1.00 37.59  ? 310 HOH A O     1 
HETATM 1251 O O     . HOH C 3 .   ? 4.052   -11.229 9.210   1.00 26.87  ? 311 HOH A O     1 
HETATM 1252 O O     . HOH C 3 .   ? -4.282  5.006   0.938   1.00 41.20  ? 312 HOH A O     1 
HETATM 1253 O O     . HOH C 3 .   ? 17.184  -3.257  -0.608  1.00 40.72  ? 313 HOH A O     1 
HETATM 1254 O O     . HOH C 3 .   ? -3.600  -7.525  -15.008 1.00 32.42  ? 314 HOH A O     1 
HETATM 1255 O O     . HOH C 3 .   ? 15.733  -9.049  4.831   1.00 32.83  ? 315 HOH A O     1 
HETATM 1256 O O     . HOH C 3 .   ? 13.897  1.557   5.477   1.00 32.85  ? 316 HOH A O     1 
HETATM 1257 O O     . HOH C 3 .   ? 1.180   11.938  4.388   1.00 31.36  ? 317 HOH A O     1 
HETATM 1258 O O     . HOH C 3 .   ? 1.934   3.259   12.183  1.00 22.53  ? 318 HOH A O     1 
HETATM 1259 O O     . HOH C 3 .   ? 9.283   -8.831  -12.229 1.00 45.61  ? 319 HOH A O     1 
HETATM 1260 O O     . HOH C 3 .   ? 5.668   17.202  4.518   1.00 36.10  ? 320 HOH A O     1 
HETATM 1261 O O     . HOH C 3 .   ? -7.630  17.268  -13.128 1.00 44.26  ? 321 HOH A O     1 
HETATM 1262 O O     . HOH C 3 .   ? 9.158   -10.458 -5.219  1.00 38.70  ? 322 HOH A O     1 
HETATM 1263 O O     . HOH C 3 .   ? -6.809  10.371  -10.203 1.00 48.02  ? 323 HOH A O     1 
HETATM 1264 O O     . HOH C 3 .   ? 16.288  1.687   -1.490  1.00 33.31  ? 324 HOH A O     1 
HETATM 1265 O O     . HOH C 3 .   ? 11.165  8.254   -9.715  1.00 38.19  ? 325 HOH A O     1 
HETATM 1266 O O     . HOH C 3 .   ? -7.234  19.444  -15.285 0.50 33.41  ? 326 HOH A O     1 
HETATM 1267 O O     . HOH C 3 .   ? 9.361   -12.960 -3.535  1.00 29.45  ? 327 HOH A O     1 
HETATM 1268 O O     . HOH C 3 .   ? -14.843 -1.485  -6.256  1.00 37.94  ? 328 HOH A O     1 
HETATM 1269 O O     . HOH C 3 .   ? 10.589  -8.769  7.609   1.00 34.56  ? 329 HOH A O     1 
HETATM 1270 O O     . HOH C 3 .   ? 3.035   -1.349  17.166  1.00 49.05  ? 330 HOH A O     1 
HETATM 1271 O O     . HOH C 3 .   ? -5.147  3.388   -10.144 1.00 38.20  ? 331 HOH A O     1 
HETATM 1272 O O     . HOH C 3 .   ? 11.537  4.697   3.311   1.00 37.17  ? 332 HOH A O     1 
HETATM 1273 O O     . HOH C 3 .   ? 13.211  -8.719  8.679   1.00 29.63  ? 333 HOH A O     1 
HETATM 1274 O O     . HOH C 3 .   ? 8.844   -13.029 0.663   1.00 27.58  ? 334 HOH A O     1 
HETATM 1275 O O     . HOH C 3 .   ? 5.744   4.687   -12.288 1.00 29.62  ? 335 HOH A O     1 
HETATM 1276 O O     . HOH C 3 .   ? 17.702  -0.576  -2.539  1.00 32.54  ? 336 HOH A O     1 
HETATM 1277 O O     . HOH C 3 .   ? -1.538  -20.058 -9.033  1.00 42.20  ? 337 HOH A O     1 
# 
